data_6Z2K
#
_entry.id   6Z2K
#
_cell.length_a   1.00
_cell.length_b   1.00
_cell.length_c   1.00
_cell.angle_alpha   90.00
_cell.angle_beta   90.00
_cell.angle_gamma   90.00
#
_symmetry.space_group_name_H-M   'P 1'
#
loop_
_entity.id
_entity.type
_entity.pdbx_description
1 polymer 'Histone deacetylase 1'
2 polymer 'Deoxynucleotidyltransferase terminal-interacting protein 1'
3 polymer 'Mitotic deacetylase-associated SANT domain protein'
4 non-polymer 'ZINC ION'
5 non-polymer 'POTASSIUM ION'
6 non-polymer 'INOSITOL HEXAKISPHOSPHATE'
#
loop_
_entity_poly.entity_id
_entity_poly.type
_entity_poly.pdbx_seq_one_letter_code
_entity_poly.pdbx_strand_id
1 'polypeptide(L)'
;MAQTQGTRRKVCYYYDGDVGNYYYGQGHPMKPHRIRMTHNLLLNYGLYRKMEIYRPHKANAEEMTKYHSDDYIKFLRSIR
PDNMSEYSKQMQRFNVGEDCPVFDGLFEFCQLSTGGSVASAVKLNKQQTDIAVNWAGGLHHAKKSEASGFCYVNDIVLAI
LELLKYHQRVLYIDIDIHHGDGVEEAFYTTDRVMTVSFHKYGEYFPGTGDLRDIGAGKGKYYAVNYPLRDGIDDESYEAI
FKPVMSKVMEMFQPSAVVLQCGSDSLSGDRLGCFNLTIKGHAKCVEFVKSFNLPMLMLGGGGYTIRNVARCWTYETAVAL
DTEIPNELPYNDYFEYFGPDFKLHISPSNMTNQNTNEYLEKIKQRLFENLRMLPHAPGVQMQAIPEDAIPEESGDEDEDD
PDKRISICSSDKRIACEEEFSDSEEEGEGGRKNSSNFKKAKRVKTEDEKEKDPEEKKEVTEEEKTKEEKPEAKGVKEEVK
LA
;
C,E,K,I
2 'polypeptide(L)'
;MGATGDAEQPRGPSGAERGGLELGDAGAAGQLVLTNPWNIMIKHRQVQRRGRRSQMTTSFTDPAISMDLLRAVLQPSINE
EIQTVFNKYMKFFQKAALNVRDNVGEEVDAEQLIQEACRSCLEQAKLLFS
;
A,B,G,H
3 'polypeptide(L)'
;GAVSIEPRINVGSRFQAEIPLMRDRALAAADPHKADLVWQPWEDLESSREKQRQVEDLLTAACSSIFPGAGTNQELALHC
LHESRGDILETLNKLLLKKPLRPHNHPLATYHYTGSDQWKMAERKLFNKGIAIYKKDFFLVQKLIQTKTVAQCVEFYYTY
KKQVKIGRNGTLT
;
F,D,L,J
#
loop_
_chem_comp.id
_chem_comp.type
_chem_comp.name
_chem_comp.formula
IHP non-polymer 'INOSITOL HEXAKISPHOSPHATE' 'C6 H18 O24 P6'
K non-polymer 'POTASSIUM ION' 'K 1'
ZN non-polymer 'ZINC ION' 'Zn 2'
#
# COMPACT_ATOMS: atom_id res chain seq x y z
N ARG A 8 5.75 38.74 -33.79
CA ARG A 8 4.32 38.51 -34.03
C ARG A 8 3.51 39.77 -33.70
N ARG A 9 2.26 39.78 -34.15
CA ARG A 9 1.47 41.00 -34.11
C ARG A 9 0.82 41.17 -32.74
N LYS A 10 0.75 42.42 -32.29
CA LYS A 10 0.07 42.75 -31.04
C LYS A 10 -1.42 42.90 -31.32
N VAL A 11 -2.23 42.39 -30.40
CA VAL A 11 -3.67 42.34 -30.54
C VAL A 11 -4.31 43.04 -29.35
N CYS A 12 -5.28 43.90 -29.61
CA CYS A 12 -6.07 44.55 -28.58
C CYS A 12 -7.53 44.13 -28.72
N TYR A 13 -8.09 43.61 -27.64
CA TYR A 13 -9.44 43.06 -27.62
C TYR A 13 -10.31 43.94 -26.73
N TYR A 14 -11.55 44.14 -27.17
CA TYR A 14 -12.49 45.03 -26.50
C TYR A 14 -13.75 44.23 -26.16
N TYR A 15 -14.27 44.43 -24.96
CA TYR A 15 -15.46 43.69 -24.56
C TYR A 15 -16.09 44.32 -23.33
N ASP A 16 -17.42 44.35 -23.35
CA ASP A 16 -18.24 44.74 -22.20
C ASP A 16 -19.32 43.67 -22.04
N GLY A 17 -19.64 43.33 -20.80
CA GLY A 17 -20.42 42.13 -20.55
C GLY A 17 -21.92 42.31 -20.72
N ASP A 18 -22.40 43.54 -20.57
CA ASP A 18 -23.84 43.78 -20.74
C ASP A 18 -24.29 43.54 -22.18
N VAL A 19 -23.35 43.48 -23.12
CA VAL A 19 -23.68 43.29 -24.53
C VAL A 19 -24.44 41.98 -24.73
N GLY A 20 -23.98 40.90 -24.09
CA GLY A 20 -24.65 39.63 -24.25
C GLY A 20 -26.02 39.55 -23.61
N ASN A 21 -26.38 40.54 -22.80
CA ASN A 21 -27.64 40.53 -22.06
C ASN A 21 -28.73 41.35 -22.74
N TYR A 22 -28.38 42.34 -23.54
CA TYR A 22 -29.39 43.07 -24.31
C TYR A 22 -30.09 42.10 -25.26
N TYR A 23 -31.39 42.30 -25.43
CA TYR A 23 -32.25 41.34 -26.12
C TYR A 23 -33.11 42.06 -27.13
N TYR A 24 -33.09 41.58 -28.38
CA TYR A 24 -33.82 42.22 -29.46
C TYR A 24 -35.33 42.01 -29.32
N GLY A 25 -35.76 40.78 -29.05
CA GLY A 25 -37.16 40.45 -28.96
C GLY A 25 -37.40 39.01 -29.39
N GLN A 26 -38.67 38.59 -29.32
CA GLN A 26 -39.06 37.23 -29.68
C GLN A 26 -38.66 36.92 -31.11
N GLY A 27 -38.19 35.69 -31.32
CA GLY A 27 -37.94 35.15 -32.64
C GLY A 27 -36.98 35.94 -33.50
N HIS A 28 -36.30 36.93 -32.94
CA HIS A 28 -35.49 37.82 -33.76
C HIS A 28 -34.12 37.19 -34.01
N PRO A 29 -33.66 37.08 -35.26
CA PRO A 29 -32.46 36.27 -35.51
C PRO A 29 -31.21 36.89 -34.88
N MET A 30 -31.19 38.22 -34.75
CA MET A 30 -30.09 38.87 -34.07
C MET A 30 -30.18 38.61 -32.57
N LYS A 31 -29.12 38.02 -32.01
CA LYS A 31 -29.04 37.68 -30.60
C LYS A 31 -27.65 38.10 -30.10
N PRO A 32 -27.52 39.22 -29.40
CA PRO A 32 -26.19 39.67 -28.97
C PRO A 32 -25.49 38.73 -27.99
N HIS A 33 -26.20 37.74 -27.44
CA HIS A 33 -25.58 36.79 -26.52
C HIS A 33 -24.43 36.03 -27.15
N ARG A 34 -24.41 35.90 -28.47
CA ARG A 34 -23.33 35.21 -29.17
C ARG A 34 -21.98 35.78 -28.84
N ILE A 35 -21.88 37.10 -28.65
CA ILE A 35 -20.59 37.73 -28.39
C ILE A 35 -20.06 37.29 -27.04
N ARG A 36 -20.95 37.09 -26.08
CA ARG A 36 -20.56 36.60 -24.76
C ARG A 36 -19.98 35.21 -24.84
N MET A 37 -20.58 34.35 -25.67
CA MET A 37 -20.06 33.01 -25.87
C MET A 37 -18.63 33.03 -26.38
N THR A 38 -18.40 33.83 -27.42
CA THR A 38 -17.05 34.01 -27.94
C THR A 38 -16.10 34.42 -26.83
N HIS A 39 -16.49 35.42 -26.05
CA HIS A 39 -15.68 35.90 -24.95
C HIS A 39 -15.34 34.80 -23.95
N ASN A 40 -16.24 33.84 -23.80
CA ASN A 40 -15.99 32.74 -22.87
C ASN A 40 -15.08 31.67 -23.49
N LEU A 41 -15.07 31.57 -24.81
CA LEU A 41 -14.29 30.52 -25.47
C LEU A 41 -12.86 30.97 -25.70
N LEU A 42 -12.66 32.22 -26.11
CA LEU A 42 -11.33 32.81 -26.16
C LEU A 42 -10.60 32.58 -24.85
N LEU A 43 -11.34 32.74 -23.76
CA LEU A 43 -10.83 32.55 -22.42
C LEU A 43 -10.38 31.12 -22.19
N ASN A 44 -11.32 30.16 -22.25
CA ASN A 44 -11.03 28.77 -21.94
C ASN A 44 -10.06 28.14 -22.92
N TYR A 45 -9.96 28.70 -24.13
CA TYR A 45 -8.86 28.38 -25.02
C TYR A 45 -7.51 28.84 -24.49
N GLY A 46 -7.50 29.81 -23.57
CA GLY A 46 -6.28 30.40 -23.07
C GLY A 46 -5.76 31.57 -23.87
N LEU A 47 -6.58 32.12 -24.76
CA LEU A 47 -6.12 33.18 -25.66
C LEU A 47 -6.24 34.55 -25.02
N TYR A 48 -7.35 34.79 -24.31
CA TYR A 48 -7.58 35.99 -23.51
C TYR A 48 -6.32 36.42 -22.78
N ARG A 49 -5.67 35.43 -22.17
CA ARG A 49 -4.36 35.57 -21.56
C ARG A 49 -3.33 36.28 -22.43
N LYS A 50 -3.39 36.09 -23.74
CA LYS A 50 -2.29 36.46 -24.62
C LYS A 50 -2.36 37.87 -25.18
N MET A 51 -3.52 38.53 -25.09
CA MET A 51 -3.75 39.79 -25.80
C MET A 51 -4.14 40.90 -24.83
N GLU A 52 -4.12 42.13 -25.36
CA GLU A 52 -4.47 43.31 -24.59
C GLU A 52 -5.99 43.41 -24.54
N ILE A 53 -6.57 43.21 -23.36
CA ILE A 53 -8.01 43.26 -23.19
C ILE A 53 -8.38 44.66 -22.76
N TYR A 54 -9.56 45.10 -23.15
CA TYR A 54 -10.10 46.39 -22.75
C TYR A 54 -11.60 46.30 -22.55
N ARG A 55 -12.12 47.06 -21.59
CA ARG A 55 -13.52 47.46 -21.66
C ARG A 55 -13.60 48.71 -22.49
N PRO A 56 -14.62 48.89 -23.33
CA PRO A 56 -14.86 50.21 -23.93
C PRO A 56 -15.86 50.99 -23.09
N HIS A 57 -15.57 52.28 -22.88
CA HIS A 57 -16.53 53.18 -22.27
C HIS A 57 -17.66 53.48 -23.24
N LYS A 58 -18.75 54.03 -22.71
CA LYS A 58 -19.90 54.37 -23.55
C LYS A 58 -19.54 55.47 -24.53
N ALA A 59 -19.93 55.28 -25.78
CA ALA A 59 -19.84 56.34 -26.76
C ALA A 59 -21.07 57.23 -26.65
N ASN A 60 -20.84 58.54 -26.54
CA ASN A 60 -21.93 59.48 -26.36
C ASN A 60 -22.42 60.01 -27.70
N ALA A 61 -23.54 60.74 -27.65
CA ALA A 61 -24.11 61.33 -28.85
C ALA A 61 -23.19 62.36 -29.49
N GLU A 62 -22.21 62.87 -28.73
CA GLU A 62 -21.20 63.77 -29.27
C GLU A 62 -20.57 63.21 -30.52
N GLU A 63 -20.04 61.99 -30.41
CA GLU A 63 -19.25 61.37 -31.46
C GLU A 63 -20.08 60.49 -32.37
N MET A 64 -21.25 60.03 -31.92
CA MET A 64 -22.15 59.36 -32.84
C MET A 64 -22.68 60.31 -33.90
N THR A 65 -22.88 61.58 -33.54
CA THR A 65 -23.39 62.58 -34.47
C THR A 65 -22.33 63.07 -35.45
N LYS A 66 -21.07 62.67 -35.28
CA LYS A 66 -20.04 63.04 -36.24
C LYS A 66 -20.27 62.43 -37.61
N TYR A 67 -21.17 61.45 -37.72
CA TYR A 67 -21.69 60.96 -39.00
C TYR A 67 -23.19 61.10 -39.11
N HIS A 68 -23.93 60.75 -38.07
CA HIS A 68 -25.38 60.67 -38.14
C HIS A 68 -26.02 62.05 -37.95
N SER A 69 -27.33 62.09 -38.15
CA SER A 69 -28.08 63.32 -37.92
C SER A 69 -28.18 63.60 -36.43
N ASP A 70 -28.19 64.89 -36.08
CA ASP A 70 -28.30 65.29 -34.68
C ASP A 70 -29.62 64.86 -34.07
N ASP A 71 -30.68 64.77 -34.86
CA ASP A 71 -32.00 64.41 -34.36
C ASP A 71 -32.28 62.92 -34.49
N TYR A 72 -31.64 62.24 -35.43
CA TYR A 72 -31.65 60.78 -35.46
C TYR A 72 -31.11 60.23 -34.15
N ILE A 73 -29.94 60.71 -33.73
CA ILE A 73 -29.36 60.27 -32.46
C ILE A 73 -30.24 60.75 -31.30
N LYS A 74 -30.79 61.97 -31.42
CA LYS A 74 -31.68 62.48 -30.40
C LYS A 74 -32.92 61.60 -30.29
N PHE A 75 -33.42 61.12 -31.42
CA PHE A 75 -34.54 60.19 -31.40
C PHE A 75 -34.15 58.89 -30.71
N LEU A 76 -32.97 58.37 -31.04
CA LEU A 76 -32.52 57.12 -30.43
C LEU A 76 -32.31 57.27 -28.93
N ARG A 77 -31.76 58.41 -28.51
CA ARG A 77 -31.53 58.65 -27.09
C ARG A 77 -32.85 58.77 -26.33
N SER A 78 -33.91 59.19 -27.02
CA SER A 78 -35.17 59.50 -26.36
C SER A 78 -36.11 58.31 -26.36
N ILE A 79 -36.08 57.52 -27.43
CA ILE A 79 -37.06 56.45 -27.62
C ILE A 79 -36.92 55.40 -26.53
N ARG A 80 -38.05 54.83 -26.14
CA ARG A 80 -38.13 53.66 -25.29
C ARG A 80 -39.40 52.89 -25.64
N PRO A 81 -39.58 51.65 -25.17
CA PRO A 81 -40.88 50.98 -25.36
C PRO A 81 -42.01 51.64 -24.59
N ASP A 82 -41.68 52.43 -23.56
CA ASP A 82 -42.68 53.15 -22.78
C ASP A 82 -43.37 54.20 -23.65
N ASN A 83 -42.58 55.03 -24.31
CA ASN A 83 -43.09 56.08 -25.20
C ASN A 83 -43.19 55.61 -26.65
N MET A 84 -43.42 54.31 -26.85
CA MET A 84 -43.40 53.75 -28.20
C MET A 84 -44.54 54.28 -29.04
N SER A 85 -45.77 54.23 -28.53
CA SER A 85 -46.93 54.72 -29.26
C SER A 85 -46.90 56.24 -29.43
N GLU A 86 -46.21 56.95 -28.54
CA GLU A 86 -46.13 58.40 -28.66
C GLU A 86 -45.26 58.81 -29.84
N TYR A 87 -44.21 58.05 -30.12
CA TYR A 87 -43.20 58.41 -31.11
C TYR A 87 -43.45 57.79 -32.48
N SER A 88 -44.60 57.13 -32.67
CA SER A 88 -44.84 56.30 -33.85
C SER A 88 -44.70 57.06 -35.16
N LYS A 89 -44.95 58.37 -35.14
CA LYS A 89 -44.77 59.20 -36.33
C LYS A 89 -43.31 59.16 -36.78
N GLN A 90 -42.38 59.37 -35.85
CA GLN A 90 -40.96 59.36 -36.18
C GLN A 90 -40.46 57.97 -36.47
N MET A 91 -41.03 56.95 -35.80
CA MET A 91 -40.57 55.57 -35.97
C MET A 91 -40.62 55.15 -37.43
N GLN A 92 -41.66 55.57 -38.15
CA GLN A 92 -41.74 55.27 -39.58
C GLN A 92 -40.66 56.01 -40.34
N ARG A 93 -40.39 57.26 -39.96
CA ARG A 93 -39.34 58.03 -40.63
C ARG A 93 -37.96 57.41 -40.43
N PHE A 94 -37.76 56.65 -39.35
CA PHE A 94 -36.46 56.11 -38.99
C PHE A 94 -36.38 54.59 -39.08
N ASN A 95 -37.33 53.94 -39.74
CA ASN A 95 -37.24 52.53 -40.11
C ASN A 95 -37.36 51.59 -38.92
N VAL A 96 -37.67 52.09 -37.73
CA VAL A 96 -37.71 51.28 -36.53
C VAL A 96 -39.03 50.51 -36.55
N GLY A 97 -38.94 49.19 -36.63
CA GLY A 97 -40.14 48.39 -36.76
C GLY A 97 -39.94 46.90 -36.97
N GLU A 98 -40.59 46.38 -38.00
CA GLU A 98 -40.80 44.96 -38.26
C GLU A 98 -39.56 44.07 -37.99
N ASP A 99 -38.41 44.44 -38.55
CA ASP A 99 -37.17 43.69 -38.37
C ASP A 99 -36.11 44.49 -37.60
N CYS A 100 -36.36 45.77 -37.32
CA CYS A 100 -35.53 46.58 -36.43
C CYS A 100 -36.38 46.96 -35.23
N PRO A 101 -36.59 46.05 -34.28
CA PRO A 101 -37.53 46.34 -33.19
C PRO A 101 -36.99 47.41 -32.24
N VAL A 102 -37.88 47.86 -31.38
CA VAL A 102 -37.50 48.56 -30.16
C VAL A 102 -37.35 47.55 -29.04
N PHE A 103 -36.33 47.74 -28.20
CA PHE A 103 -36.15 46.87 -27.04
C PHE A 103 -35.42 47.65 -25.97
N ASP A 104 -35.59 47.23 -24.73
CA ASP A 104 -35.04 47.95 -23.59
C ASP A 104 -33.51 47.87 -23.62
N GLY A 105 -32.86 49.00 -23.40
CA GLY A 105 -31.42 49.08 -23.45
C GLY A 105 -30.85 49.21 -24.84
N LEU A 106 -31.68 49.57 -25.82
CA LEU A 106 -31.25 49.68 -27.21
C LEU A 106 -30.11 50.66 -27.38
N PHE A 107 -30.27 51.88 -26.86
CA PHE A 107 -29.23 52.88 -27.03
C PHE A 107 -27.93 52.47 -26.35
N GLU A 108 -28.02 51.93 -25.13
CA GLU A 108 -26.82 51.51 -24.42
C GLU A 108 -26.08 50.43 -25.19
N PHE A 109 -26.82 49.54 -25.86
CA PHE A 109 -26.19 48.55 -26.71
C PHE A 109 -25.39 49.22 -27.82
N CYS A 110 -25.92 50.30 -28.38
CA CYS A 110 -25.21 51.02 -29.44
C CYS A 110 -23.94 51.66 -28.91
N GLN A 111 -24.02 52.30 -27.75
CA GLN A 111 -22.87 52.99 -27.18
C GLN A 111 -21.71 52.02 -26.97
N LEU A 112 -22.02 50.76 -26.65
CA LEU A 112 -20.98 49.77 -26.46
C LEU A 112 -20.38 49.32 -27.79
N SER A 113 -21.24 48.97 -28.75
CA SER A 113 -20.76 48.52 -30.05
C SER A 113 -19.95 49.60 -30.74
N THR A 114 -20.40 50.85 -30.62
CA THR A 114 -19.68 51.98 -31.20
C THR A 114 -18.42 52.29 -30.41
N GLY A 115 -18.53 52.33 -29.08
CA GLY A 115 -17.38 52.64 -28.26
C GLY A 115 -16.25 51.64 -28.44
N GLY A 116 -16.60 50.38 -28.68
CA GLY A 116 -15.57 49.37 -28.88
C GLY A 116 -14.81 49.59 -30.17
N SER A 117 -15.51 50.04 -31.21
CA SER A 117 -14.85 50.28 -32.49
C SER A 117 -14.03 51.55 -32.45
N VAL A 118 -14.61 52.65 -31.95
CA VAL A 118 -13.94 53.94 -32.01
C VAL A 118 -12.71 53.94 -31.11
N ALA A 119 -12.81 53.29 -29.95
CA ALA A 119 -11.63 53.08 -29.11
C ALA A 119 -10.54 52.37 -29.89
N SER A 120 -10.91 51.30 -30.59
CA SER A 120 -9.94 50.57 -31.40
C SER A 120 -9.39 51.42 -32.53
N ALA A 121 -10.23 52.33 -33.06
CA ALA A 121 -9.77 53.21 -34.13
C ALA A 121 -8.65 54.10 -33.66
N VAL A 122 -8.74 54.56 -32.41
CA VAL A 122 -7.72 55.46 -31.87
C VAL A 122 -6.44 54.69 -31.56
N LYS A 123 -6.61 53.50 -30.99
CA LYS A 123 -5.46 52.68 -30.62
C LYS A 123 -4.57 52.39 -31.82
N LEU A 124 -5.18 52.10 -32.98
CA LEU A 124 -4.40 51.92 -34.19
C LEU A 124 -3.84 53.25 -34.67
N ASN A 125 -4.61 54.33 -34.53
CA ASN A 125 -4.13 55.66 -34.88
C ASN A 125 -2.96 56.04 -33.98
N LYS A 126 -3.07 55.74 -32.69
CA LYS A 126 -2.00 55.98 -31.74
C LYS A 126 -0.76 55.15 -32.02
N GLN A 127 -0.86 54.15 -32.90
CA GLN A 127 0.28 53.31 -33.26
C GLN A 127 0.74 52.45 -32.08
N GLN A 128 -0.18 52.15 -31.17
CA GLN A 128 0.08 51.34 -29.98
C GLN A 128 -0.56 49.96 -30.09
N THR A 129 -0.92 49.54 -31.30
CA THR A 129 -1.27 48.15 -31.57
C THR A 129 -1.03 47.88 -33.04
N ASP A 130 -1.11 46.61 -33.39
CA ASP A 130 -1.07 46.16 -34.78
C ASP A 130 -2.42 45.68 -35.27
N ILE A 131 -3.16 45.00 -34.39
CA ILE A 131 -4.51 44.54 -34.67
C ILE A 131 -5.40 45.02 -33.55
N ALA A 132 -6.66 45.26 -33.88
CA ALA A 132 -7.69 45.50 -32.89
C ALA A 132 -8.93 44.72 -33.30
N VAL A 133 -9.69 44.26 -32.32
CA VAL A 133 -10.88 43.44 -32.58
C VAL A 133 -12.01 43.97 -31.72
N ASN A 134 -13.21 44.01 -32.30
CA ASN A 134 -14.43 44.35 -31.58
C ASN A 134 -15.54 43.54 -32.25
N TRP A 135 -15.81 42.35 -31.71
CA TRP A 135 -16.83 41.50 -32.28
C TRP A 135 -18.23 42.06 -32.10
N ALA A 136 -18.43 42.94 -31.13
CA ALA A 136 -19.72 43.61 -31.00
C ALA A 136 -19.98 44.51 -32.20
N GLY A 137 -18.94 45.14 -32.72
CA GLY A 137 -19.10 46.01 -33.86
C GLY A 137 -19.34 45.24 -35.15
N GLY A 138 -19.20 45.93 -36.28
CA GLY A 138 -19.42 45.32 -37.57
C GLY A 138 -20.85 45.41 -38.07
N LEU A 139 -21.63 46.36 -37.60
CA LEU A 139 -23.02 46.56 -38.05
C LEU A 139 -22.96 47.56 -39.19
N HIS A 140 -23.36 47.08 -40.37
CA HIS A 140 -22.97 47.71 -41.64
C HIS A 140 -24.15 48.16 -42.49
N HIS A 141 -25.39 47.94 -42.04
CA HIS A 141 -26.56 48.38 -42.80
C HIS A 141 -27.09 49.73 -42.35
N ALA A 142 -26.60 50.28 -41.24
CA ALA A 142 -27.17 51.52 -40.72
C ALA A 142 -26.86 52.68 -41.65
N LYS A 143 -27.79 53.62 -41.72
CA LYS A 143 -27.71 54.78 -42.59
C LYS A 143 -27.49 56.03 -41.73
N LYS A 144 -27.27 57.14 -42.43
CA LYS A 144 -27.02 58.41 -41.74
C LYS A 144 -28.20 58.82 -40.89
N SER A 145 -29.42 58.61 -41.40
CA SER A 145 -30.64 59.16 -40.79
C SER A 145 -31.70 58.10 -40.58
N GLU A 146 -31.32 56.82 -40.53
CA GLU A 146 -32.31 55.77 -40.33
C GLU A 146 -31.60 54.44 -40.08
N ALA A 147 -32.26 53.59 -39.32
CA ALA A 147 -31.78 52.24 -39.08
C ALA A 147 -32.12 51.36 -40.27
N SER A 148 -31.47 50.19 -40.32
CA SER A 148 -31.72 49.25 -41.40
C SER A 148 -31.00 47.95 -41.11
N GLY A 149 -31.63 46.83 -41.47
CA GLY A 149 -31.03 45.51 -41.41
C GLY A 149 -30.43 45.15 -40.06
N PHE A 150 -31.15 45.46 -38.99
CA PHE A 150 -30.76 45.26 -37.59
C PHE A 150 -29.71 46.26 -37.12
N CYS A 151 -29.18 47.11 -38.01
CA CYS A 151 -28.19 48.10 -37.64
C CYS A 151 -28.89 49.42 -37.33
N TYR A 152 -28.41 50.11 -36.31
CA TYR A 152 -28.95 51.40 -35.89
C TYR A 152 -27.92 52.51 -35.96
N VAL A 153 -26.70 52.24 -35.52
CA VAL A 153 -25.58 53.16 -35.66
C VAL A 153 -24.49 52.44 -36.44
N ASN A 154 -23.95 53.11 -37.46
CA ASN A 154 -22.85 52.55 -38.25
C ASN A 154 -21.53 52.93 -37.59
N ASP A 155 -21.14 52.10 -36.62
CA ASP A 155 -19.84 52.26 -35.97
C ASP A 155 -18.70 52.16 -36.97
N ILE A 156 -18.88 51.40 -38.05
CA ILE A 156 -17.79 51.15 -38.99
C ILE A 156 -17.34 52.47 -39.61
N VAL A 157 -18.30 53.26 -40.05
CA VAL A 157 -18.01 54.60 -40.56
C VAL A 157 -17.31 55.41 -39.48
N LEU A 158 -17.97 55.55 -38.33
CA LEU A 158 -17.45 56.34 -37.21
C LEU A 158 -16.05 55.91 -36.83
N ALA A 159 -15.78 54.62 -36.91
CA ALA A 159 -14.40 54.14 -36.79
C ALA A 159 -13.55 54.68 -37.92
N ILE A 160 -14.02 54.51 -39.16
CA ILE A 160 -13.23 54.88 -40.33
C ILE A 160 -12.96 56.38 -40.34
N LEU A 161 -13.92 57.17 -39.89
CA LEU A 161 -13.75 58.61 -39.89
C LEU A 161 -12.61 59.05 -39.00
N GLU A 162 -12.33 58.28 -37.95
CA GLU A 162 -11.19 58.57 -37.10
C GLU A 162 -9.88 58.25 -37.82
N LEU A 163 -9.86 57.14 -38.56
CA LEU A 163 -8.62 56.66 -39.13
C LEU A 163 -8.15 57.56 -40.26
N LEU A 164 -9.08 58.19 -40.96
CA LEU A 164 -8.74 59.09 -42.06
C LEU A 164 -7.95 60.28 -41.57
N LYS A 165 -8.16 60.70 -40.32
CA LYS A 165 -7.31 61.72 -39.70
C LYS A 165 -5.84 61.38 -39.84
N TYR A 166 -5.51 60.10 -39.69
CA TYR A 166 -4.13 59.62 -39.71
C TYR A 166 -3.74 58.99 -41.04
N HIS A 167 -4.68 58.42 -41.78
CA HIS A 167 -4.39 57.48 -42.86
C HIS A 167 -4.91 58.06 -44.16
N GLN A 168 -4.02 58.17 -45.16
CA GLN A 168 -4.41 58.75 -46.44
C GLN A 168 -5.46 57.89 -47.13
N ARG A 169 -5.26 56.57 -47.11
CA ARG A 169 -6.16 55.62 -47.76
C ARG A 169 -6.48 54.50 -46.79
N VAL A 170 -7.77 54.33 -46.50
CA VAL A 170 -8.28 53.29 -45.63
C VAL A 170 -9.02 52.31 -46.52
N LEU A 171 -8.68 51.04 -46.40
CA LEU A 171 -9.41 49.98 -47.10
C LEU A 171 -10.47 49.40 -46.17
N TYR A 172 -11.69 49.29 -46.67
CA TYR A 172 -12.75 48.54 -46.02
C TYR A 172 -13.02 47.30 -46.87
N ILE A 173 -13.30 46.20 -46.20
CA ILE A 173 -13.61 44.93 -46.85
C ILE A 173 -14.84 44.38 -46.15
N ASP A 174 -15.59 43.53 -46.84
CA ASP A 174 -16.80 42.94 -46.28
C ASP A 174 -16.93 41.52 -46.77
N ILE A 175 -16.83 40.58 -45.85
CA ILE A 175 -17.11 39.18 -46.14
C ILE A 175 -18.59 38.87 -46.05
N ASP A 176 -19.37 39.71 -45.34
CA ASP A 176 -20.72 39.36 -44.93
C ASP A 176 -21.58 39.04 -46.13
N ILE A 177 -22.42 38.03 -45.96
CA ILE A 177 -23.27 37.58 -47.07
C ILE A 177 -24.25 38.67 -47.47
N HIS A 178 -24.54 39.60 -46.57
CA HIS A 178 -25.26 40.81 -46.90
C HIS A 178 -24.31 41.87 -47.42
N HIS A 179 -24.76 42.65 -48.40
CA HIS A 179 -23.92 43.69 -48.98
C HIS A 179 -23.76 44.84 -48.00
N GLY A 180 -22.54 45.38 -47.95
CA GLY A 180 -22.25 46.51 -47.08
C GLY A 180 -22.64 47.84 -47.69
N ASP A 181 -23.94 48.04 -47.87
CA ASP A 181 -24.41 49.27 -48.48
C ASP A 181 -24.25 50.48 -47.56
N GLY A 182 -24.36 50.28 -46.25
CA GLY A 182 -24.27 51.39 -45.33
C GLY A 182 -22.92 52.08 -45.38
N VAL A 183 -21.86 51.29 -45.24
CA VAL A 183 -20.50 51.84 -45.37
C VAL A 183 -20.26 52.31 -46.79
N GLU A 184 -20.77 51.56 -47.77
CA GLU A 184 -20.60 51.93 -49.17
C GLU A 184 -21.23 53.29 -49.44
N GLU A 185 -22.50 53.44 -49.06
CA GLU A 185 -23.19 54.72 -49.20
C GLU A 185 -22.47 55.80 -48.43
N ALA A 186 -21.91 55.45 -47.27
CA ALA A 186 -21.33 56.47 -46.40
C ALA A 186 -19.94 56.90 -46.87
N PHE A 187 -19.44 56.31 -47.96
CA PHE A 187 -18.19 56.73 -48.57
C PHE A 187 -18.27 56.64 -50.10
N TYR A 188 -19.45 56.87 -50.65
CA TYR A 188 -19.69 56.52 -52.05
C TYR A 188 -18.94 57.43 -53.01
N THR A 189 -18.67 58.69 -52.61
CA THR A 189 -18.04 59.67 -53.47
C THR A 189 -16.71 60.17 -52.93
N THR A 190 -15.98 59.33 -52.21
CA THR A 190 -14.63 59.64 -51.77
C THR A 190 -13.67 58.56 -52.27
N ASP A 191 -12.58 59.02 -52.91
CA ASP A 191 -11.51 58.13 -53.35
C ASP A 191 -10.68 57.58 -52.20
N ARG A 192 -10.70 58.27 -51.05
CA ARG A 192 -9.85 57.88 -49.93
C ARG A 192 -10.26 56.57 -49.29
N VAL A 193 -11.49 56.13 -49.49
CA VAL A 193 -12.04 54.96 -48.84
C VAL A 193 -12.57 54.02 -49.90
N MET A 194 -11.95 52.85 -50.03
CA MET A 194 -12.36 51.82 -50.96
C MET A 194 -13.23 50.82 -50.23
N THR A 195 -14.42 50.56 -50.78
CA THR A 195 -15.38 49.63 -50.19
C THR A 195 -15.54 48.47 -51.16
N VAL A 196 -15.03 47.30 -50.77
CA VAL A 196 -15.19 46.07 -51.52
C VAL A 196 -16.20 45.21 -50.78
N SER A 197 -17.02 44.49 -51.52
CA SER A 197 -18.09 43.71 -50.91
C SER A 197 -18.37 42.48 -51.74
N PHE A 198 -18.26 41.32 -51.10
CA PHE A 198 -18.60 40.04 -51.71
C PHE A 198 -19.87 39.58 -51.02
N HIS A 199 -20.86 39.14 -51.80
CA HIS A 199 -22.18 38.95 -51.23
C HIS A 199 -23.05 38.23 -52.23
N LYS A 200 -24.01 37.48 -51.70
CA LYS A 200 -25.12 36.99 -52.52
C LYS A 200 -25.82 38.16 -53.18
N TYR A 201 -26.46 37.88 -54.31
CA TYR A 201 -27.23 38.89 -55.01
C TYR A 201 -28.40 38.22 -55.73
N GLY A 202 -29.52 38.93 -55.80
CA GLY A 202 -30.72 38.44 -56.45
C GLY A 202 -31.70 37.84 -55.47
N GLU A 203 -32.82 38.53 -55.25
CA GLU A 203 -33.83 38.13 -54.25
C GLU A 203 -33.16 38.04 -52.87
N TYR A 204 -32.69 39.19 -52.40
CA TYR A 204 -31.85 39.19 -51.21
C TYR A 204 -31.65 40.64 -50.76
N PHE A 205 -31.56 40.80 -49.45
CA PHE A 205 -31.34 42.08 -48.79
C PHE A 205 -29.87 42.46 -48.86
N PRO A 206 -29.52 43.75 -49.07
CA PRO A 206 -30.37 44.93 -49.30
C PRO A 206 -30.66 45.15 -50.78
N GLY A 207 -30.59 44.06 -51.56
CA GLY A 207 -30.73 44.14 -52.99
C GLY A 207 -29.59 44.82 -53.71
N THR A 208 -28.54 45.23 -53.00
CA THR A 208 -27.53 46.15 -53.50
C THR A 208 -26.23 45.42 -53.83
N GLY A 209 -25.33 46.16 -54.46
CA GLY A 209 -23.99 45.68 -54.69
C GLY A 209 -23.85 44.84 -55.94
N ASP A 210 -24.56 45.20 -57.00
CA ASP A 210 -24.44 44.44 -58.23
C ASP A 210 -23.07 44.70 -58.87
N LEU A 211 -22.86 44.12 -60.04
CA LEU A 211 -21.60 44.32 -60.74
C LEU A 211 -21.38 45.78 -61.09
N ARG A 212 -22.45 46.48 -61.42
CA ARG A 212 -22.35 47.85 -61.94
C ARG A 212 -22.37 48.91 -60.86
N ASP A 213 -22.54 48.55 -59.60
CA ASP A 213 -22.43 49.50 -58.50
C ASP A 213 -20.94 49.82 -58.33
N ILE A 214 -20.51 50.91 -58.96
CA ILE A 214 -19.09 51.23 -59.08
C ILE A 214 -18.68 52.42 -58.21
N GLY A 215 -19.59 53.35 -57.95
CA GLY A 215 -19.25 54.57 -57.22
C GLY A 215 -19.74 55.78 -57.99
N ALA A 216 -19.31 56.97 -57.57
CA ALA A 216 -19.78 58.19 -58.21
C ALA A 216 -18.82 59.32 -57.90
N GLY A 217 -18.68 60.23 -58.87
CA GLY A 217 -17.86 61.41 -58.67
C GLY A 217 -16.41 61.02 -58.41
N LYS A 218 -15.86 61.59 -57.34
CA LYS A 218 -14.52 61.20 -56.91
C LYS A 218 -14.48 59.74 -56.52
N GLY A 219 -15.54 59.23 -55.89
CA GLY A 219 -15.57 57.87 -55.43
C GLY A 219 -15.85 56.84 -56.50
N LYS A 220 -15.99 57.23 -57.76
CA LYS A 220 -16.15 56.24 -58.82
C LYS A 220 -14.85 55.46 -58.99
N TYR A 221 -15.00 54.16 -59.25
CA TYR A 221 -13.90 53.21 -59.26
C TYR A 221 -13.24 53.09 -57.89
N TYR A 222 -14.00 53.35 -56.83
CA TYR A 222 -13.58 53.09 -55.46
C TYR A 222 -14.66 52.39 -54.65
N ALA A 223 -15.65 51.80 -55.32
CA ALA A 223 -16.67 50.99 -54.67
C ALA A 223 -16.81 49.71 -55.49
N VAL A 224 -15.98 48.77 -55.20
CA VAL A 224 -15.99 47.47 -55.87
C VAL A 224 -17.16 46.67 -55.32
N ASN A 225 -17.69 45.78 -56.14
CA ASN A 225 -18.72 44.86 -55.71
C ASN A 225 -18.54 43.55 -56.46
N TYR A 226 -19.19 42.52 -55.93
CA TYR A 226 -18.99 41.16 -56.42
C TYR A 226 -20.21 40.33 -56.03
N PRO A 227 -21.29 40.42 -56.80
CA PRO A 227 -22.48 39.63 -56.47
C PRO A 227 -22.22 38.13 -56.61
N LEU A 228 -23.12 37.34 -56.03
CA LEU A 228 -22.94 35.89 -55.96
C LEU A 228 -24.29 35.20 -55.94
N ARG A 229 -24.26 33.89 -56.17
CA ARG A 229 -25.41 33.01 -56.05
C ARG A 229 -25.23 32.09 -54.85
N ASP A 230 -26.16 31.16 -54.66
CA ASP A 230 -26.13 30.25 -53.53
C ASP A 230 -24.95 29.29 -53.60
N GLY A 231 -24.51 28.86 -52.42
CA GLY A 231 -23.71 27.66 -52.30
C GLY A 231 -22.26 27.78 -52.69
N ILE A 232 -21.63 28.93 -52.45
CA ILE A 232 -20.21 29.08 -52.76
C ILE A 232 -19.38 28.23 -51.79
N ASP A 233 -18.33 27.62 -52.31
CA ASP A 233 -17.43 26.81 -51.50
C ASP A 233 -16.28 27.65 -50.99
N ASP A 234 -15.53 27.07 -50.06
CA ASP A 234 -14.28 27.69 -49.62
C ASP A 234 -13.29 27.75 -50.78
N GLU A 235 -13.24 26.70 -51.60
CA GLU A 235 -12.27 26.66 -52.69
C GLU A 235 -12.58 27.72 -53.73
N SER A 236 -13.84 27.84 -54.12
CA SER A 236 -14.26 28.90 -55.03
C SER A 236 -13.92 30.26 -54.42
N TYR A 237 -14.39 30.50 -53.21
CA TYR A 237 -14.23 31.80 -52.55
C TYR A 237 -12.76 32.18 -52.44
N GLU A 238 -11.91 31.22 -52.10
CA GLU A 238 -10.47 31.50 -52.03
C GLU A 238 -9.91 31.84 -53.39
N ALA A 239 -10.33 31.10 -54.41
CA ALA A 239 -9.83 31.29 -55.77
C ALA A 239 -10.25 32.63 -56.36
N ILE A 240 -11.18 33.34 -55.73
CA ILE A 240 -11.66 34.63 -56.21
C ILE A 240 -11.33 35.75 -55.24
N PHE A 241 -11.09 35.44 -53.98
CA PHE A 241 -10.76 36.41 -52.96
C PHE A 241 -9.32 36.90 -53.08
N LYS A 242 -8.37 35.98 -52.98
CA LYS A 242 -6.95 36.33 -53.02
C LYS A 242 -6.53 37.07 -54.28
N PRO A 243 -6.88 36.63 -55.48
CA PRO A 243 -6.47 37.39 -56.68
C PRO A 243 -6.96 38.83 -56.66
N VAL A 244 -8.21 39.02 -56.26
CA VAL A 244 -8.79 40.35 -56.22
C VAL A 244 -8.03 41.22 -55.24
N MET A 245 -8.01 40.82 -53.97
CA MET A 245 -7.43 41.62 -52.91
C MET A 245 -5.96 41.92 -53.18
N SER A 246 -5.27 41.00 -53.85
CA SER A 246 -3.91 41.28 -54.29
C SER A 246 -3.87 42.49 -55.20
N LYS A 247 -4.79 42.55 -56.15
CA LYS A 247 -4.84 43.67 -57.08
C LYS A 247 -5.29 44.94 -56.36
N VAL A 248 -6.20 44.80 -55.39
CA VAL A 248 -6.65 45.96 -54.63
C VAL A 248 -5.48 46.56 -53.87
N MET A 249 -4.73 45.71 -53.16
CA MET A 249 -3.52 46.17 -52.49
C MET A 249 -2.52 46.69 -53.51
N GLU A 250 -2.47 46.06 -54.69
CA GLU A 250 -1.60 46.55 -55.74
C GLU A 250 -2.02 47.94 -56.20
N MET A 251 -3.32 48.19 -56.26
CA MET A 251 -3.82 49.44 -56.82
C MET A 251 -4.15 50.46 -55.74
N PHE A 252 -5.06 50.10 -54.82
CA PHE A 252 -5.51 51.07 -53.83
C PHE A 252 -4.39 51.48 -52.88
N GLN A 253 -3.51 50.56 -52.51
CA GLN A 253 -2.37 50.86 -51.65
C GLN A 253 -2.82 51.53 -50.35
N PRO A 254 -3.69 50.91 -49.57
CA PRO A 254 -4.14 51.54 -48.32
C PRO A 254 -3.02 51.55 -47.30
N SER A 255 -3.22 52.39 -46.28
CA SER A 255 -2.33 52.44 -45.12
C SER A 255 -3.02 51.93 -43.86
N ALA A 256 -4.24 51.41 -43.97
CA ALA A 256 -4.95 50.81 -42.84
C ALA A 256 -6.17 50.08 -43.34
N VAL A 257 -6.43 48.89 -42.80
CA VAL A 257 -7.50 48.02 -43.26
C VAL A 257 -8.60 47.97 -42.21
N VAL A 258 -9.83 47.80 -42.67
CA VAL A 258 -10.96 47.46 -41.81
C VAL A 258 -11.64 46.27 -42.46
N LEU A 259 -11.50 45.11 -41.85
CA LEU A 259 -12.17 43.90 -42.31
C LEU A 259 -13.41 43.70 -41.46
N GLN A 260 -14.55 43.57 -42.12
CA GLN A 260 -15.77 43.12 -41.48
C GLN A 260 -15.87 41.61 -41.65
N CYS A 261 -15.87 40.88 -40.54
CA CYS A 261 -15.88 39.42 -40.56
C CYS A 261 -17.30 38.88 -40.40
N GLY A 262 -18.12 39.17 -41.40
CA GLY A 262 -19.47 38.66 -41.42
C GLY A 262 -19.51 37.15 -41.41
N SER A 263 -20.13 36.58 -40.38
CA SER A 263 -20.16 35.13 -40.17
C SER A 263 -21.37 34.46 -40.81
N ASP A 264 -22.41 35.24 -41.12
CA ASP A 264 -23.61 34.69 -41.76
C ASP A 264 -23.34 34.10 -43.14
N SER A 265 -22.18 34.40 -43.75
CA SER A 265 -21.76 33.74 -44.97
C SER A 265 -21.28 32.31 -44.75
N LEU A 266 -21.30 31.82 -43.51
CA LEU A 266 -20.92 30.46 -43.23
C LEU A 266 -21.98 29.47 -43.70
N SER A 267 -21.61 28.20 -43.71
CA SER A 267 -22.56 27.14 -44.01
C SER A 267 -23.48 26.91 -42.82
N GLY A 268 -24.73 26.56 -43.12
CA GLY A 268 -25.69 26.26 -42.08
C GLY A 268 -26.16 27.46 -41.29
N ASP A 269 -26.10 28.65 -41.89
CA ASP A 269 -26.62 29.84 -41.23
C ASP A 269 -28.14 29.85 -41.30
N ARG A 270 -28.76 30.47 -40.28
CA ARG A 270 -30.22 30.61 -40.27
C ARG A 270 -30.70 31.38 -41.49
N LEU A 271 -30.15 32.59 -41.68
CA LEU A 271 -30.54 33.47 -42.77
C LEU A 271 -29.63 33.32 -43.98
N GLY A 272 -28.34 33.07 -43.77
CA GLY A 272 -27.42 32.96 -44.87
C GLY A 272 -27.57 31.65 -45.63
N CYS A 273 -27.26 31.72 -46.92
CA CYS A 273 -27.31 30.57 -47.81
C CYS A 273 -26.03 30.51 -48.64
N PHE A 274 -24.90 30.57 -47.95
CA PHE A 274 -23.60 30.20 -48.48
C PHE A 274 -23.15 28.90 -47.83
N ASN A 275 -22.05 28.33 -48.35
CA ASN A 275 -21.58 27.03 -47.92
C ASN A 275 -20.10 27.05 -47.52
N LEU A 276 -19.71 28.02 -46.71
CA LEU A 276 -18.34 28.18 -46.26
C LEU A 276 -18.12 27.49 -44.92
N THR A 277 -16.85 27.18 -44.63
CA THR A 277 -16.44 26.64 -43.35
C THR A 277 -15.72 27.71 -42.53
N ILE A 278 -15.40 27.35 -41.28
CA ILE A 278 -14.56 28.23 -40.46
C ILE A 278 -13.23 28.45 -41.15
N LYS A 279 -12.68 27.38 -41.74
CA LYS A 279 -11.34 27.43 -42.31
C LYS A 279 -11.28 28.41 -43.47
N GLY A 280 -12.23 28.29 -44.40
CA GLY A 280 -12.22 29.19 -45.55
C GLY A 280 -12.53 30.61 -45.17
N HIS A 281 -13.51 30.80 -44.29
CA HIS A 281 -13.86 32.13 -43.80
C HIS A 281 -12.66 32.76 -43.11
N ALA A 282 -11.88 31.95 -42.40
CA ALA A 282 -10.74 32.45 -41.66
C ALA A 282 -9.53 32.65 -42.55
N LYS A 283 -9.39 31.79 -43.57
CA LYS A 283 -8.27 31.90 -44.50
C LYS A 283 -8.20 33.28 -45.13
N CYS A 284 -9.35 33.90 -45.36
CA CYS A 284 -9.40 35.30 -45.74
C CYS A 284 -8.69 36.16 -44.70
N VAL A 285 -9.03 35.97 -43.43
CA VAL A 285 -8.47 36.81 -42.37
C VAL A 285 -6.97 36.59 -42.28
N GLU A 286 -6.52 35.38 -42.58
CA GLU A 286 -5.10 35.13 -42.68
C GLU A 286 -4.47 35.95 -43.80
N PHE A 287 -5.12 35.93 -44.96
CA PHE A 287 -4.54 36.55 -46.15
C PHE A 287 -4.39 38.05 -45.96
N VAL A 288 -5.39 38.69 -45.35
CA VAL A 288 -5.31 40.13 -45.11
C VAL A 288 -4.22 40.42 -44.08
N LYS A 289 -4.13 39.57 -43.07
CA LYS A 289 -3.13 39.70 -42.01
C LYS A 289 -1.74 39.61 -42.60
N SER A 290 -1.61 38.79 -43.64
CA SER A 290 -0.33 38.60 -44.29
C SER A 290 0.24 39.91 -44.82
N PHE A 291 -0.62 40.84 -45.20
CA PHE A 291 -0.18 42.11 -45.80
C PHE A 291 0.37 43.07 -44.81
N ASN A 292 0.14 42.87 -43.51
CA ASN A 292 0.86 43.61 -42.48
C ASN A 292 0.58 45.12 -42.54
N LEU A 293 -0.69 45.47 -42.35
CA LEU A 293 -1.12 46.84 -42.15
C LEU A 293 -1.73 46.99 -40.75
N PRO A 294 -1.89 48.23 -40.27
CA PRO A 294 -2.75 48.42 -39.09
C PRO A 294 -4.15 47.91 -39.37
N MET A 295 -4.67 47.08 -38.46
CA MET A 295 -5.82 46.24 -38.72
C MET A 295 -6.91 46.43 -37.69
N LEU A 296 -8.15 46.24 -38.13
CA LEU A 296 -9.31 46.28 -37.24
C LEU A 296 -10.33 45.26 -37.74
N MET A 297 -10.44 44.15 -37.02
CA MET A 297 -11.41 43.11 -37.36
C MET A 297 -12.69 43.31 -36.55
N LEU A 298 -13.82 43.38 -37.24
CA LEU A 298 -15.11 43.49 -36.59
C LEU A 298 -15.94 42.27 -36.89
N GLY A 299 -17.09 42.20 -36.23
CA GLY A 299 -18.05 41.13 -36.44
C GLY A 299 -19.11 41.54 -37.44
N GLY A 300 -20.36 41.35 -37.06
CA GLY A 300 -21.50 41.70 -37.88
C GLY A 300 -22.51 40.57 -37.86
N GLY A 301 -23.04 40.27 -39.03
CA GLY A 301 -24.05 39.24 -39.16
C GLY A 301 -23.53 37.88 -38.72
N GLY A 302 -24.47 36.95 -38.64
CA GLY A 302 -24.23 35.61 -38.12
C GLY A 302 -25.35 35.24 -37.17
N TYR A 303 -26.05 34.14 -37.44
CA TYR A 303 -27.31 33.87 -36.78
C TYR A 303 -27.45 32.42 -36.31
N THR A 304 -26.59 31.50 -36.78
CA THR A 304 -26.40 30.22 -36.12
C THR A 304 -25.27 30.43 -35.13
N ILE A 305 -25.64 30.91 -33.94
CA ILE A 305 -24.69 31.50 -33.01
C ILE A 305 -23.65 30.50 -32.55
N ARG A 306 -24.00 29.21 -32.54
CA ARG A 306 -23.04 28.17 -32.16
C ARG A 306 -21.83 28.20 -33.08
N ASN A 307 -22.03 28.57 -34.33
CA ASN A 307 -20.93 28.64 -35.28
C ASN A 307 -20.32 30.03 -35.34
N VAL A 308 -21.10 31.07 -35.03
CA VAL A 308 -20.54 32.39 -34.86
C VAL A 308 -19.49 32.38 -33.78
N ALA A 309 -19.80 31.69 -32.68
CA ALA A 309 -18.84 31.53 -31.59
C ALA A 309 -17.58 30.82 -32.09
N ARG A 310 -17.77 29.70 -32.79
CA ARG A 310 -16.65 28.96 -33.35
C ARG A 310 -15.85 29.83 -34.31
N CYS A 311 -16.56 30.64 -35.09
CA CYS A 311 -15.92 31.43 -36.13
C CYS A 311 -15.06 32.54 -35.52
N TRP A 312 -15.69 33.44 -34.78
CA TRP A 312 -14.98 34.60 -34.25
C TRP A 312 -13.91 34.20 -33.25
N THR A 313 -14.10 33.07 -32.58
CA THR A 313 -13.04 32.54 -31.72
C THR A 313 -11.81 32.18 -32.53
N TYR A 314 -11.97 31.29 -33.51
CA TYR A 314 -10.85 30.83 -34.30
C TYR A 314 -10.15 32.00 -34.98
N GLU A 315 -10.93 32.90 -35.60
CA GLU A 315 -10.36 34.05 -36.28
C GLU A 315 -9.51 34.91 -35.36
N THR A 316 -9.85 34.97 -34.08
CA THR A 316 -9.00 35.66 -33.11
C THR A 316 -7.64 34.98 -33.03
N ALA A 317 -7.63 33.64 -32.97
CA ALA A 317 -6.38 32.91 -32.92
C ALA A 317 -5.51 33.19 -34.15
N VAL A 318 -6.15 33.48 -35.28
CA VAL A 318 -5.40 33.78 -36.50
C VAL A 318 -4.73 35.13 -36.38
N ALA A 319 -5.43 36.12 -35.81
CA ALA A 319 -4.82 37.40 -35.52
C ALA A 319 -3.65 37.25 -34.55
N LEU A 320 -3.69 36.23 -33.71
CA LEU A 320 -2.61 35.91 -32.79
C LEU A 320 -1.63 34.89 -33.34
N ASP A 321 -1.89 34.36 -34.53
CA ASP A 321 -1.13 33.29 -35.19
C ASP A 321 -0.67 32.20 -34.23
N THR A 322 -1.59 31.74 -33.39
CA THR A 322 -1.40 30.57 -32.54
C THR A 322 -2.33 29.46 -32.96
N GLU A 323 -2.04 28.25 -32.52
CA GLU A 323 -2.85 27.09 -32.81
C GLU A 323 -3.79 26.80 -31.65
N ILE A 324 -4.92 26.19 -31.96
CA ILE A 324 -5.88 25.73 -30.96
C ILE A 324 -6.46 24.42 -31.46
N PRO A 325 -6.74 23.43 -30.60
CA PRO A 325 -7.31 22.19 -31.10
C PRO A 325 -8.75 22.37 -31.60
N ASN A 326 -9.17 21.42 -32.42
CA ASN A 326 -10.57 21.30 -32.77
C ASN A 326 -11.41 20.91 -31.55
N GLU A 327 -10.78 20.21 -30.59
CA GLU A 327 -11.45 19.83 -29.36
C GLU A 327 -11.84 21.06 -28.57
N LEU A 328 -13.14 21.33 -28.48
CA LEU A 328 -13.60 22.51 -27.76
C LEU A 328 -13.40 22.29 -26.25
N PRO A 329 -12.68 23.18 -25.56
CA PRO A 329 -12.51 23.00 -24.12
C PRO A 329 -13.81 23.33 -23.39
N TYR A 330 -13.79 23.09 -22.08
CA TYR A 330 -14.99 23.32 -21.29
C TYR A 330 -15.18 24.82 -21.05
N ASN A 331 -16.44 25.22 -20.99
CA ASN A 331 -16.82 26.61 -20.76
C ASN A 331 -18.26 26.62 -20.29
N ASP A 332 -18.78 27.82 -20.06
CA ASP A 332 -20.16 27.96 -19.61
C ASP A 332 -21.13 27.43 -20.66
N TYR A 333 -20.95 27.82 -21.92
CA TYR A 333 -21.83 27.46 -23.01
C TYR A 333 -21.34 26.25 -23.79
N PHE A 334 -20.60 25.36 -23.13
CA PHE A 334 -20.08 24.16 -23.81
C PHE A 334 -21.21 23.31 -24.37
N GLU A 335 -22.37 23.32 -23.70
CA GLU A 335 -23.47 22.46 -24.09
C GLU A 335 -24.20 22.98 -25.31
N TYR A 336 -23.95 24.22 -25.71
CA TYR A 336 -24.53 24.75 -26.94
C TYR A 336 -24.07 23.96 -28.15
N PHE A 337 -22.83 23.46 -28.12
CA PHE A 337 -22.12 23.09 -29.35
C PHE A 337 -22.39 21.62 -29.70
N GLY A 338 -23.66 21.36 -29.99
CA GLY A 338 -24.09 20.12 -30.60
C GLY A 338 -23.67 18.89 -29.82
N PRO A 339 -23.79 17.72 -30.46
CA PRO A 339 -23.18 16.51 -29.88
C PRO A 339 -21.68 16.44 -30.13
N ASP A 340 -21.18 17.15 -31.15
CA ASP A 340 -19.79 17.02 -31.54
C ASP A 340 -18.86 17.79 -30.62
N PHE A 341 -19.21 19.02 -30.27
CA PHE A 341 -18.34 19.91 -29.51
C PHE A 341 -17.00 20.08 -30.23
N LYS A 342 -17.08 20.46 -31.50
CA LYS A 342 -15.92 20.69 -32.34
C LYS A 342 -15.93 22.11 -32.90
N LEU A 343 -14.73 22.61 -33.16
CA LEU A 343 -14.60 23.95 -33.72
C LEU A 343 -15.03 24.00 -35.16
N HIS A 344 -14.52 23.09 -35.98
CA HIS A 344 -14.66 23.20 -37.42
C HIS A 344 -16.00 22.66 -37.88
N ILE A 345 -16.52 23.28 -38.94
CA ILE A 345 -17.71 22.80 -39.63
C ILE A 345 -17.30 22.31 -41.02
N SER A 346 -18.13 21.46 -41.60
CA SER A 346 -17.96 20.99 -42.96
C SER A 346 -19.05 21.58 -43.84
N PRO A 347 -18.81 21.72 -45.14
CA PRO A 347 -19.86 22.25 -46.03
C PRO A 347 -20.95 21.21 -46.27
N SER A 348 -22.09 21.71 -46.72
CA SER A 348 -23.25 20.89 -46.95
C SER A 348 -23.21 20.27 -48.35
N ASN A 349 -24.19 19.41 -48.64
CA ASN A 349 -24.42 18.91 -50.00
C ASN A 349 -25.11 19.92 -50.88
N MET A 350 -25.38 21.12 -50.36
CA MET A 350 -25.93 22.23 -51.13
C MET A 350 -25.17 22.45 -52.43
N THR A 351 -25.89 22.90 -53.45
CA THR A 351 -25.33 23.07 -54.79
C THR A 351 -24.70 24.45 -54.97
N ASN A 352 -23.54 24.48 -55.62
CA ASN A 352 -22.87 25.74 -55.95
C ASN A 352 -23.37 26.20 -57.31
N GLN A 353 -24.21 27.23 -57.32
CA GLN A 353 -24.75 27.80 -58.55
C GLN A 353 -23.80 28.81 -59.19
N ASN A 354 -22.56 28.91 -58.72
CA ASN A 354 -21.59 29.86 -59.22
C ASN A 354 -20.66 29.14 -60.20
N THR A 355 -21.09 29.06 -61.46
CA THR A 355 -20.31 28.38 -62.48
C THR A 355 -19.02 29.14 -62.77
N ASN A 356 -17.99 28.39 -63.18
CA ASN A 356 -16.69 28.97 -63.44
C ASN A 356 -16.76 30.08 -64.49
N GLU A 357 -17.63 29.92 -65.48
CA GLU A 357 -17.79 30.95 -66.49
C GLU A 357 -18.31 32.24 -65.87
N TYR A 358 -19.35 32.13 -65.03
CA TYR A 358 -19.94 33.31 -64.41
C TYR A 358 -18.92 34.01 -63.52
N LEU A 359 -18.06 33.23 -62.86
CA LEU A 359 -17.03 33.81 -62.01
C LEU A 359 -15.93 34.46 -62.85
N GLU A 360 -15.49 33.78 -63.91
CA GLU A 360 -14.41 34.31 -64.73
C GLU A 360 -14.84 35.53 -65.51
N LYS A 361 -16.12 35.60 -65.91
CA LYS A 361 -16.64 36.80 -66.55
C LYS A 361 -16.43 38.01 -65.67
N ILE A 362 -17.07 37.98 -64.50
CA ILE A 362 -17.10 39.14 -63.61
C ILE A 362 -15.69 39.50 -63.16
N LYS A 363 -14.85 38.48 -63.00
CA LYS A 363 -13.45 38.69 -62.66
C LYS A 363 -12.79 39.64 -63.64
N GLN A 364 -12.95 39.34 -64.92
CA GLN A 364 -12.26 40.11 -65.96
C GLN A 364 -12.81 41.53 -66.04
N ARG A 365 -14.13 41.68 -65.82
CA ARG A 365 -14.71 43.02 -65.74
C ARG A 365 -14.05 43.82 -64.65
N LEU A 366 -13.80 43.19 -63.50
CA LEU A 366 -13.23 43.92 -62.38
C LEU A 366 -11.79 44.29 -62.66
N PHE A 367 -11.00 43.35 -63.19
CA PHE A 367 -9.61 43.62 -63.56
C PHE A 367 -9.51 44.86 -64.42
N GLU A 368 -10.42 44.99 -65.39
CA GLU A 368 -10.46 46.18 -66.22
C GLU A 368 -10.68 47.43 -65.38
N ASN A 369 -11.63 47.36 -64.44
CA ASN A 369 -11.91 48.50 -63.58
C ASN A 369 -10.69 48.84 -62.73
N LEU A 370 -9.98 47.82 -62.24
CA LEU A 370 -8.82 48.06 -61.41
C LEU A 370 -7.63 48.57 -62.21
N ARG A 371 -7.55 48.22 -63.50
CA ARG A 371 -6.45 48.71 -64.32
C ARG A 371 -6.58 50.19 -64.60
N MET A 372 -7.77 50.75 -64.44
CA MET A 372 -7.98 52.17 -64.70
C MET A 372 -7.23 53.06 -63.73
N LEU A 373 -6.75 52.52 -62.61
CA LEU A 373 -6.16 53.32 -61.57
C LEU A 373 -4.73 53.73 -61.94
N PRO A 374 -4.15 54.72 -61.25
CA PRO A 374 -2.76 55.09 -61.54
C PRO A 374 -1.78 54.08 -60.97
N HIS A 375 -0.69 53.90 -61.70
CA HIS A 375 0.37 52.95 -61.35
C HIS A 375 1.61 53.28 -62.19
N ALA A 376 2.62 52.42 -62.11
CA ALA A 376 3.81 52.54 -62.94
C ALA A 376 4.31 51.17 -63.37
N ARG B 8 17.33 11.75 47.36
CA ARG B 8 18.08 10.51 47.19
C ARG B 8 19.58 10.77 47.26
N ARG B 9 20.34 9.70 47.43
CA ARG B 9 21.76 9.83 47.76
C ARG B 9 22.57 10.03 46.49
N LYS B 10 23.60 10.88 46.60
CA LYS B 10 24.53 11.09 45.49
C LYS B 10 25.59 9.99 45.51
N VAL B 11 25.95 9.51 44.33
CA VAL B 11 26.86 8.39 44.15
C VAL B 11 28.01 8.83 43.25
N CYS B 12 29.23 8.50 43.67
CA CYS B 12 30.42 8.74 42.87
C CYS B 12 31.06 7.39 42.54
N TYR B 13 31.27 7.15 41.24
CA TYR B 13 31.80 5.90 40.74
C TYR B 13 33.18 6.13 40.15
N TYR B 14 34.08 5.19 40.39
CA TYR B 14 35.46 5.29 39.97
C TYR B 14 35.80 4.09 39.10
N TYR B 15 36.53 4.33 38.01
CA TYR B 15 36.87 3.23 37.12
C TYR B 15 37.98 3.64 36.17
N ASP B 16 38.89 2.71 35.93
CA ASP B 16 39.93 2.81 34.92
C ASP B 16 39.92 1.51 34.12
N GLY B 17 40.14 1.62 32.82
CA GLY B 17 39.85 0.49 31.94
C GLY B 17 40.94 -0.55 31.88
N ASP B 18 42.18 -0.15 32.18
CA ASP B 18 43.29 -1.11 32.14
C ASP B 18 43.14 -2.17 33.22
N VAL B 19 42.30 -1.92 34.23
CA VAL B 19 42.11 -2.87 35.32
C VAL B 19 41.64 -4.21 34.81
N GLY B 20 40.68 -4.23 33.88
CA GLY B 20 40.18 -5.49 33.37
C GLY B 20 41.17 -6.24 32.50
N ASN B 21 42.28 -5.60 32.12
CA ASN B 21 43.25 -6.20 31.22
C ASN B 21 44.45 -6.81 31.94
N TYR B 22 44.78 -6.33 33.14
CA TYR B 22 45.82 -6.98 33.93
C TYR B 22 45.42 -8.41 34.23
N TYR B 23 46.40 -9.31 34.22
CA TYR B 23 46.17 -10.74 34.26
C TYR B 23 47.06 -11.39 35.30
N TYR B 24 46.46 -12.17 36.20
CA TYR B 24 47.22 -12.78 37.28
C TYR B 24 48.09 -13.93 36.78
N GLY B 25 47.56 -14.80 35.95
CA GLY B 25 48.27 -15.97 35.45
C GLY B 25 47.32 -17.11 35.18
N GLN B 26 47.90 -18.22 34.70
CA GLN B 26 47.11 -19.42 34.38
C GLN B 26 46.34 -19.90 35.60
N GLY B 27 45.10 -20.34 35.35
CA GLY B 27 44.30 -21.01 36.36
C GLY B 27 44.05 -20.25 37.63
N HIS B 28 44.41 -18.97 37.69
CA HIS B 28 44.36 -18.24 38.94
C HIS B 28 42.94 -17.72 39.15
N PRO B 29 42.31 -17.97 40.31
CA PRO B 29 40.87 -17.67 40.43
C PRO B 29 40.61 -16.17 40.38
N MET B 30 41.56 -15.37 40.81
CA MET B 30 41.44 -13.92 40.69
C MET B 30 41.58 -13.51 39.25
N LYS B 31 40.56 -12.84 38.72
CA LYS B 31 40.53 -12.37 37.33
C LYS B 31 39.99 -10.95 37.34
N PRO B 32 40.85 -9.93 37.20
CA PRO B 32 40.35 -8.54 37.27
C PRO B 32 39.41 -8.16 36.14
N HIS B 33 39.27 -8.98 35.10
CA HIS B 33 38.35 -8.69 34.01
C HIS B 33 36.91 -8.56 34.47
N ARG B 34 36.55 -9.17 35.60
CA ARG B 34 35.20 -9.08 36.13
C ARG B 34 34.75 -7.64 36.34
N ILE B 35 35.68 -6.76 36.74
CA ILE B 35 35.31 -5.38 37.04
C ILE B 35 34.90 -4.67 35.75
N ARG B 36 35.54 -5.02 34.64
CA ARG B 36 35.18 -4.47 33.35
C ARG B 36 33.78 -4.87 32.94
N MET B 37 33.41 -6.13 33.20
CA MET B 37 32.06 -6.59 32.91
C MET B 37 31.02 -5.76 33.65
N THR B 38 31.23 -5.58 34.96
CA THR B 38 30.36 -4.73 35.76
C THR B 38 30.22 -3.36 35.13
N HIS B 39 31.35 -2.76 34.77
CA HIS B 39 31.37 -1.44 34.17
C HIS B 39 30.54 -1.39 32.88
N ASN B 40 30.48 -2.52 32.17
CA ASN B 40 29.70 -2.57 30.94
C ASN B 40 28.22 -2.76 31.21
N LEU B 41 27.88 -3.37 32.35
CA LEU B 41 26.49 -3.67 32.64
C LEU B 41 25.79 -2.50 33.31
N LEU B 42 26.49 -1.83 34.24
CA LEU B 42 26.01 -0.57 34.79
C LEU B 42 25.60 0.38 33.68
N LEU B 43 26.42 0.39 32.63
CA LEU B 43 26.20 1.22 31.45
C LEU B 43 24.91 0.83 30.74
N ASN B 44 24.85 -0.39 30.22
CA ASN B 44 23.71 -0.83 29.41
C ASN B 44 22.43 -0.91 30.22
N TYR B 45 22.52 -1.03 31.53
CA TYR B 45 21.38 -0.80 32.41
C TYR B 45 20.92 0.66 32.38
N GLY B 46 21.77 1.59 31.97
CA GLY B 46 21.47 3.00 32.02
C GLY B 46 21.81 3.67 33.32
N LEU B 47 22.60 3.03 34.19
CA LEU B 47 22.86 3.58 35.51
C LEU B 47 24.05 4.53 35.50
N TYR B 48 25.10 4.16 34.75
CA TYR B 48 26.28 5.00 34.50
C TYR B 48 25.87 6.45 34.27
N ARG B 49 24.84 6.62 33.44
CA ARG B 49 24.17 7.88 33.22
C ARG B 49 23.82 8.67 34.48
N LYS B 50 23.49 7.96 35.56
CA LYS B 50 22.84 8.59 36.69
C LYS B 50 23.80 9.08 37.78
N MET B 51 25.06 8.67 37.75
CA MET B 51 25.98 8.90 38.87
C MET B 51 27.22 9.65 38.39
N GLU B 52 27.98 10.14 39.37
CA GLU B 52 29.22 10.86 39.12
C GLU B 52 30.32 9.86 38.82
N ILE B 53 30.78 9.82 37.58
CA ILE B 53 31.81 8.89 37.16
C ILE B 53 33.16 9.59 37.30
N TYR B 54 34.19 8.82 37.60
CA TYR B 54 35.55 9.34 37.68
C TYR B 54 36.53 8.29 37.18
N ARG B 55 37.61 8.74 36.55
CA ARG B 55 38.82 7.95 36.49
C ARG B 55 39.61 8.24 37.75
N PRO B 56 40.27 7.24 38.37
CA PRO B 56 41.26 7.56 39.40
C PRO B 56 42.66 7.64 38.79
N HIS B 57 43.42 8.66 39.21
CA HIS B 57 44.82 8.72 38.85
C HIS B 57 45.61 7.68 39.62
N LYS B 58 46.83 7.42 39.16
CA LYS B 58 47.69 6.44 39.82
C LYS B 58 48.05 6.91 41.22
N ALA B 59 47.94 5.99 42.18
CA ALA B 59 48.45 6.24 43.52
C ALA B 59 49.93 5.90 43.56
N ASN B 60 50.74 6.84 44.04
CA ASN B 60 52.18 6.67 44.07
C ASN B 60 52.64 6.05 45.39
N ALA B 61 53.91 5.67 45.42
CA ALA B 61 54.50 5.09 46.62
C ALA B 61 54.49 6.06 47.80
N GLU B 62 54.34 7.36 47.53
CA GLU B 62 54.21 8.36 48.58
C GLU B 62 53.14 7.98 49.58
N GLU B 63 51.94 7.71 49.07
CA GLU B 63 50.77 7.50 49.90
C GLU B 63 50.51 6.03 50.18
N MET B 64 51.06 5.13 49.36
CA MET B 64 51.00 3.71 49.72
C MET B 64 51.85 3.42 50.95
N THR B 65 52.96 4.14 51.13
CA THR B 65 53.82 3.95 52.28
C THR B 65 53.28 4.57 53.56
N LYS B 66 52.18 5.32 53.48
CA LYS B 66 51.57 5.86 54.68
C LYS B 66 51.03 4.77 55.61
N TYR B 67 50.92 3.53 55.12
CA TYR B 67 50.67 2.36 55.94
C TYR B 67 51.76 1.31 55.81
N HIS B 68 52.20 1.03 54.60
CA HIS B 68 53.11 -0.09 54.35
C HIS B 68 54.55 0.31 54.63
N SER B 69 55.43 -0.68 54.57
CA SER B 69 56.85 -0.44 54.73
C SER B 69 57.41 0.27 53.51
N ASP B 70 58.41 1.12 53.73
CA ASP B 70 59.03 1.85 52.65
C ASP B 70 59.73 0.93 51.65
N ASP B 71 60.22 -0.21 52.11
CA ASP B 71 60.95 -1.16 51.27
C ASP B 71 60.04 -2.23 50.70
N TYR B 72 58.94 -2.55 51.38
CA TYR B 72 57.91 -3.38 50.79
C TYR B 72 57.39 -2.76 49.51
N ILE B 73 57.03 -1.48 49.57
CA ILE B 73 56.57 -0.77 48.36
C ILE B 73 57.73 -0.65 47.37
N LYS B 74 58.94 -0.41 47.89
CA LYS B 74 60.11 -0.33 47.01
C LYS B 74 60.34 -1.66 46.31
N PHE B 75 60.10 -2.77 47.01
CA PHE B 75 60.19 -4.08 46.38
C PHE B 75 59.14 -4.24 45.31
N LEU B 76 57.89 -3.83 45.61
CA LEU B 76 56.82 -3.95 44.63
C LEU B 76 57.08 -3.07 43.41
N ARG B 77 57.60 -1.87 43.63
CA ARG B 77 57.89 -0.98 42.50
C ARG B 77 59.00 -1.53 41.62
N SER B 78 59.89 -2.35 42.20
CA SER B 78 61.08 -2.80 41.51
C SER B 78 60.87 -4.14 40.82
N ILE B 79 60.07 -5.01 41.45
CA ILE B 79 59.93 -6.38 40.98
C ILE B 79 59.29 -6.42 39.60
N ARG B 80 59.71 -7.38 38.79
CA ARG B 80 59.09 -7.73 37.53
C ARG B 80 59.32 -9.22 37.28
N PRO B 81 58.65 -9.84 36.30
CA PRO B 81 59.00 -11.21 35.93
C PRO B 81 60.38 -11.33 35.31
N ASP B 82 60.93 -10.23 34.79
CA ASP B 82 62.26 -10.21 34.22
C ASP B 82 63.30 -10.49 35.28
N ASN B 83 63.25 -9.73 36.38
CA ASN B 83 64.17 -9.89 37.51
C ASN B 83 63.62 -10.83 38.58
N MET B 84 62.81 -11.80 38.17
CA MET B 84 62.14 -12.67 39.13
C MET B 84 63.13 -13.54 39.88
N SER B 85 64.01 -14.23 39.16
CA SER B 85 64.99 -15.09 39.80
C SER B 85 66.03 -14.31 40.58
N GLU B 86 66.25 -13.04 40.23
CA GLU B 86 67.21 -12.22 40.95
C GLU B 86 66.70 -11.86 42.34
N TYR B 87 65.40 -11.65 42.47
CA TYR B 87 64.79 -11.15 43.70
C TYR B 87 64.26 -12.25 44.60
N SER B 88 64.50 -13.52 44.28
CA SER B 88 63.85 -14.65 44.94
C SER B 88 64.05 -14.67 46.45
N LYS B 89 65.17 -14.11 46.93
CA LYS B 89 65.40 -14.02 48.36
C LYS B 89 64.31 -13.19 49.04
N GLN B 90 64.03 -12.01 48.47
CA GLN B 90 63.00 -11.14 49.04
C GLN B 90 61.60 -11.69 48.80
N MET B 91 61.39 -12.38 47.68
CA MET B 91 60.06 -12.89 47.34
C MET B 91 59.51 -13.78 48.44
N GLN B 92 60.37 -14.59 49.06
CA GLN B 92 59.94 -15.40 50.18
C GLN B 92 59.60 -14.54 51.38
N ARG B 93 60.39 -13.49 51.63
CA ARG B 93 60.11 -12.60 52.73
C ARG B 93 58.78 -11.87 52.57
N PHE B 94 58.30 -11.70 51.33
CA PHE B 94 57.11 -10.91 51.04
C PHE B 94 55.95 -11.74 50.50
N ASN B 95 55.99 -13.07 50.63
CA ASN B 95 54.86 -13.95 50.38
C ASN B 95 54.49 -14.05 48.91
N VAL B 96 55.29 -13.50 48.01
CA VAL B 96 54.96 -13.48 46.59
C VAL B 96 55.29 -14.86 46.03
N GLY B 97 54.26 -15.57 45.57
CA GLY B 97 54.47 -16.93 45.11
C GLY B 97 53.24 -17.69 44.72
N GLU B 98 53.11 -18.90 45.29
CA GLU B 98 52.16 -19.94 44.89
C GLU B 98 50.77 -19.44 44.52
N ASP B 99 50.14 -18.64 45.39
CA ASP B 99 48.82 -18.10 45.15
C ASP B 99 48.82 -16.59 45.00
N CYS B 100 49.96 -15.93 45.25
CA CYS B 100 50.15 -14.50 44.97
C CYS B 100 51.23 -14.39 43.90
N PRO B 101 50.89 -14.65 42.63
CA PRO B 101 51.94 -14.70 41.60
C PRO B 101 52.51 -13.32 41.31
N VAL B 102 53.61 -13.35 40.55
CA VAL B 102 54.08 -12.17 39.85
C VAL B 102 53.46 -12.15 38.46
N PHE B 103 53.09 -10.97 37.99
CA PHE B 103 52.57 -10.84 36.64
C PHE B 103 52.84 -9.43 36.15
N ASP B 104 52.89 -9.28 34.84
CA ASP B 104 53.25 -8.00 34.24
C ASP B 104 52.16 -6.96 34.53
N GLY B 105 52.59 -5.76 34.93
CA GLY B 105 51.66 -4.70 35.29
C GLY B 105 51.10 -4.82 36.69
N LEU B 106 51.73 -5.61 37.55
CA LEU B 106 51.25 -5.84 38.90
C LEU B 106 51.16 -4.54 39.70
N PHE B 107 52.24 -3.76 39.71
CA PHE B 107 52.23 -2.52 40.48
C PHE B 107 51.19 -1.54 39.96
N GLU B 108 51.10 -1.39 38.63
CA GLU B 108 50.12 -0.48 38.06
C GLU B 108 48.71 -0.87 38.43
N PHE B 109 48.44 -2.17 38.51
CA PHE B 109 47.14 -2.64 38.98
C PHE B 109 46.87 -2.15 40.40
N CYS B 110 47.90 -2.17 41.24
CA CYS B 110 47.74 -1.71 42.62
C CYS B 110 47.45 -0.22 42.67
N GLN B 111 48.19 0.57 41.89
CA GLN B 111 48.00 2.02 41.89
C GLN B 111 46.57 2.40 41.54
N LEU B 112 45.95 1.61 40.66
CA LEU B 112 44.56 1.88 40.27
C LEU B 112 43.60 1.50 41.39
N SER B 113 43.73 0.29 41.92
CA SER B 113 42.83 -0.17 42.98
C SER B 113 42.94 0.72 44.21
N THR B 114 44.17 1.15 44.53
CA THR B 114 44.37 2.05 45.65
C THR B 114 43.90 3.46 45.33
N GLY B 115 44.26 3.96 44.15
CA GLY B 115 43.86 5.30 43.77
C GLY B 115 42.36 5.48 43.73
N GLY B 116 41.63 4.42 43.34
CA GLY B 116 40.18 4.51 43.31
C GLY B 116 39.59 4.63 44.69
N SER B 117 40.18 3.95 45.67
CA SER B 117 39.68 4.01 47.03
C SER B 117 40.04 5.33 47.69
N VAL B 118 41.30 5.74 47.59
CA VAL B 118 41.77 6.92 48.31
C VAL B 118 41.12 8.18 47.75
N ALA B 119 40.94 8.22 46.43
CA ALA B 119 40.16 9.31 45.83
C ALA B 119 38.78 9.36 46.44
N SER B 120 38.12 8.20 46.54
CA SER B 120 36.79 8.14 47.14
C SER B 120 36.82 8.54 48.60
N ALA B 121 37.92 8.23 49.29
CA ALA B 121 38.05 8.59 50.69
C ALA B 121 38.02 10.10 50.87
N VAL B 122 38.64 10.82 49.94
CA VAL B 122 38.71 12.26 50.05
C VAL B 122 37.37 12.88 49.68
N LYS B 123 36.73 12.33 48.66
CA LYS B 123 35.44 12.86 48.19
C LYS B 123 34.40 12.82 49.31
N LEU B 124 34.39 11.75 50.09
CA LEU B 124 33.51 11.69 51.25
C LEU B 124 33.99 12.64 52.34
N ASN B 125 35.31 12.74 52.52
CA ASN B 125 35.87 13.68 53.48
C ASN B 125 35.54 15.11 53.07
N LYS B 126 35.64 15.41 51.77
CA LYS B 126 35.27 16.70 51.24
C LYS B 126 33.79 17.01 51.38
N GLN B 127 32.97 16.01 51.72
CA GLN B 127 31.54 16.21 51.92
C GLN B 127 30.84 16.55 50.60
N GLN B 128 31.42 16.11 49.49
CA GLN B 128 30.88 16.33 48.15
C GLN B 128 30.30 15.07 47.54
N THR B 129 30.01 14.07 48.37
CA THR B 129 29.20 12.93 47.96
C THR B 129 28.57 12.33 49.20
N ASP B 130 27.64 11.42 48.97
CA ASP B 130 27.03 10.62 50.02
C ASP B 130 27.51 9.17 49.99
N ILE B 131 27.67 8.63 48.79
CA ILE B 131 28.20 7.29 48.57
C ILE B 131 29.36 7.40 47.60
N ALA B 132 30.31 6.49 47.75
CA ALA B 132 31.36 6.31 46.77
C ALA B 132 31.55 4.81 46.58
N VAL B 133 31.92 4.41 45.36
CA VAL B 133 32.09 3.01 45.02
C VAL B 133 33.39 2.85 44.26
N ASN B 134 34.11 1.76 44.55
CA ASN B 134 35.31 1.39 43.82
C ASN B 134 35.36 -0.14 43.86
N TRP B 135 34.79 -0.77 42.84
CA TRP B 135 34.74 -2.22 42.78
C TRP B 135 36.12 -2.83 42.59
N ALA B 136 37.07 -2.07 42.06
CA ALA B 136 38.44 -2.56 41.97
C ALA B 136 39.03 -2.76 43.35
N GLY B 137 38.69 -1.88 44.29
CA GLY B 137 39.20 -1.99 45.63
C GLY B 137 38.57 -3.13 46.41
N GLY B 138 38.75 -3.12 47.72
CA GLY B 138 38.22 -4.16 48.57
C GLY B 138 39.14 -5.34 48.78
N LEU B 139 40.44 -5.17 48.61
CA LEU B 139 41.42 -6.24 48.82
C LEU B 139 41.88 -6.12 50.26
N HIS B 140 41.58 -7.17 51.04
CA HIS B 140 41.53 -7.07 52.49
C HIS B 140 42.49 -8.02 53.22
N HIS B 141 43.24 -8.84 52.49
CA HIS B 141 44.20 -9.75 53.11
C HIS B 141 45.62 -9.19 53.17
N ALA B 142 45.89 -8.06 52.51
CA ALA B 142 47.25 -7.56 52.46
C ALA B 142 47.70 -7.08 53.83
N LYS B 143 48.98 -7.26 54.11
CA LYS B 143 49.60 -6.91 55.37
C LYS B 143 50.51 -5.71 55.18
N LYS B 144 51.02 -5.20 56.31
CA LYS B 144 51.89 -4.03 56.28
C LYS B 144 53.15 -4.30 55.45
N SER B 145 53.73 -5.49 55.59
CA SER B 145 55.04 -5.80 55.05
C SER B 145 55.04 -7.07 54.21
N GLU B 146 53.88 -7.50 53.71
CA GLU B 146 53.83 -8.70 52.89
C GLU B 146 52.45 -8.83 52.26
N ALA B 147 52.43 -9.46 51.09
CA ALA B 147 51.19 -9.77 50.41
C ALA B 147 50.54 -11.01 51.04
N SER B 148 49.27 -11.22 50.72
CA SER B 148 48.55 -12.37 51.23
C SER B 148 47.19 -12.46 50.56
N GLY B 149 46.75 -13.69 50.30
CA GLY B 149 45.41 -13.96 49.81
C GLY B 149 45.00 -13.17 48.59
N PHE B 150 45.92 -13.06 47.61
CA PHE B 150 45.77 -12.31 46.37
C PHE B 150 45.89 -10.80 46.57
N CYS B 151 45.97 -10.32 47.82
CA CYS B 151 46.08 -8.90 48.10
C CYS B 151 47.55 -8.54 48.24
N TYR B 152 47.92 -7.38 47.71
CA TYR B 152 49.29 -6.87 47.78
C TYR B 152 49.38 -5.55 48.51
N VAL B 153 48.45 -4.63 48.24
CA VAL B 153 48.32 -3.38 48.97
C VAL B 153 46.93 -3.33 49.57
N ASN B 154 46.85 -3.00 50.86
CA ASN B 154 45.57 -2.86 51.55
C ASN B 154 45.07 -1.43 51.37
N ASP B 155 44.41 -1.20 50.24
CA ASP B 155 43.77 0.09 49.98
C ASP B 155 42.74 0.44 51.05
N ILE B 156 42.11 -0.58 51.64
CA ILE B 156 41.03 -0.34 52.59
C ILE B 156 41.55 0.47 53.77
N VAL B 157 42.68 0.04 54.32
CA VAL B 157 43.34 0.78 55.38
C VAL B 157 43.66 2.19 54.90
N LEU B 158 44.42 2.27 53.80
CA LEU B 158 44.85 3.55 53.25
C LEU B 158 43.68 4.48 53.00
N ALA B 159 42.55 3.92 52.58
CA ALA B 159 41.31 4.67 52.55
C ALA B 159 40.91 5.12 53.95
N ILE B 160 40.87 4.17 54.88
CA ILE B 160 40.39 4.45 56.23
C ILE B 160 41.27 5.48 56.92
N LEU B 161 42.56 5.42 56.65
CA LEU B 161 43.49 6.34 57.31
C LEU B 161 43.20 7.78 56.90
N GLU B 162 42.66 7.99 55.70
CA GLU B 162 42.27 9.33 55.31
C GLU B 162 41.03 9.78 56.06
N LEU B 163 40.08 8.86 56.25
CA LEU B 163 38.79 9.25 56.80
C LEU B 163 38.91 9.61 58.28
N LEU B 164 39.84 9.00 58.97
CA LEU B 164 40.05 9.28 60.38
C LEU B 164 40.47 10.73 60.61
N LYS B 165 41.15 11.34 59.63
CA LYS B 165 41.42 12.77 59.68
C LYS B 165 40.16 13.57 59.95
N TYR B 166 39.05 13.15 59.34
CA TYR B 166 37.79 13.86 59.44
C TYR B 166 36.82 13.24 60.42
N HIS B 167 36.90 11.94 60.65
CA HIS B 167 35.84 11.16 61.28
C HIS B 167 36.33 10.56 62.58
N GLN B 168 35.63 10.85 63.67
CA GLN B 168 36.06 10.36 64.97
C GLN B 168 36.02 8.84 65.03
N ARG B 169 34.94 8.25 64.50
CA ARG B 169 34.74 6.81 64.50
C ARG B 169 34.35 6.35 63.11
N VAL B 170 35.15 5.46 62.54
CA VAL B 170 34.90 4.88 61.23
C VAL B 170 34.53 3.42 61.45
N LEU B 171 33.41 3.00 60.89
CA LEU B 171 33.02 1.61 60.92
C LEU B 171 33.48 0.91 59.65
N TYR B 172 34.14 -0.23 59.81
CA TYR B 172 34.42 -1.15 58.72
C TYR B 172 33.57 -2.38 58.90
N ILE B 173 33.09 -2.91 57.80
CA ILE B 173 32.26 -4.11 57.77
C ILE B 173 32.83 -5.01 56.68
N ASP B 174 32.59 -6.31 56.80
CA ASP B 174 33.09 -7.26 55.82
C ASP B 174 32.06 -8.36 55.63
N ILE B 175 31.49 -8.43 54.44
CA ILE B 175 30.62 -9.53 54.06
C ILE B 175 31.42 -10.73 53.56
N ASP B 176 32.68 -10.52 53.13
CA ASP B 176 33.42 -11.51 52.36
C ASP B 176 33.53 -12.81 53.13
N ILE B 177 33.40 -13.91 52.38
CA ILE B 177 33.43 -15.22 53.01
C ILE B 177 34.80 -15.48 53.64
N HIS B 178 35.84 -14.80 53.17
CA HIS B 178 37.13 -14.78 53.83
C HIS B 178 37.16 -13.71 54.92
N HIS B 179 37.82 -14.02 56.03
CA HIS B 179 37.88 -13.08 57.14
C HIS B 179 38.79 -11.91 56.79
N GLY B 180 38.37 -10.71 57.20
CA GLY B 180 39.15 -9.50 56.96
C GLY B 180 40.25 -9.31 57.98
N ASP B 181 41.22 -10.20 57.97
CA ASP B 181 42.31 -10.11 58.94
C ASP B 181 43.24 -8.93 58.66
N GLY B 182 43.42 -8.57 57.39
CA GLY B 182 44.34 -7.49 57.06
C GLY B 182 43.92 -6.17 57.65
N VAL B 183 42.66 -5.78 57.41
CA VAL B 183 42.13 -4.57 58.01
C VAL B 183 42.02 -4.73 59.52
N GLU B 184 41.64 -5.93 59.98
CA GLU B 184 41.53 -6.19 61.41
C GLU B 184 42.88 -5.99 62.09
N GLU B 185 43.91 -6.65 61.57
CA GLU B 185 45.25 -6.49 62.10
C GLU B 185 45.70 -5.04 62.01
N ALA B 186 45.30 -4.35 60.94
CA ALA B 186 45.79 -3.01 60.70
C ALA B 186 45.09 -1.98 61.58
N PHE B 187 44.11 -2.40 62.38
CA PHE B 187 43.46 -1.53 63.35
C PHE B 187 43.16 -2.28 64.65
N TYR B 188 44.01 -3.23 65.01
CA TYR B 188 43.66 -4.17 66.06
C TYR B 188 43.63 -3.53 67.44
N THR B 189 44.42 -2.47 67.66
CA THR B 189 44.54 -1.83 68.96
C THR B 189 44.11 -0.38 68.94
N THR B 190 43.14 -0.01 68.10
CA THR B 190 42.54 1.30 68.10
C THR B 190 41.03 1.17 68.28
N ASP B 191 40.51 1.94 69.24
CA ASP B 191 39.07 2.02 69.47
C ASP B 191 38.35 2.80 68.38
N ARG B 192 39.06 3.65 67.64
CA ARG B 192 38.43 4.52 66.66
C ARG B 192 37.88 3.76 65.46
N VAL B 193 38.36 2.54 65.22
CA VAL B 193 38.02 1.77 64.04
C VAL B 193 37.49 0.43 64.50
N MET B 194 36.21 0.17 64.23
CA MET B 194 35.57 -1.10 64.55
C MET B 194 35.58 -1.98 63.30
N THR B 195 36.09 -3.20 63.45
CA THR B 195 36.17 -4.16 62.36
C THR B 195 35.28 -5.33 62.70
N VAL B 196 34.17 -5.45 61.98
CA VAL B 196 33.25 -6.57 62.09
C VAL B 196 33.46 -7.45 60.87
N SER B 197 33.34 -8.76 61.06
CA SER B 197 33.63 -9.70 59.99
C SER B 197 32.78 -10.95 60.16
N PHE B 198 31.99 -11.25 59.13
CA PHE B 198 31.18 -12.46 59.07
C PHE B 198 31.84 -13.34 58.02
N HIS B 199 32.04 -14.61 58.34
CA HIS B 199 32.89 -15.42 57.49
C HIS B 199 32.78 -16.88 57.92
N LYS B 200 32.99 -17.75 56.94
CA LYS B 200 33.22 -19.16 57.25
C LYS B 200 34.41 -19.29 58.18
N TYR B 201 34.42 -20.38 58.95
CA TYR B 201 35.53 -20.67 59.84
C TYR B 201 35.69 -22.17 59.97
N GLY B 202 36.94 -22.61 60.12
CA GLY B 202 37.26 -24.02 60.26
C GLY B 202 37.69 -24.64 58.94
N GLU B 203 38.98 -24.96 58.82
CA GLU B 203 39.56 -25.48 57.58
C GLU B 203 39.31 -24.48 56.44
N TYR B 204 39.89 -23.31 56.59
CA TYR B 204 39.58 -22.21 55.70
C TYR B 204 40.55 -21.06 55.93
N PHE B 205 40.85 -20.36 54.87
CA PHE B 205 41.75 -19.22 54.87
C PHE B 205 41.02 -17.97 55.37
N PRO B 206 41.68 -17.09 56.16
CA PRO B 206 43.04 -17.13 56.69
C PRO B 206 43.11 -17.84 58.04
N GLY B 207 42.14 -18.72 58.29
CA GLY B 207 42.02 -19.38 59.57
C GLY B 207 41.60 -18.48 60.72
N THR B 208 41.33 -17.21 60.46
CA THR B 208 41.21 -16.19 61.48
C THR B 208 39.75 -15.81 61.72
N GLY B 209 39.56 -15.01 62.76
CA GLY B 209 38.28 -14.41 63.03
C GLY B 209 37.34 -15.31 63.80
N ASP B 210 37.87 -16.07 64.77
CA ASP B 210 37.02 -16.92 65.57
C ASP B 210 36.16 -16.06 66.50
N LEU B 211 35.37 -16.73 67.35
CA LEU B 211 34.53 -16.01 68.29
C LEU B 211 35.38 -15.18 69.26
N ARG B 212 36.54 -15.69 69.63
CA ARG B 212 37.34 -15.08 70.69
C ARG B 212 38.32 -14.03 70.17
N ASP B 213 38.42 -13.84 68.86
CA ASP B 213 39.24 -12.76 68.31
C ASP B 213 38.50 -11.46 68.59
N ILE B 214 38.87 -10.79 69.68
CA ILE B 214 38.12 -9.65 70.20
C ILE B 214 38.87 -8.33 70.00
N GLY B 215 40.19 -8.34 69.99
CA GLY B 215 40.97 -7.13 69.92
C GLY B 215 42.03 -7.11 71.00
N ALA B 216 42.67 -5.97 71.21
CA ALA B 216 43.73 -5.89 72.20
C ALA B 216 43.96 -4.45 72.59
N GLY B 217 44.33 -4.24 73.85
CA GLY B 217 44.66 -2.92 74.33
C GLY B 217 43.47 -1.99 74.22
N LYS B 218 43.71 -0.82 73.62
CA LYS B 218 42.62 0.10 73.33
C LYS B 218 41.60 -0.53 72.38
N GLY B 219 42.08 -1.30 71.41
CA GLY B 219 41.21 -1.89 70.42
C GLY B 219 40.46 -3.12 70.88
N LYS B 220 40.59 -3.53 72.13
CA LYS B 220 39.78 -4.64 72.63
C LYS B 220 38.32 -4.22 72.71
N TYR B 221 37.44 -5.16 72.38
CA TYR B 221 36.02 -4.91 72.19
C TYR B 221 35.75 -3.94 71.06
N TYR B 222 36.66 -3.89 70.08
CA TYR B 222 36.44 -3.15 68.84
C TYR B 222 36.82 -3.98 67.62
N ALA B 223 36.93 -5.29 67.77
CA ALA B 223 37.17 -6.21 66.65
C ALA B 223 36.20 -7.36 66.83
N VAL B 224 35.01 -7.17 66.33
CA VAL B 224 33.97 -8.19 66.38
C VAL B 224 34.28 -9.24 65.33
N ASN B 225 33.84 -10.47 65.59
CA ASN B 225 33.95 -11.52 64.61
C ASN B 225 32.76 -12.45 64.77
N TYR B 226 32.55 -13.27 63.75
CA TYR B 226 31.35 -14.09 63.64
C TYR B 226 31.65 -15.26 62.72
N PRO B 227 32.29 -16.31 63.22
CA PRO B 227 32.58 -17.46 62.36
C PRO B 227 31.31 -18.16 61.92
N LEU B 228 31.46 -19.01 60.90
CA LEU B 228 30.31 -19.66 60.27
C LEU B 228 30.73 -21.01 59.69
N ARG B 229 29.72 -21.81 59.35
CA ARG B 229 29.90 -23.08 58.67
C ARG B 229 29.34 -22.96 57.24
N ASP B 230 29.34 -24.07 56.51
CA ASP B 230 28.88 -24.08 55.13
C ASP B 230 27.38 -23.79 55.02
N GLY B 231 27.00 -23.23 53.88
CA GLY B 231 25.62 -23.27 53.42
C GLY B 231 24.67 -22.33 54.11
N ILE B 232 25.12 -21.13 54.48
CA ILE B 232 24.21 -20.17 55.11
C ILE B 232 23.24 -19.65 54.05
N ASP B 233 21.99 -19.46 54.46
CA ASP B 233 20.96 -18.93 53.58
C ASP B 233 20.89 -17.41 53.71
N ASP B 234 20.14 -16.81 52.78
CA ASP B 234 19.84 -15.39 52.89
C ASP B 234 18.99 -15.12 54.14
N GLU B 235 18.06 -16.02 54.43
CA GLU B 235 17.16 -15.82 55.58
C GLU B 235 17.93 -15.87 56.88
N SER B 236 18.79 -16.88 57.03
CA SER B 236 19.66 -16.96 58.19
C SER B 236 20.51 -15.71 58.30
N TYR B 237 21.24 -15.40 57.22
CA TYR B 237 22.19 -14.29 57.22
C TYR B 237 21.49 -12.98 57.57
N GLU B 238 20.29 -12.76 57.03
CA GLU B 238 19.55 -11.55 57.35
C GLU B 238 19.17 -11.53 58.82
N ALA B 239 18.70 -12.66 59.34
CA ALA B 239 18.26 -12.78 60.72
C ALA B 239 19.38 -12.57 61.72
N ILE B 240 20.64 -12.57 61.28
CA ILE B 240 21.80 -12.40 62.14
C ILE B 240 22.56 -11.14 61.83
N PHE B 241 22.41 -10.61 60.61
CA PHE B 241 23.08 -9.39 60.18
C PHE B 241 22.44 -8.15 60.78
N LYS B 242 21.16 -7.95 60.48
CA LYS B 242 20.46 -6.74 60.93
C LYS B 242 20.47 -6.55 62.45
N PRO B 243 20.16 -7.56 63.27
CA PRO B 243 20.20 -7.35 64.73
C PRO B 243 21.56 -6.88 65.21
N VAL B 244 22.61 -7.50 64.70
CA VAL B 244 23.96 -7.16 65.10
C VAL B 244 24.27 -5.72 64.74
N MET B 245 24.20 -5.40 63.45
CA MET B 245 24.59 -4.08 62.96
C MET B 245 23.76 -2.98 63.62
N SER B 246 22.52 -3.28 63.96
CA SER B 246 21.72 -2.34 64.73
C SER B 246 22.39 -2.02 66.05
N LYS B 247 22.86 -3.04 66.75
CA LYS B 247 23.53 -2.84 68.02
C LYS B 247 24.87 -2.16 67.83
N VAL B 248 25.57 -2.48 66.74
CA VAL B 248 26.84 -1.83 66.46
C VAL B 248 26.63 -0.33 66.26
N MET B 249 25.66 0.02 65.42
CA MET B 249 25.30 1.42 65.26
C MET B 249 24.81 2.00 66.57
N GLU B 250 24.11 1.19 67.36
CA GLU B 250 23.67 1.64 68.67
C GLU B 250 24.85 1.93 69.58
N MET B 251 25.90 1.12 69.48
CA MET B 251 27.02 1.21 70.41
C MET B 251 28.18 2.00 69.81
N PHE B 252 28.71 1.55 68.67
CA PHE B 252 29.88 2.18 68.10
C PHE B 252 29.61 3.61 67.66
N GLN B 253 28.44 3.87 67.11
CA GLN B 253 28.05 5.22 66.68
C GLN B 253 29.08 5.82 65.74
N PRO B 254 29.38 5.17 64.61
CA PRO B 254 30.35 5.72 63.68
C PRO B 254 29.81 6.97 63.00
N SER B 255 30.74 7.72 62.40
CA SER B 255 30.41 8.87 61.57
C SER B 255 30.73 8.63 60.11
N ALA B 256 31.16 7.41 59.75
CA ALA B 256 31.42 7.06 58.36
C ALA B 256 31.63 5.55 58.27
N VAL B 257 31.06 4.94 57.24
CA VAL B 257 31.06 3.48 57.07
C VAL B 257 31.96 3.11 55.90
N VAL B 258 32.57 1.95 55.99
CA VAL B 258 33.25 1.31 54.88
C VAL B 258 32.74 -0.11 54.82
N LEU B 259 31.92 -0.41 53.82
CA LEU B 259 31.43 -1.75 53.60
C LEU B 259 32.27 -2.39 52.51
N GLN B 260 32.82 -3.56 52.82
CA GLN B 260 33.45 -4.42 51.83
C GLN B 260 32.40 -5.41 51.33
N CYS B 261 32.09 -5.34 50.05
CA CYS B 261 31.05 -6.16 49.44
C CYS B 261 31.63 -7.42 48.81
N GLY B 262 32.20 -8.27 49.66
CA GLY B 262 32.74 -9.53 49.19
C GLY B 262 31.68 -10.40 48.55
N SER B 263 31.89 -10.73 47.27
CA SER B 263 30.92 -11.47 46.48
C SER B 263 31.14 -12.97 46.53
N ASP B 264 32.32 -13.43 46.92
CA ASP B 264 32.60 -14.85 47.03
C ASP B 264 31.74 -15.57 48.07
N SER B 265 31.07 -14.83 48.95
CA SER B 265 30.08 -15.41 49.85
C SER B 265 28.77 -15.78 49.14
N LEU B 266 28.67 -15.53 47.84
CA LEU B 266 27.49 -15.90 47.09
C LEU B 266 27.41 -17.41 46.89
N SER B 267 26.25 -17.87 46.44
CA SER B 267 26.07 -19.26 46.07
C SER B 267 26.75 -19.55 44.74
N GLY B 268 27.28 -20.77 44.61
CA GLY B 268 27.92 -21.18 43.38
C GLY B 268 29.24 -20.51 43.10
N ASP B 269 29.94 -20.05 44.13
CA ASP B 269 31.26 -19.49 43.96
C ASP B 269 32.28 -20.61 43.71
N ARG B 270 33.33 -20.27 42.96
CA ARG B 270 34.41 -21.24 42.72
C ARG B 270 35.06 -21.65 44.02
N LEU B 271 35.51 -20.67 44.81
CA LEU B 271 36.19 -20.92 46.08
C LEU B 271 35.25 -20.86 47.27
N GLY B 272 34.25 -19.99 47.22
CA GLY B 272 33.33 -19.85 48.33
C GLY B 272 32.36 -21.00 48.42
N CYS B 273 31.95 -21.29 49.65
CA CYS B 273 30.99 -22.34 49.96
C CYS B 273 29.94 -21.81 50.91
N PHE B 274 29.34 -20.68 50.55
CA PHE B 274 28.10 -20.18 51.12
C PHE B 274 27.00 -20.30 50.09
N ASN B 275 25.76 -20.05 50.52
CA ASN B 275 24.58 -20.26 49.69
C ASN B 275 23.69 -19.03 49.63
N LEU B 276 24.29 -17.87 49.39
CA LEU B 276 23.55 -16.61 49.33
C LEU B 276 23.17 -16.27 47.89
N THR B 277 22.16 -15.42 47.75
CA THR B 277 21.73 -14.88 46.47
C THR B 277 22.18 -13.43 46.33
N ILE B 278 21.94 -12.87 45.13
CA ILE B 278 22.17 -11.44 44.93
C ILE B 278 21.28 -10.65 45.89
N LYS B 279 20.04 -11.10 46.07
CA LYS B 279 19.07 -10.36 46.86
C LYS B 279 19.52 -10.26 48.31
N GLY B 280 19.88 -11.39 48.92
CA GLY B 280 20.29 -11.37 50.30
C GLY B 280 21.61 -10.63 50.50
N HIS B 281 22.57 -10.87 49.61
CA HIS B 281 23.84 -10.16 49.67
C HIS B 281 23.62 -8.66 49.56
N ALA B 282 22.66 -8.26 48.73
CA ALA B 282 22.40 -6.85 48.50
C ALA B 282 21.53 -6.25 49.61
N LYS B 283 20.65 -7.06 50.19
CA LYS B 283 19.80 -6.60 51.28
C LYS B 283 20.62 -6.04 52.42
N CYS B 284 21.79 -6.61 52.66
CA CYS B 284 22.75 -6.02 53.58
C CYS B 284 23.09 -4.59 53.17
N VAL B 285 23.43 -4.41 51.88
CA VAL B 285 23.86 -3.10 51.41
C VAL B 285 22.71 -2.11 51.52
N GLU B 286 21.47 -2.59 51.36
CA GLU B 286 20.32 -1.74 51.63
C GLU B 286 20.28 -1.32 53.09
N PHE B 287 20.48 -2.28 53.99
CA PHE B 287 20.32 -2.01 55.40
C PHE B 287 21.32 -0.98 55.90
N VAL B 288 22.56 -1.08 55.43
CA VAL B 288 23.58 -0.12 55.84
C VAL B 288 23.26 1.25 55.25
N LYS B 289 22.77 1.26 54.01
CA LYS B 289 22.41 2.48 53.32
C LYS B 289 21.30 3.19 54.08
N SER B 290 20.42 2.38 54.68
CA SER B 290 19.30 2.93 55.44
C SER B 290 19.76 3.84 56.56
N PHE B 291 20.93 3.59 57.13
CA PHE B 291 21.42 4.36 58.27
C PHE B 291 21.93 5.71 57.90
N ASN B 292 22.20 5.98 56.63
CA ASN B 292 22.44 7.33 56.16
C ASN B 292 23.69 7.94 56.79
N LEU B 293 24.84 7.32 56.51
CA LEU B 293 26.15 7.87 56.83
C LEU B 293 26.93 8.10 55.54
N PRO B 294 28.02 8.87 55.58
CA PRO B 294 28.96 8.86 54.46
C PRO B 294 29.48 7.45 54.22
N MET B 295 29.40 7.01 52.97
CA MET B 295 29.52 5.60 52.63
C MET B 295 30.60 5.36 51.58
N LEU B 296 31.20 4.18 51.64
CA LEU B 296 32.18 3.75 50.65
C LEU B 296 32.03 2.24 50.47
N MET B 297 31.45 1.84 49.34
CA MET B 297 31.30 0.42 49.03
C MET B 297 32.45 -0.03 48.15
N LEU B 298 33.12 -1.09 48.56
CA LEU B 298 34.20 -1.68 47.78
C LEU B 298 33.82 -3.10 47.37
N GLY B 299 34.67 -3.67 46.52
CA GLY B 299 34.50 -5.04 46.09
C GLY B 299 35.33 -5.99 46.93
N GLY B 300 36.10 -6.84 46.28
CA GLY B 300 36.95 -7.80 46.93
C GLY B 300 36.84 -9.14 46.25
N GLY B 301 36.75 -10.18 47.06
CA GLY B 301 36.67 -11.53 46.54
C GLY B 301 35.42 -11.74 45.69
N GLY B 302 35.40 -12.89 45.03
CA GLY B 302 34.39 -13.24 44.06
C GLY B 302 35.05 -13.86 42.86
N TYR B 303 34.68 -15.08 42.49
CA TYR B 303 35.46 -15.87 41.55
C TYR B 303 34.61 -16.57 40.50
N THR B 304 33.29 -16.68 40.70
CA THR B 304 32.36 -16.98 39.60
C THR B 304 31.93 -15.63 39.04
N ILE B 305 32.76 -15.13 38.13
CA ILE B 305 32.73 -13.72 37.73
C ILE B 305 31.40 -13.35 37.09
N ARG B 306 30.71 -14.32 36.48
CA ARG B 306 29.39 -14.05 35.90
C ARG B 306 28.43 -13.55 36.96
N ASN B 307 28.59 -14.02 38.20
CA ASN B 307 27.71 -13.59 39.28
C ASN B 307 28.29 -12.40 40.03
N VAL B 308 29.61 -12.26 40.02
CA VAL B 308 30.23 -11.04 40.55
C VAL B 308 29.71 -9.84 39.78
N ALA B 309 29.64 -9.98 38.46
CA ALA B 309 29.08 -8.93 37.61
C ALA B 309 27.64 -8.64 38.01
N ARG B 310 26.83 -9.69 38.12
CA ARG B 310 25.44 -9.54 38.52
C ARG B 310 25.34 -8.89 39.89
N CYS B 311 26.26 -9.27 40.79
CA CYS B 311 26.20 -8.81 42.16
C CYS B 311 26.52 -7.32 42.27
N TRP B 312 27.73 -6.95 41.85
CA TRP B 312 28.19 -5.58 42.00
C TRP B 312 27.38 -4.62 41.16
N THR B 313 26.82 -5.09 40.06
CA THR B 313 25.90 -4.27 39.27
C THR B 313 24.65 -3.94 40.08
N TYR B 314 23.94 -4.96 40.54
CA TYR B 314 22.71 -4.75 41.29
C TYR B 314 22.94 -3.88 42.51
N GLU B 315 23.99 -4.19 43.28
CA GLU B 315 24.31 -3.42 44.48
C GLU B 315 24.53 -1.95 44.19
N THR B 316 25.04 -1.63 43.00
CA THR B 316 25.15 -0.24 42.60
C THR B 316 23.77 0.40 42.51
N ALA B 317 22.81 -0.31 41.90
CA ALA B 317 21.45 0.19 41.80
C ALA B 317 20.85 0.46 43.16
N VAL B 318 21.27 -0.31 44.17
CA VAL B 318 20.74 -0.12 45.51
C VAL B 318 21.28 1.17 46.11
N ALA B 319 22.57 1.44 45.88
CA ALA B 319 23.13 2.73 46.28
C ALA B 319 22.43 3.89 45.58
N LEU B 320 21.88 3.64 44.40
CA LEU B 320 21.11 4.62 43.66
C LEU B 320 19.61 4.52 43.91
N ASP B 321 19.17 3.53 44.70
CA ASP B 321 17.78 3.21 44.98
C ASP B 321 16.87 3.33 43.77
N THR B 322 17.32 2.76 42.64
CA THR B 322 16.52 2.61 41.43
C THR B 322 16.27 1.14 41.18
N GLU B 323 15.28 0.87 40.33
CA GLU B 323 14.94 -0.49 39.94
C GLU B 323 15.59 -0.83 38.61
N ILE B 324 15.84 -2.12 38.41
CA ILE B 324 16.36 -2.63 37.15
C ILE B 324 15.71 -3.99 36.92
N PRO B 325 15.35 -4.38 35.70
CA PRO B 325 14.75 -5.71 35.52
C PRO B 325 15.75 -6.83 35.75
N GLU B 327 15.76 -9.07 33.55
CA GLU B 327 16.17 -9.24 32.17
C GLU B 327 17.48 -8.50 31.91
N LEU B 328 18.55 -9.25 31.69
CA LEU B 328 19.84 -8.62 31.45
C LEU B 328 19.84 -7.96 30.07
N PRO B 329 20.12 -6.65 29.97
CA PRO B 329 20.16 -6.03 28.64
C PRO B 329 21.39 -6.47 27.88
N TYR B 330 21.46 -6.05 26.62
CA TYR B 330 22.59 -6.44 25.79
C TYR B 330 23.84 -5.64 26.17
N ASN B 331 24.98 -6.29 26.03
CA ASN B 331 26.27 -5.68 26.33
C ASN B 331 27.34 -6.52 25.65
N ASP B 332 28.60 -6.12 25.85
CA ASP B 332 29.70 -6.84 25.24
C ASP B 332 29.78 -8.27 25.75
N TYR B 333 29.69 -8.45 27.07
CA TYR B 333 29.82 -9.75 27.72
C TYR B 333 28.47 -10.40 28.00
N PHE B 334 27.45 -10.08 27.18
CA PHE B 334 26.13 -10.67 27.39
C PHE B 334 26.18 -12.19 27.31
N GLU B 335 27.08 -12.73 26.49
CA GLU B 335 27.13 -14.16 26.26
C GLU B 335 27.76 -14.91 27.42
N TYR B 336 28.41 -14.20 28.34
CA TYR B 336 28.94 -14.84 29.54
C TYR B 336 27.83 -15.45 30.38
N PHE B 337 26.65 -14.85 30.38
CA PHE B 337 25.67 -15.05 31.44
C PHE B 337 24.73 -16.21 31.10
N GLY B 338 25.35 -17.39 31.00
CA GLY B 338 24.63 -18.65 30.94
C GLY B 338 23.61 -18.70 29.81
N PRO B 339 22.74 -19.71 29.87
CA PRO B 339 21.57 -19.71 28.97
C PRO B 339 20.47 -18.79 29.45
N ASP B 340 20.45 -18.45 30.75
CA ASP B 340 19.33 -17.69 31.31
C ASP B 340 19.45 -16.21 31.00
N PHE B 341 20.64 -15.64 31.14
CA PHE B 341 20.83 -14.20 31.01
C PHE B 341 19.91 -13.45 31.97
N LYS B 342 20.00 -13.82 33.25
CA LYS B 342 19.22 -13.21 34.31
C LYS B 342 20.14 -12.67 35.40
N LEU B 343 19.64 -11.64 36.07
CA LEU B 343 20.40 -11.02 37.15
C LEU B 343 20.46 -11.92 38.37
N HIS B 344 19.31 -12.40 38.82
CA HIS B 344 19.21 -13.05 40.11
C HIS B 344 19.63 -14.50 40.04
N ILE B 345 20.22 -14.97 41.14
CA ILE B 345 20.55 -16.39 41.32
C ILE B 345 19.65 -16.94 42.41
N SER B 346 19.49 -18.25 42.42
CA SER B 346 18.78 -18.96 43.46
C SER B 346 19.77 -19.78 44.28
N PRO B 347 19.45 -20.09 45.54
CA PRO B 347 20.37 -20.90 46.33
C PRO B 347 20.32 -22.37 45.91
N SER B 348 21.35 -23.09 46.30
CA SER B 348 21.50 -24.49 45.93
C SER B 348 20.76 -25.39 46.93
N ASN B 349 20.75 -26.69 46.62
CA ASN B 349 20.28 -27.70 47.57
C ASN B 349 21.31 -28.01 48.65
N MET B 350 22.44 -27.30 48.65
CA MET B 350 23.46 -27.40 49.69
C MET B 350 22.85 -27.28 51.08
N THR B 351 23.46 -27.98 52.04
CA THR B 351 22.96 -28.05 53.40
C THR B 351 23.48 -26.90 54.26
N ASN B 352 22.61 -26.32 55.08
CA ASN B 352 23.00 -25.28 56.02
C ASN B 352 23.41 -25.95 57.33
N GLN B 353 24.71 -25.98 57.59
CA GLN B 353 25.23 -26.56 58.83
C GLN B 353 25.19 -25.59 60.00
N ASN B 354 24.54 -24.45 59.86
CA ASN B 354 24.47 -23.43 60.90
C ASN B 354 23.14 -23.59 61.64
N THR B 355 23.13 -24.46 62.64
CA THR B 355 21.92 -24.71 63.41
C THR B 355 21.55 -23.49 64.24
N ASN B 356 20.25 -23.35 64.49
CA ASN B 356 19.73 -22.19 65.22
C ASN B 356 20.38 -22.06 66.59
N GLU B 357 20.65 -23.20 67.24
CA GLU B 357 21.31 -23.16 68.55
C GLU B 357 22.71 -22.56 68.43
N TYR B 358 23.48 -23.00 67.44
CA TYR B 358 24.83 -22.50 67.27
C TYR B 358 24.82 -21.01 66.96
N LEU B 359 23.82 -20.55 66.23
CA LEU B 359 23.70 -19.14 65.92
C LEU B 359 23.27 -18.34 67.14
N GLU B 360 22.29 -18.85 67.88
CA GLU B 360 21.79 -18.13 69.04
C GLU B 360 22.80 -18.08 70.16
N LYS B 361 23.63 -19.12 70.30
CA LYS B 361 24.71 -19.10 71.27
C LYS B 361 25.61 -17.90 71.03
N ILE B 362 26.24 -17.88 69.86
CA ILE B 362 27.26 -16.89 69.54
C ILE B 362 26.66 -15.49 69.57
N LYS B 363 25.40 -15.38 69.16
CA LYS B 363 24.67 -14.12 69.22
C LYS B 363 24.72 -13.53 70.61
N GLN B 364 24.37 -14.35 71.60
CA GLN B 364 24.26 -13.87 72.97
C GLN B 364 25.63 -13.51 73.52
N ARG B 365 26.66 -14.26 73.15
CA ARG B 365 28.03 -13.90 73.52
C ARG B 365 28.37 -12.52 73.02
N LEU B 366 27.97 -12.21 71.79
CA LEU B 366 28.32 -10.94 71.21
C LEU B 366 27.57 -9.80 71.89
N PHE B 367 26.26 -9.99 72.11
CA PHE B 367 25.45 -9.01 72.83
C PHE B 367 26.11 -8.60 74.13
N GLU B 368 26.63 -9.58 74.87
CA GLU B 368 27.35 -9.29 76.09
C GLU B 368 28.55 -8.40 75.83
N ASN B 369 29.33 -8.74 74.79
CA ASN B 369 30.48 -7.93 74.43
C ASN B 369 30.07 -6.51 74.07
N LEU B 370 28.96 -6.38 73.34
CA LEU B 370 28.51 -5.06 72.93
C LEU B 370 27.92 -4.26 74.08
N ARG B 371 27.37 -4.94 75.10
CA ARG B 371 26.82 -4.22 76.24
C ARG B 371 27.92 -3.61 77.09
N MET B 372 29.15 -4.08 76.95
CA MET B 372 30.26 -3.55 77.73
C MET B 372 30.58 -2.10 77.39
N LEU B 373 30.09 -1.59 76.27
CA LEU B 373 30.47 -0.27 75.80
C LEU B 373 29.73 0.82 76.57
N PRO B 374 30.18 2.07 76.49
CA PRO B 374 29.46 3.15 77.16
C PRO B 374 28.19 3.53 76.43
N HIS B 375 27.18 3.91 77.22
CA HIS B 375 25.86 4.27 76.71
C HIS B 375 25.10 4.99 77.83
N ALA B 376 23.81 5.27 77.59
CA ALA B 376 22.95 5.84 78.61
C ALA B 376 21.55 5.25 78.51
N ARG C 8 24.46 -35.88 -28.02
CA ARG C 8 25.51 -35.68 -27.03
C ARG C 8 25.80 -36.99 -26.28
N ARG C 9 26.93 -37.02 -25.57
CA ARG C 9 27.43 -38.27 -25.02
C ARG C 9 26.76 -38.57 -23.69
N LYS C 10 26.49 -39.86 -23.45
CA LYS C 10 25.94 -40.31 -22.18
C LYS C 10 27.07 -40.49 -21.18
N VAL C 11 26.82 -40.09 -19.95
CA VAL C 11 27.82 -40.08 -18.88
C VAL C 11 27.29 -40.89 -17.72
N CYS C 12 28.13 -41.76 -17.18
CA CYS C 12 27.83 -42.53 -15.97
C CYS C 12 28.81 -42.14 -14.88
N TYR C 13 28.28 -41.73 -13.74
CA TYR C 13 29.07 -41.25 -12.62
C TYR C 13 28.94 -42.22 -11.46
N TYR C 14 30.04 -42.45 -10.76
CA TYR C 14 30.12 -43.41 -9.67
C TYR C 14 30.59 -42.69 -8.42
N TYR C 15 29.98 -43.01 -7.28
CA TYR C 15 30.36 -42.35 -6.05
C TYR C 15 29.81 -43.09 -4.84
N ASP C 16 30.62 -43.18 -3.81
CA ASP C 16 30.24 -43.68 -2.50
C ASP C 16 30.73 -42.68 -1.47
N GLY C 17 29.93 -42.44 -0.43
CA GLY C 17 30.16 -41.30 0.44
C GLY C 17 31.22 -41.53 1.50
N ASP C 18 31.46 -42.78 1.87
CA ASP C 18 32.47 -43.06 2.89
C ASP C 18 33.88 -42.71 2.40
N VAL C 19 34.05 -42.56 1.07
CA VAL C 19 35.35 -42.26 0.50
C VAL C 19 35.91 -40.97 1.08
N GLY C 20 35.09 -39.93 1.19
CA GLY C 20 35.58 -38.66 1.72
C GLY C 20 35.91 -38.69 3.20
N ASN C 21 35.53 -39.76 3.90
CA ASN C 21 35.72 -39.85 5.33
C ASN C 21 36.95 -40.65 5.73
N TYR C 22 37.41 -41.58 4.89
CA TYR C 22 38.66 -42.27 5.16
C TYR C 22 39.80 -41.26 5.21
N TYR C 23 40.74 -41.49 6.11
CA TYR C 23 41.78 -40.52 6.45
C TYR C 23 43.14 -41.19 6.46
N TYR C 24 44.08 -40.59 5.72
CA TYR C 24 45.41 -41.18 5.60
C TYR C 24 46.22 -41.04 6.88
N GLY C 25 46.21 -39.86 7.48
CA GLY C 25 47.00 -39.57 8.66
C GLY C 25 47.42 -38.12 8.72
N GLN C 26 48.12 -37.77 9.80
CA GLN C 26 48.59 -36.40 9.98
C GLN C 26 49.47 -35.95 8.82
N GLY C 27 49.29 -34.69 8.42
CA GLY C 27 50.16 -34.04 7.46
C GLY C 27 50.28 -34.72 6.12
N HIS C 28 49.46 -35.73 5.84
CA HIS C 28 49.65 -36.52 4.64
C HIS C 28 48.98 -35.81 3.46
N PRO C 29 49.68 -35.59 2.34
CA PRO C 29 49.11 -34.72 1.31
C PRO C 29 47.88 -35.34 0.64
N MET C 30 47.81 -36.66 0.62
CA MET C 30 46.62 -37.34 0.11
C MET C 30 45.50 -37.20 1.11
N LYS C 31 44.39 -36.62 0.65
CA LYS C 31 43.20 -36.39 1.47
C LYS C 31 41.98 -36.79 0.66
N PRO C 32 41.39 -37.96 0.89
CA PRO C 32 40.25 -38.40 0.06
C PRO C 32 39.01 -37.51 0.18
N HIS C 33 38.97 -36.60 1.15
CA HIS C 33 37.83 -35.70 1.31
C HIS C 33 37.59 -34.84 0.07
N ARG C 34 38.62 -34.61 -0.74
CA ARG C 34 38.49 -33.82 -1.96
C ARG C 34 37.40 -34.37 -2.89
N ILE C 35 37.24 -35.69 -2.95
CA ILE C 35 36.29 -36.29 -3.86
C ILE C 35 34.87 -35.95 -3.43
N ARG C 36 34.66 -35.86 -2.11
CA ARG C 36 33.35 -35.47 -1.58
C ARG C 36 33.01 -34.04 -1.98
N MET C 37 34.00 -33.14 -1.93
CA MET C 37 33.78 -31.76 -2.36
C MET C 37 33.31 -31.70 -3.80
N THR C 38 34.02 -32.40 -4.69
CA THR C 38 33.62 -32.50 -6.09
C THR C 38 32.17 -32.95 -6.19
N HIS C 39 31.84 -34.03 -5.49
CA HIS C 39 30.48 -34.56 -5.50
C HIS C 39 29.45 -33.54 -5.08
N ASN C 40 29.84 -32.62 -4.19
CA ASN C 40 28.91 -31.59 -3.74
C ASN C 40 28.79 -30.45 -4.75
N LEU C 41 29.84 -30.24 -5.55
CA LEU C 41 29.84 -29.11 -6.48
C LEU C 41 29.15 -29.48 -7.79
N LEU C 42 29.41 -30.68 -8.30
CA LEU C 42 28.66 -31.23 -9.43
C LEU C 42 27.17 -31.09 -9.18
N LEU C 43 26.76 -31.34 -7.95
CA LEU C 43 25.39 -31.25 -7.53
C LEU C 43 24.87 -29.82 -7.63
N ASN C 44 25.46 -28.90 -6.85
CA ASN C 44 24.99 -27.53 -6.78
C ASN C 44 25.14 -26.78 -8.09
N TYR C 45 26.04 -27.23 -8.95
CA TYR C 45 26.07 -26.81 -10.34
C TYR C 45 24.83 -27.26 -11.11
N GLY C 46 24.15 -28.29 -10.63
CA GLY C 46 23.03 -28.88 -11.35
C GLY C 46 23.39 -29.96 -12.33
N LEU C 47 24.63 -30.47 -12.28
CA LEU C 47 25.08 -31.43 -13.27
C LEU C 47 24.71 -32.86 -12.89
N TYR C 48 24.84 -33.20 -11.60
CA TYR C 48 24.40 -34.46 -11.03
C TYR C 48 23.06 -34.91 -11.60
N ARG C 49 22.15 -33.94 -11.67
CA ARG C 49 20.87 -34.08 -12.35
C ARG C 49 20.95 -34.68 -13.75
N LYS C 50 22.02 -34.39 -14.48
CA LYS C 50 22.04 -34.64 -15.92
C LYS C 50 22.59 -36.01 -16.30
N MET C 51 23.27 -36.72 -15.40
CA MET C 51 24.01 -37.92 -15.74
C MET C 51 23.54 -39.12 -14.94
N GLU C 52 23.98 -40.29 -15.36
CA GLU C 52 23.64 -41.56 -14.72
C GLU C 52 24.53 -41.71 -13.49
N ILE C 53 23.94 -41.62 -12.30
CA ILE C 53 24.69 -41.74 -11.06
C ILE C 53 24.63 -43.19 -10.62
N TYR C 54 25.69 -43.64 -9.95
CA TYR C 54 25.75 -44.98 -9.40
C TYR C 54 26.52 -44.95 -8.07
N ARG C 55 26.11 -45.81 -7.14
CA ARG C 55 27.03 -46.26 -6.11
C ARG C 55 27.79 -47.44 -6.65
N PRO C 56 29.09 -47.59 -6.38
CA PRO C 56 29.76 -48.87 -6.64
C PRO C 56 29.74 -49.76 -5.41
N HIS C 57 29.45 -51.04 -5.61
CA HIS C 57 29.58 -52.02 -4.55
C HIS C 57 31.06 -52.28 -4.28
N LYS C 58 31.33 -52.92 -3.14
CA LYS C 58 32.71 -53.23 -2.77
C LYS C 58 33.30 -54.24 -3.73
N ALA C 59 34.53 -53.97 -4.16
CA ALA C 59 35.30 -54.94 -4.92
C ALA C 59 35.99 -55.88 -3.96
N ASN C 60 35.82 -57.17 -4.17
CA ASN C 60 36.38 -58.18 -3.27
C ASN C 60 37.76 -58.62 -3.75
N ALA C 61 38.44 -59.38 -2.89
CA ALA C 61 39.76 -59.90 -3.21
C ALA C 61 39.73 -60.85 -4.40
N GLU C 62 38.56 -61.37 -4.76
CA GLU C 62 38.39 -62.19 -5.95
C GLU C 62 38.98 -61.50 -7.17
N GLU C 63 38.52 -60.27 -7.42
CA GLU C 63 38.84 -59.56 -8.64
C GLU C 63 40.02 -58.63 -8.47
N MET C 64 40.37 -58.25 -7.24
CA MET C 64 41.62 -57.54 -7.03
C MET C 64 42.83 -58.43 -7.33
N THR C 65 42.71 -59.73 -7.05
CA THR C 65 43.79 -60.67 -7.30
C THR C 65 43.94 -61.04 -8.77
N LYS C 66 43.01 -60.60 -9.63
CA LYS C 66 43.15 -60.86 -11.06
C LYS C 66 44.37 -60.15 -11.66
N TYR C 67 44.97 -59.20 -10.94
CA TYR C 67 46.27 -58.63 -11.27
C TYR C 67 47.29 -58.82 -10.15
N HIS C 68 46.90 -58.58 -8.91
CA HIS C 68 47.84 -58.55 -7.81
C HIS C 68 48.13 -59.96 -7.30
N SER C 69 49.09 -60.03 -6.38
CA SER C 69 49.42 -61.30 -5.75
C SER C 69 48.32 -61.71 -4.78
N ASP C 70 48.11 -63.02 -4.66
CA ASP C 70 47.09 -63.54 -3.76
C ASP C 70 47.38 -63.20 -2.31
N ASP C 71 48.66 -63.09 -1.94
CA ASP C 71 49.06 -62.82 -0.57
C ASP C 71 49.26 -61.34 -0.31
N TYR C 72 49.59 -60.57 -1.34
CA TYR C 72 49.57 -59.11 -1.23
C TYR C 72 48.18 -58.64 -0.82
N ILE C 73 47.15 -59.11 -1.52
CA ILE C 73 45.78 -58.75 -1.17
C ILE C 73 45.42 -59.36 0.18
N LYS C 74 45.90 -60.58 0.44
CA LYS C 74 45.66 -61.21 1.73
C LYS C 74 46.29 -60.40 2.86
N PHE C 75 47.47 -59.84 2.59
CA PHE C 75 48.11 -58.95 3.57
C PHE C 75 47.27 -57.70 3.78
N LEU C 76 46.79 -57.11 2.69
CA LEU C 76 45.98 -55.89 2.79
C LEU C 76 44.68 -56.16 3.54
N ARG C 77 44.05 -57.31 3.26
CA ARG C 77 42.80 -57.65 3.94
C ARG C 77 43.02 -57.88 5.42
N SER C 78 44.23 -58.28 5.81
CA SER C 78 44.49 -58.69 7.19
C SER C 78 45.02 -57.54 8.02
N ILE C 79 45.81 -56.66 7.40
CA ILE C 79 46.52 -55.63 8.15
C ILE C 79 45.53 -54.66 8.78
N ARG C 80 45.89 -54.17 9.97
CA ARG C 80 45.21 -53.06 10.64
C ARG C 80 46.24 -52.32 11.47
N PRO C 81 45.93 -51.13 12.01
CA PRO C 81 46.84 -50.51 12.97
C PRO C 81 46.95 -51.27 14.28
N ASP C 82 45.97 -52.12 14.59
CA ASP C 82 46.00 -52.93 15.80
C ASP C 82 47.15 -53.93 15.72
N ASN C 83 47.22 -54.68 14.63
CA ASN C 83 48.28 -55.67 14.41
C ASN C 83 49.47 -55.10 13.65
N MET C 84 49.71 -53.80 13.81
CA MET C 84 50.74 -53.13 13.01
C MET C 84 52.13 -53.63 13.37
N SER C 85 52.47 -53.67 14.66
CA SER C 85 53.78 -54.15 15.08
C SER C 85 53.96 -55.64 14.84
N GLU C 86 52.86 -56.39 14.78
CA GLU C 86 52.96 -57.83 14.53
C GLU C 86 53.38 -58.11 13.09
N TYR C 87 52.92 -57.29 12.15
CA TYR C 87 53.11 -57.53 10.73
C TYR C 87 54.32 -56.81 10.14
N SER C 88 55.15 -56.17 10.98
CA SER C 88 56.20 -55.27 10.51
C SER C 88 57.17 -55.92 9.55
N LYS C 89 57.36 -57.24 9.66
CA LYS C 89 58.22 -57.95 8.72
C LYS C 89 57.69 -57.83 7.30
N GLN C 90 56.38 -58.08 7.12
CA GLN C 90 55.79 -57.99 5.79
C GLN C 90 55.65 -56.55 5.33
N MET C 91 55.43 -55.61 6.27
CA MET C 91 55.23 -54.21 5.91
C MET C 91 56.39 -53.68 5.10
N GLN C 92 57.61 -54.08 5.44
CA GLN C 92 58.76 -53.67 4.67
C GLN C 92 58.75 -54.30 3.28
N ARG C 93 58.33 -55.57 3.20
CA ARG C 93 58.24 -56.24 1.91
C ARG C 93 57.22 -55.59 1.00
N PHE C 94 56.22 -54.91 1.55
CA PHE C 94 55.11 -54.36 0.79
C PHE C 94 55.06 -52.84 0.78
N ASN C 95 56.15 -52.17 1.19
CA ASN C 95 56.33 -50.72 1.00
C ASN C 95 55.41 -49.89 1.90
N VAL C 96 54.70 -50.51 2.83
CA VAL C 96 53.74 -49.78 3.66
C VAL C 96 54.53 -49.06 4.74
N GLY C 97 54.49 -47.74 4.72
CA GLY C 97 55.29 -46.98 5.66
C GLY C 97 55.27 -45.47 5.49
N GLU C 98 56.47 -44.90 5.42
CA GLU C 98 56.74 -43.46 5.53
C GLU C 98 55.74 -42.57 4.79
N ASP C 99 55.49 -42.84 3.51
CA ASP C 99 54.56 -42.07 2.71
C ASP C 99 53.34 -42.87 2.28
N CYS C 100 53.31 -44.18 2.54
CA CYS C 100 52.14 -45.03 2.35
C CYS C 100 51.73 -45.54 3.73
N PRO C 101 51.06 -44.72 4.55
CA PRO C 101 50.79 -45.13 5.92
C PRO C 101 49.76 -46.24 5.99
N VAL C 102 49.63 -46.80 7.19
CA VAL C 102 48.47 -47.58 7.56
C VAL C 102 47.45 -46.65 8.21
N PHE C 103 46.18 -46.87 7.90
CA PHE C 103 45.12 -46.10 8.53
C PHE C 103 43.85 -46.93 8.55
N ASP C 104 42.96 -46.61 9.48
CA ASP C 104 41.75 -47.41 9.67
C ASP C 104 40.84 -47.26 8.46
N GLY C 105 40.30 -48.39 7.99
CA GLY C 105 39.47 -48.41 6.81
C GLY C 105 40.23 -48.40 5.51
N LEU C 106 41.53 -48.72 5.54
CA LEU C 106 42.36 -48.69 4.35
C LEU C 106 41.84 -49.62 3.26
N PHE C 107 41.57 -50.88 3.61
CA PHE C 107 41.11 -51.82 2.60
C PHE C 107 39.76 -51.42 2.03
N GLU C 108 38.84 -50.98 2.88
CA GLU C 108 37.52 -50.57 2.40
C GLU C 108 37.63 -49.41 1.43
N PHE C 109 38.57 -48.50 1.68
CA PHE C 109 38.83 -47.42 0.74
C PHE C 109 39.24 -47.96 -0.62
N CYS C 110 40.05 -49.02 -0.63
CA CYS C 110 40.48 -49.62 -1.89
C CYS C 110 39.31 -50.26 -2.62
N GLN C 111 38.47 -51.00 -1.90
CA GLN C 111 37.34 -51.68 -2.52
C GLN C 111 36.43 -50.69 -3.23
N LEU C 112 36.31 -49.47 -2.70
CA LEU C 112 35.48 -48.46 -3.32
C LEU C 112 36.15 -47.89 -4.56
N SER C 113 37.42 -47.48 -4.44
CA SER C 113 38.13 -46.91 -5.58
C SER C 113 38.24 -47.91 -6.72
N THR C 114 38.45 -49.19 -6.40
CA THR C 114 38.52 -50.22 -7.40
C THR C 114 37.14 -50.56 -7.95
N GLY C 115 36.15 -50.71 -7.05
CA GLY C 115 34.82 -51.03 -7.49
C GLY C 115 34.22 -49.98 -8.41
N GLY C 116 34.57 -48.72 -8.18
CA GLY C 116 34.07 -47.66 -9.04
C GLY C 116 34.62 -47.75 -10.44
N SER C 117 35.89 -48.14 -10.55
CA SER C 117 36.52 -48.26 -11.87
C SER C 117 36.03 -49.50 -12.60
N VAL C 118 36.03 -50.65 -11.92
CA VAL C 118 35.72 -51.91 -12.59
C VAL C 118 34.26 -51.93 -13.00
N ALA C 119 33.37 -51.38 -12.18
CA ALA C 119 31.99 -51.19 -12.58
C ALA C 119 31.91 -50.39 -13.86
N SER C 120 32.64 -49.28 -13.91
CA SER C 120 32.66 -48.44 -15.11
C SER C 120 33.26 -49.19 -16.29
N ALA C 121 34.22 -50.07 -16.03
CA ALA C 121 34.82 -50.85 -17.11
C ALA C 121 33.79 -51.74 -17.78
N VAL C 122 32.87 -52.29 -16.98
CA VAL C 122 31.87 -53.20 -17.53
C VAL C 122 30.81 -52.41 -18.29
N LYS C 123 30.42 -51.27 -17.73
CA LYS C 123 29.38 -50.43 -18.34
C LYS C 123 29.78 -50.02 -19.74
N LEU C 124 31.05 -49.66 -19.94
CA LEU C 124 31.52 -49.36 -21.29
C LEU C 124 31.61 -50.63 -22.13
N ASN C 125 32.02 -51.74 -21.51
CA ASN C 125 32.05 -53.01 -22.21
C ASN C 125 30.64 -53.43 -22.61
N LYS C 126 29.68 -53.24 -21.72
CA LYS C 126 28.27 -53.50 -22.00
C LYS C 126 27.71 -52.61 -23.10
N GLN C 127 28.42 -51.54 -23.47
CA GLN C 127 27.99 -50.64 -24.52
C GLN C 127 26.74 -49.86 -24.10
N GLN C 128 26.56 -49.68 -22.79
CA GLN C 128 25.44 -48.94 -22.22
C GLN C 128 25.86 -47.58 -21.67
N THR C 129 27.02 -47.08 -22.10
CA THR C 129 27.38 -45.69 -21.87
C THR C 129 28.39 -45.30 -22.94
N ASP C 130 28.67 -44.01 -22.99
CA ASP C 130 29.73 -43.45 -23.83
C ASP C 130 30.91 -42.98 -23.01
N ILE C 131 30.65 -42.40 -21.85
CA ILE C 131 31.67 -41.97 -20.91
C ILE C 131 31.34 -42.58 -19.56
N ALA C 132 32.39 -42.84 -18.79
CA ALA C 132 32.25 -43.19 -17.39
C ALA C 132 33.30 -42.42 -16.61
N VAL C 133 32.97 -42.07 -15.37
CA VAL C 133 33.87 -41.30 -14.52
C VAL C 133 33.91 -41.92 -13.14
N ASN C 134 35.10 -41.96 -12.55
CA ASN C 134 35.30 -42.41 -11.17
C ASN C 134 36.47 -41.59 -10.64
N TRP C 135 36.16 -40.46 -10.02
CA TRP C 135 37.20 -39.60 -9.49
C TRP C 135 37.94 -40.23 -8.32
N ALA C 136 37.33 -41.20 -7.64
CA ALA C 136 38.04 -41.91 -6.60
C ALA C 136 39.19 -42.72 -7.18
N GLY C 137 38.98 -43.27 -8.38
CA GLY C 137 40.02 -44.05 -9.02
C GLY C 137 41.16 -43.19 -9.55
N GLY C 138 42.00 -43.78 -10.39
CA GLY C 138 43.13 -43.08 -10.95
C GLY C 138 44.40 -43.18 -10.15
N LEU C 139 44.54 -44.20 -9.31
CA LEU C 139 45.74 -44.42 -8.51
C LEU C 139 46.66 -45.31 -9.33
N HIS C 140 47.82 -44.76 -9.69
CA HIS C 140 48.61 -45.26 -10.81
C HIS C 140 50.02 -45.69 -10.44
N HIS C 141 50.42 -45.56 -9.17
CA HIS C 141 51.75 -45.98 -8.74
C HIS C 141 51.77 -47.38 -8.15
N ALA C 142 50.62 -48.00 -7.90
CA ALA C 142 50.60 -49.29 -7.25
C ALA C 142 51.19 -50.36 -8.15
N LYS C 143 51.86 -51.33 -7.52
CA LYS C 143 52.54 -52.41 -8.21
C LYS C 143 51.79 -53.71 -7.96
N LYS C 144 52.23 -54.76 -8.64
CA LYS C 144 51.59 -56.07 -8.53
C LYS C 144 51.66 -56.59 -7.10
N SER C 145 52.80 -56.40 -6.43
CA SER C 145 53.09 -57.03 -5.15
C SER C 145 53.53 -56.03 -4.10
N GLU C 146 53.22 -54.75 -4.26
CA GLU C 146 53.61 -53.76 -3.28
C GLU C 146 52.93 -52.43 -3.59
N ALA C 147 52.70 -51.66 -2.53
CA ALA C 147 52.17 -50.32 -2.66
C ALA C 147 53.28 -49.35 -3.05
N SER C 148 52.87 -48.16 -3.50
CA SER C 148 53.84 -47.14 -3.88
C SER C 148 53.11 -45.85 -4.17
N GLY C 149 53.74 -44.73 -3.80
CA GLY C 149 53.27 -43.40 -4.15
C GLY C 149 51.83 -43.13 -3.77
N PHE C 150 51.43 -43.55 -2.57
CA PHE C 150 50.08 -43.45 -2.01
C PHE C 150 49.11 -44.45 -2.63
N CYS C 151 49.51 -45.19 -3.65
CA CYS C 151 48.66 -46.18 -4.30
C CYS C 151 48.89 -47.53 -3.66
N TYR C 152 47.82 -48.29 -3.47
CA TYR C 152 47.88 -49.63 -2.89
C TYR C 152 47.34 -50.69 -3.83
N VAL C 153 46.24 -50.41 -4.52
CA VAL C 153 45.70 -51.28 -5.56
C VAL C 153 45.62 -50.45 -6.83
N ASN C 154 46.12 -51.01 -7.93
CA ASN C 154 46.05 -50.36 -9.24
C ASN C 154 44.74 -50.74 -9.91
N ASP C 155 43.70 -49.98 -9.56
CA ASP C 155 42.40 -50.13 -10.20
C ASP C 155 42.48 -49.92 -11.70
N ILE C 156 43.41 -49.07 -12.15
CA ILE C 156 43.48 -48.71 -13.56
C ILE C 156 43.74 -49.95 -14.40
N VAL C 157 44.73 -50.75 -13.98
CA VAL C 157 44.99 -52.03 -14.62
C VAL C 157 43.75 -52.89 -14.58
N LEU C 158 43.25 -53.15 -13.37
CA LEU C 158 42.08 -54.01 -13.16
C LEU C 158 40.90 -53.56 -14.00
N ALA C 159 40.74 -52.24 -14.17
CA ALA C 159 39.80 -51.73 -15.14
C ALA C 159 40.19 -52.14 -16.55
N ILE C 160 41.45 -51.91 -16.91
CA ILE C 160 41.90 -52.15 -18.28
C ILE C 160 41.80 -53.62 -18.62
N LEU C 161 42.06 -54.48 -17.65
CA LEU C 161 42.03 -55.92 -17.89
C LEU C 161 40.63 -56.38 -18.29
N GLU C 162 39.61 -55.68 -17.81
CA GLU C 162 38.25 -56.00 -18.22
C GLU C 162 38.00 -55.58 -19.66
N LEU C 163 38.53 -54.42 -20.04
CA LEU C 163 38.20 -53.84 -21.34
C LEU C 163 38.84 -54.63 -22.46
N LEU C 164 39.99 -55.23 -22.19
CA LEU C 164 40.68 -56.02 -23.21
C LEU C 164 39.86 -57.23 -23.63
N LYS C 165 39.01 -57.75 -22.74
CA LYS C 165 38.06 -58.79 -23.11
C LYS C 165 37.26 -58.38 -24.34
N TYR C 166 36.88 -57.10 -24.41
CA TYR C 166 36.04 -56.57 -25.47
C TYR C 166 36.82 -55.83 -26.53
N HIS C 167 37.95 -55.24 -26.20
CA HIS C 167 38.59 -54.21 -27.00
C HIS C 167 39.96 -54.69 -27.43
N GLN C 168 40.21 -54.69 -28.75
CA GLN C 168 41.48 -55.18 -29.27
C GLN C 168 42.63 -54.31 -28.79
N ARG C 169 42.44 -52.99 -28.82
CA ARG C 169 43.46 -52.03 -28.45
C ARG C 169 42.86 -50.99 -27.51
N VAL C 170 43.41 -50.91 -26.31
CA VAL C 170 42.99 -49.95 -25.29
C VAL C 170 44.11 -48.93 -25.17
N LEU C 171 43.76 -47.65 -25.26
CA LEU C 171 44.71 -46.59 -25.02
C LEU C 171 44.59 -46.11 -23.58
N TYR C 172 45.74 -46.02 -22.91
CA TYR C 172 45.85 -45.35 -21.62
C TYR C 172 46.63 -44.07 -21.83
N ILE C 173 46.23 -43.03 -21.12
CA ILE C 173 46.88 -41.73 -21.16
C ILE C 173 47.06 -41.29 -19.72
N ASP C 174 48.03 -40.41 -19.48
CA ASP C 174 48.30 -39.92 -18.14
C ASP C 174 48.72 -38.47 -18.23
N ILE C 175 47.89 -37.59 -17.67
CA ILE C 175 48.24 -36.18 -17.52
C ILE C 175 49.05 -35.94 -16.26
N ASP C 176 49.00 -36.87 -15.29
CA ASP C 176 49.50 -36.61 -13.94
C ASP C 176 50.96 -36.22 -13.97
N ILE C 177 51.30 -35.26 -13.12
CA ILE C 177 52.66 -34.75 -13.08
C ILE C 177 53.63 -35.84 -12.65
N HIS C 178 53.14 -36.86 -11.94
CA HIS C 178 53.89 -38.06 -11.66
C HIS C 178 53.75 -39.04 -12.82
N HIS C 179 54.84 -39.75 -13.11
CA HIS C 179 54.82 -40.70 -14.22
C HIS C 179 53.99 -41.93 -13.84
N GLY C 180 53.23 -42.43 -14.81
CA GLY C 180 52.41 -43.61 -14.60
C GLY C 180 53.18 -44.90 -14.78
N ASP C 181 54.14 -45.13 -13.86
CA ASP C 181 54.96 -46.33 -13.96
C ASP C 181 54.18 -47.59 -13.63
N GLY C 182 53.20 -47.51 -12.72
CA GLY C 182 52.47 -48.70 -12.32
C GLY C 182 51.71 -49.32 -13.48
N VAL C 183 50.91 -48.50 -14.18
CA VAL C 183 50.21 -48.99 -15.35
C VAL C 183 51.20 -49.32 -16.46
N GLU C 184 52.25 -48.52 -16.60
CA GLU C 184 53.27 -48.79 -17.60
C GLU C 184 53.92 -50.14 -17.37
N GLU C 185 54.41 -50.37 -16.15
CA GLU C 185 54.99 -51.65 -15.80
C GLU C 185 53.98 -52.77 -15.98
N ALA C 186 52.71 -52.49 -15.68
CA ALA C 186 51.71 -53.54 -15.71
C ALA C 186 51.27 -53.89 -17.12
N PHE C 187 51.78 -53.19 -18.13
CA PHE C 187 51.52 -53.51 -19.53
C PHE C 187 52.77 -53.31 -20.38
N TYR C 188 53.95 -53.54 -19.81
CA TYR C 188 55.17 -53.09 -20.43
C TYR C 188 55.51 -53.90 -21.69
N THR C 189 55.08 -55.16 -21.75
CA THR C 189 55.42 -56.05 -22.85
C THR C 189 54.20 -56.54 -23.61
N THR C 190 53.15 -55.73 -23.69
CA THR C 190 51.98 -56.02 -24.51
C THR C 190 51.75 -54.88 -25.50
N ASP C 191 51.60 -55.24 -26.77
CA ASP C 191 51.26 -54.27 -27.80
C ASP C 191 49.82 -53.80 -27.72
N ARG C 192 48.95 -54.57 -27.06
CA ARG C 192 47.53 -54.25 -27.03
C ARG C 192 47.22 -53.00 -26.21
N VAL C 193 48.13 -52.60 -25.33
CA VAL C 193 47.89 -51.50 -24.39
C VAL C 193 49.02 -50.50 -24.56
N MET C 194 48.69 -49.30 -25.04
CA MET C 194 49.64 -48.21 -25.19
C MET C 194 49.55 -47.31 -23.98
N THR C 195 50.69 -47.05 -23.35
CA THR C 195 50.78 -46.21 -22.17
C THR C 195 51.61 -44.98 -22.53
N VAL C 196 50.94 -43.84 -22.62
CA VAL C 196 51.58 -42.55 -22.85
C VAL C 196 51.58 -41.80 -21.52
N SER C 197 52.63 -41.03 -21.27
CA SER C 197 52.78 -40.36 -19.99
C SER C 197 53.56 -39.08 -20.18
N PHE C 198 52.95 -37.96 -19.79
CA PHE C 198 53.57 -36.65 -19.79
C PHE C 198 53.79 -36.30 -18.33
N HIS C 199 54.99 -35.84 -18.00
CA HIS C 199 55.34 -35.74 -16.59
C HIS C 199 56.65 -34.99 -16.44
N LYS C 200 56.79 -34.31 -15.31
CA LYS C 200 58.08 -33.80 -14.90
C LYS C 200 59.08 -34.94 -14.83
N TYR C 201 60.35 -34.59 -14.99
CA TYR C 201 61.42 -35.58 -14.88
C TYR C 201 62.67 -34.90 -14.35
N GLY C 202 63.44 -35.64 -13.56
CA GLY C 202 64.67 -35.14 -12.97
C GLY C 202 64.48 -34.66 -11.55
N GLU C 203 65.02 -35.41 -10.59
CA GLU C 203 64.83 -35.14 -9.17
C GLU C 203 63.33 -35.12 -8.85
N TYR C 204 62.71 -36.28 -9.02
CA TYR C 204 61.26 -36.36 -8.95
C TYR C 204 60.84 -37.82 -8.95
N PHE C 205 59.76 -38.08 -8.24
CA PHE C 205 59.16 -39.39 -8.12
C PHE C 205 58.32 -39.73 -9.36
N PRO C 206 58.33 -40.98 -9.85
CA PRO C 206 59.07 -42.17 -9.42
C PRO C 206 60.43 -42.27 -10.11
N GLY C 207 60.96 -41.13 -10.55
CA GLY C 207 62.18 -41.09 -11.32
C GLY C 207 62.08 -41.68 -12.71
N THR C 208 60.88 -42.09 -13.13
CA THR C 208 60.70 -42.93 -14.31
C THR C 208 60.14 -42.13 -15.47
N GLY C 209 60.12 -42.78 -16.63
CA GLY C 209 59.45 -42.25 -17.80
C GLY C 209 60.32 -41.30 -18.59
N ASP C 210 61.61 -41.60 -18.71
CA ASP C 210 62.48 -40.74 -19.50
C ASP C 210 62.15 -40.90 -20.98
N LEU C 211 62.93 -40.22 -21.82
CA LEU C 211 62.71 -40.31 -23.25
C LEU C 211 62.91 -41.73 -23.74
N ARG C 212 63.87 -42.45 -23.16
CA ARG C 212 64.27 -43.75 -23.66
C ARG C 212 63.46 -44.91 -23.09
N ASP C 213 62.56 -44.65 -22.15
CA ASP C 213 61.66 -45.69 -21.64
C ASP C 213 60.64 -45.95 -22.74
N ILE C 214 60.90 -46.98 -23.55
CA ILE C 214 60.14 -47.24 -24.77
C ILE C 214 59.25 -48.47 -24.66
N GLY C 215 59.64 -49.46 -23.86
CA GLY C 215 58.92 -50.71 -23.77
C GLY C 215 59.86 -51.87 -23.95
N ALA C 216 59.31 -53.08 -24.12
CA ALA C 216 60.15 -54.26 -24.24
C ALA C 216 59.37 -55.38 -24.90
N GLY C 217 60.09 -56.19 -25.67
CA GLY C 217 59.48 -57.36 -26.30
C GLY C 217 58.37 -56.94 -27.24
N LYS C 218 57.21 -57.57 -27.08
CA LYS C 218 56.03 -57.17 -27.85
C LYS C 218 55.64 -55.74 -27.53
N GLY C 219 55.77 -55.33 -26.27
CA GLY C 219 55.38 -54.01 -25.86
C GLY C 219 56.34 -52.90 -26.19
N LYS C 220 57.45 -53.20 -26.88
CA LYS C 220 58.34 -52.14 -27.32
C LYS C 220 57.65 -51.30 -28.39
N TYR C 221 57.90 -49.99 -28.34
CA TYR C 221 57.19 -49.00 -29.13
C TYR C 221 55.70 -48.96 -28.81
N TYR C 222 55.33 -49.33 -27.58
CA TYR C 222 53.98 -49.17 -27.08
C TYR C 222 53.99 -48.58 -25.67
N ALA C 223 55.10 -47.96 -25.24
CA ALA C 223 55.17 -47.25 -23.98
C ALA C 223 55.86 -45.93 -24.27
N VAL C 224 55.08 -44.97 -24.67
CA VAL C 224 55.57 -43.64 -24.96
C VAL C 224 55.82 -42.93 -23.65
N ASN C 225 56.75 -41.99 -23.66
CA ASN C 225 56.99 -41.14 -22.51
C ASN C 225 57.43 -39.77 -23.01
N TYR C 226 57.37 -38.81 -22.09
CA TYR C 226 57.58 -37.41 -22.44
C TYR C 226 57.99 -36.67 -21.17
N PRO C 227 59.26 -36.73 -20.78
CA PRO C 227 59.68 -36.01 -19.58
C PRO C 227 59.59 -34.50 -19.76
N LEU C 228 59.64 -33.79 -18.64
CA LEU C 228 59.42 -32.35 -18.62
C LEU C 228 60.20 -31.71 -17.49
N ARG C 229 60.31 -30.39 -17.55
CA ARG C 229 60.90 -29.57 -16.51
C ARG C 229 59.79 -28.73 -15.84
N ASP C 230 60.18 -27.85 -14.92
CA ASP C 230 59.23 -27.04 -14.18
C ASP C 230 58.52 -26.03 -15.08
N GLY C 231 57.30 -25.69 -14.68
CA GLY C 231 56.67 -24.47 -15.15
C GLY C 231 56.09 -24.51 -16.54
N ILE C 232 55.56 -25.64 -16.98
CA ILE C 232 54.95 -25.71 -18.29
C ILE C 232 53.65 -24.92 -18.29
N ASP C 233 53.38 -24.22 -19.39
CA ASP C 233 52.17 -23.45 -19.55
C ASP C 233 51.08 -24.29 -20.22
N ASP C 234 49.86 -23.75 -20.20
CA ASP C 234 48.79 -24.36 -20.97
C ASP C 234 49.09 -24.30 -22.46
N GLU C 235 49.67 -23.19 -22.91
CA GLU C 235 49.93 -23.00 -24.33
C GLU C 235 50.98 -24.00 -24.81
N SER C 236 52.08 -24.13 -24.06
CA SER C 236 53.08 -25.14 -24.36
C SER C 236 52.46 -26.51 -24.37
N TYR C 237 51.80 -26.88 -23.27
CA TYR C 237 51.23 -28.22 -23.11
C TYR C 237 50.26 -28.55 -24.23
N GLU C 238 49.43 -27.59 -24.63
CA GLU C 238 48.50 -27.82 -25.73
C GLU C 238 49.25 -28.03 -27.03
N ALA C 239 50.28 -27.22 -27.27
CA ALA C 239 51.06 -27.29 -28.50
C ALA C 239 51.84 -28.58 -28.64
N ILE C 240 51.93 -29.39 -27.58
CA ILE C 240 52.66 -30.65 -27.58
C ILE C 240 51.75 -31.83 -27.34
N PHE C 241 50.58 -31.61 -26.74
CA PHE C 241 49.60 -32.65 -26.46
C PHE C 241 48.85 -33.07 -27.71
N LYS C 242 48.16 -32.12 -28.33
CA LYS C 242 47.32 -32.42 -29.49
C LYS C 242 48.09 -33.04 -30.65
N PRO C 243 49.25 -32.52 -31.08
CA PRO C 243 49.97 -33.17 -32.18
C PRO C 243 50.30 -34.62 -31.90
N VAL C 244 50.77 -34.89 -30.69
CA VAL C 244 51.14 -36.24 -30.30
C VAL C 244 49.93 -37.16 -30.38
N MET C 245 48.90 -36.86 -29.58
CA MET C 245 47.73 -37.72 -29.47
C MET C 245 47.07 -37.94 -30.82
N SER C 246 47.15 -36.95 -31.70
CA SER C 246 46.66 -37.14 -33.06
C SER C 246 47.41 -38.27 -33.74
N LYS C 247 48.74 -38.28 -33.60
CA LYS C 247 49.54 -39.32 -34.21
C LYS C 247 49.30 -40.67 -33.52
N VAL C 248 49.09 -40.64 -32.20
CA VAL C 248 48.80 -41.86 -31.46
C VAL C 248 47.51 -42.49 -31.99
N MET C 249 46.46 -41.67 -32.08
CA MET C 249 45.21 -42.12 -32.66
C MET C 249 45.42 -42.54 -34.11
N GLU C 250 46.30 -41.82 -34.81
CA GLU C 250 46.62 -42.18 -36.19
C GLU C 250 47.29 -43.54 -36.25
N MET C 251 48.14 -43.84 -35.27
CA MET C 251 48.95 -45.06 -35.31
C MET C 251 48.34 -46.16 -34.47
N PHE C 252 48.14 -45.91 -33.17
CA PHE C 252 47.68 -46.98 -32.29
C PHE C 252 46.27 -47.43 -32.63
N GLN C 253 45.39 -46.51 -33.02
CA GLN C 253 44.03 -46.83 -33.42
C GLN C 253 43.31 -47.62 -32.34
N PRO C 254 43.20 -47.09 -31.12
CA PRO C 254 42.51 -47.83 -30.05
C PRO C 254 41.02 -47.89 -30.33
N SER C 255 40.37 -48.80 -29.61
CA SER C 255 38.92 -48.92 -29.61
C SER C 255 38.31 -48.53 -28.26
N ALA C 256 39.12 -48.06 -27.32
CA ALA C 256 38.64 -47.58 -26.03
C ALA C 256 39.76 -46.86 -25.31
N VAL C 257 39.45 -45.73 -24.69
CA VAL C 257 40.44 -44.86 -24.05
C VAL C 257 40.27 -44.94 -22.54
N VAL C 258 41.38 -44.77 -21.83
CA VAL C 258 41.38 -44.56 -20.40
C VAL C 258 42.26 -43.34 -20.15
N LEU C 259 41.64 -42.22 -19.81
CA LEU C 259 42.37 -41.02 -19.46
C LEU C 259 42.44 -40.93 -17.94
N GLN C 260 43.67 -40.78 -17.44
CA GLN C 260 43.89 -40.43 -16.04
C GLN C 260 44.02 -38.92 -15.95
N CYS C 261 43.12 -38.29 -15.22
CA CYS C 261 43.07 -36.83 -15.11
C CYS C 261 43.80 -36.36 -13.85
N GLY C 262 45.11 -36.59 -13.84
CA GLY C 262 45.93 -36.13 -12.73
C GLY C 262 45.88 -34.63 -12.59
N SER C 263 45.43 -34.17 -11.42
CA SER C 263 45.22 -32.74 -11.16
C SER C 263 46.44 -32.08 -10.53
N ASP C 264 47.36 -32.86 -9.96
CA ASP C 264 48.58 -32.30 -9.36
C ASP C 264 49.47 -31.61 -10.37
N SER C 265 49.25 -31.81 -11.67
CA SER C 265 49.93 -31.04 -12.71
C SER C 265 49.41 -29.62 -12.83
N LEU C 266 48.42 -29.22 -12.03
CA LEU C 266 47.91 -27.87 -12.05
C LEU C 266 48.90 -26.89 -11.42
N SER C 267 48.63 -25.61 -11.62
CA SER C 267 49.40 -24.58 -10.96
C SER C 267 49.02 -24.47 -9.49
N GLY C 268 50.00 -24.14 -8.67
CA GLY C 268 49.75 -23.97 -7.24
C GLY C 268 49.47 -25.25 -6.50
N ASP C 269 49.95 -26.38 -7.00
CA ASP C 269 49.80 -27.64 -6.28
C ASP C 269 50.78 -27.70 -5.11
N ARG C 270 50.39 -28.42 -4.06
CA ARG C 270 51.28 -28.62 -2.92
C ARG C 270 52.56 -29.32 -3.34
N LEU C 271 52.43 -30.47 -3.97
CA LEU C 271 53.56 -31.27 -4.42
C LEU C 271 53.96 -31.00 -5.86
N GLY C 272 52.99 -30.71 -6.72
CA GLY C 272 53.29 -30.48 -8.11
C GLY C 272 53.92 -29.12 -8.35
N CYS C 273 54.75 -29.08 -9.38
CA CYS C 273 55.45 -27.86 -9.79
C CYS C 273 55.31 -27.69 -11.31
N PHE C 274 54.08 -27.76 -11.78
CA PHE C 274 53.69 -27.30 -13.11
C PHE C 274 52.85 -26.05 -12.96
N ASN C 275 52.57 -25.40 -14.10
CA ASN C 275 51.88 -24.10 -14.12
C ASN C 275 50.67 -24.12 -15.03
N LEU C 276 49.82 -25.13 -14.92
CA LEU C 276 48.63 -25.27 -15.76
C LEU C 276 47.42 -24.69 -15.05
N THR C 277 46.40 -24.35 -15.85
CA THR C 277 45.11 -23.90 -15.36
C THR C 277 44.07 -25.01 -15.50
N ILE C 278 42.87 -24.73 -14.98
CA ILE C 278 41.75 -25.64 -15.21
C ILE C 278 41.48 -25.75 -16.70
N LYS C 279 41.57 -24.62 -17.41
CA LYS C 279 41.20 -24.58 -18.82
C LYS C 279 42.12 -25.46 -19.64
N GLY C 280 43.43 -25.30 -19.46
CA GLY C 280 44.37 -26.10 -20.23
C GLY C 280 44.32 -27.57 -19.86
N HIS C 281 44.23 -27.85 -18.57
CA HIS C 281 44.11 -29.23 -18.11
C HIS C 281 42.85 -29.87 -18.69
N ALA C 282 41.78 -29.09 -18.80
CA ALA C 282 40.52 -29.62 -19.30
C ALA C 282 40.49 -29.68 -20.81
N LYS C 283 41.18 -28.75 -21.46
CA LYS C 283 41.24 -28.73 -22.93
C LYS C 283 41.74 -30.06 -23.47
N CYS C 284 42.66 -30.70 -22.75
CA CYS C 284 43.04 -32.07 -23.06
C CYS C 284 41.82 -32.98 -23.06
N VAL C 285 41.02 -32.91 -22.00
CA VAL C 285 39.88 -33.81 -21.86
C VAL C 285 38.87 -33.55 -22.97
N GLU C 286 38.78 -32.29 -23.41
CA GLU C 286 37.98 -31.98 -24.59
C GLU C 286 38.52 -32.68 -25.81
N PHE C 287 39.83 -32.59 -26.02
CA PHE C 287 40.43 -33.10 -27.24
C PHE C 287 40.25 -34.60 -27.36
N VAL C 288 40.40 -35.32 -26.25
CA VAL C 288 40.23 -36.77 -26.29
C VAL C 288 38.76 -37.11 -26.53
N LYS C 289 37.87 -36.33 -25.93
CA LYS C 289 36.44 -36.51 -26.08
C LYS C 289 36.05 -36.31 -27.53
N SER C 290 36.75 -35.42 -28.20
CA SER C 290 36.47 -35.13 -29.60
C SER C 290 36.60 -36.37 -30.47
N PHE C 291 37.47 -37.30 -30.10
CA PHE C 291 37.71 -38.49 -30.92
C PHE C 291 36.63 -39.51 -30.82
N ASN C 292 35.75 -39.43 -29.84
CA ASN C 292 34.52 -40.22 -29.82
C ASN C 292 34.80 -41.72 -29.77
N LEU C 293 35.44 -42.14 -28.67
CA LEU C 293 35.59 -43.54 -28.31
C LEU C 293 34.88 -43.83 -27.00
N PRO C 294 34.64 -45.09 -26.67
CA PRO C 294 34.25 -45.42 -25.29
C PRO C 294 35.30 -44.93 -24.31
N MET C 295 34.87 -44.21 -23.28
CA MET C 295 35.75 -43.38 -22.48
C MET C 295 35.60 -43.71 -21.01
N LEU C 296 36.70 -43.53 -20.26
CA LEU C 296 36.72 -43.69 -18.81
C LEU C 296 37.69 -42.65 -18.24
N MET C 297 37.15 -41.61 -17.63
CA MET C 297 37.97 -40.60 -16.98
C MET C 297 38.12 -40.90 -15.51
N LEU C 298 39.36 -40.96 -15.03
CA LEU C 298 39.64 -41.18 -13.62
C LEU C 298 40.33 -39.96 -13.05
N GLY C 299 40.51 -39.99 -11.74
CA GLY C 299 41.22 -38.94 -11.03
C GLY C 299 42.68 -39.31 -10.82
N GLY C 300 43.14 -39.20 -9.59
CA GLY C 300 44.50 -39.53 -9.23
C GLY C 300 45.05 -38.44 -8.32
N GLY C 301 46.30 -38.07 -8.60
CA GLY C 301 46.97 -37.07 -7.79
C GLY C 301 46.26 -35.73 -7.83
N GLY C 302 46.72 -34.84 -6.96
CA GLY C 302 46.11 -33.55 -6.73
C GLY C 302 46.03 -33.30 -5.24
N TYR C 303 46.62 -32.20 -4.78
CA TYR C 303 46.87 -32.02 -3.34
C TYR C 303 46.53 -30.63 -2.83
N THR C 304 46.34 -29.65 -3.72
CA THR C 304 45.64 -28.41 -3.37
C THR C 304 44.17 -28.66 -3.69
N ILE C 305 43.49 -29.26 -2.71
CA ILE C 305 42.19 -29.88 -2.93
C ILE C 305 41.15 -28.87 -3.39
N ARG C 306 41.31 -27.61 -3.01
CA ARG C 306 40.39 -26.57 -3.46
C ARG C 306 40.36 -26.47 -4.98
N ASN C 307 41.49 -26.75 -5.61
CA ASN C 307 41.58 -26.71 -7.07
C ASN C 307 41.29 -28.06 -7.70
N VAL C 308 41.57 -29.14 -6.96
CA VAL C 308 41.15 -30.46 -7.41
C VAL C 308 39.65 -30.49 -7.57
N ALA C 309 38.94 -29.90 -6.61
CA ALA C 309 37.49 -29.79 -6.70
C ALA C 309 37.09 -29.01 -7.94
N ARG C 310 37.71 -27.83 -8.12
CA ARG C 310 37.44 -27.01 -9.29
C ARG C 310 37.74 -27.77 -10.58
N CYS C 311 38.82 -28.55 -10.55
CA CYS C 311 39.28 -29.23 -11.75
C CYS C 311 38.32 -30.35 -12.16
N TRP C 312 38.15 -31.33 -11.27
CA TRP C 312 37.35 -32.50 -11.59
C TRP C 312 35.90 -32.14 -11.81
N THR C 313 35.43 -31.07 -11.17
CA THR C 313 34.08 -30.57 -11.43
C THR C 313 33.95 -30.10 -12.87
N TYR C 314 34.79 -29.15 -13.26
CA TYR C 314 34.72 -28.59 -14.61
C TYR C 314 34.86 -29.67 -15.66
N GLU C 315 35.87 -30.54 -15.49
CA GLU C 315 36.10 -31.62 -16.44
C GLU C 315 34.89 -32.52 -16.62
N THR C 316 34.09 -32.68 -15.57
CA THR C 316 32.84 -33.41 -15.71
C THR C 316 31.91 -32.70 -16.69
N ALA C 317 31.81 -31.37 -16.56
CA ALA C 317 30.97 -30.59 -17.47
C ALA C 317 31.42 -30.75 -18.91
N VAL C 318 32.72 -30.97 -19.12
CA VAL C 318 33.22 -31.14 -20.47
C VAL C 318 32.78 -32.48 -21.04
N ALA C 319 32.80 -33.53 -20.22
CA ALA C 319 32.24 -34.81 -20.62
C ALA C 319 30.76 -34.70 -20.94
N LEU C 320 30.07 -33.73 -20.32
CA LEU C 320 28.67 -33.45 -20.58
C LEU C 320 28.47 -32.37 -21.62
N ASP C 321 29.55 -31.74 -22.10
CA ASP C 321 29.57 -30.59 -23.01
C ASP C 321 28.48 -29.57 -22.71
N THR C 322 28.36 -29.21 -21.43
CA THR C 322 27.52 -28.11 -20.97
C THR C 322 28.39 -27.01 -20.40
N GLU C 323 27.81 -25.82 -20.28
CA GLU C 323 28.49 -24.67 -19.72
C GLU C 323 28.13 -24.52 -18.25
N ILE C 324 29.05 -23.91 -17.49
CA ILE C 324 28.83 -23.59 -16.10
C ILE C 324 29.52 -22.25 -15.83
N PRO C 325 28.98 -21.36 -15.02
CA PRO C 325 29.69 -20.09 -14.77
C PRO C 325 30.94 -20.30 -13.95
N ASN C 326 31.82 -19.30 -14.05
CA ASN C 326 32.95 -19.20 -13.13
C ASN C 326 32.48 -18.94 -11.72
N GLU C 327 31.32 -18.29 -11.56
CA GLU C 327 30.73 -18.04 -10.25
C GLU C 327 30.40 -19.35 -9.56
N LEU C 328 31.13 -19.67 -8.50
CA LEU C 328 30.89 -20.91 -7.79
C LEU C 328 29.57 -20.82 -7.02
N PRO C 329 28.62 -21.73 -7.23
CA PRO C 329 27.37 -21.67 -6.47
C PRO C 329 27.60 -22.09 -5.04
N TYR C 330 26.55 -21.96 -4.23
CA TYR C 330 26.68 -22.30 -2.83
C TYR C 330 26.66 -23.81 -2.65
N ASN C 331 27.40 -24.27 -1.65
CA ASN C 331 27.50 -25.69 -1.32
C ASN C 331 28.03 -25.79 0.10
N ASP C 332 28.20 -27.03 0.57
CA ASP C 332 28.70 -27.25 1.92
C ASP C 332 30.09 -26.68 2.09
N TYR C 333 30.99 -26.96 1.14
CA TYR C 333 32.39 -26.54 1.21
C TYR C 333 32.65 -25.26 0.44
N PHE C 334 31.63 -24.39 0.31
CA PHE C 334 31.81 -23.14 -0.40
C PHE C 334 32.91 -22.28 0.22
N GLU C 335 33.08 -22.38 1.54
CA GLU C 335 34.03 -21.54 2.24
C GLU C 335 35.47 -21.98 2.03
N TYR C 336 35.68 -23.19 1.49
CA TYR C 336 37.03 -23.63 1.16
C TYR C 336 37.67 -22.73 0.12
N PHE C 337 36.87 -22.19 -0.79
CA PHE C 337 37.38 -21.69 -2.07
C PHE C 337 37.77 -20.21 -1.97
N GLY C 338 38.76 -19.98 -1.12
CA GLY C 338 39.46 -18.71 -1.04
C GLY C 338 38.55 -17.53 -0.81
N PRO C 339 39.07 -16.32 -1.01
CA PRO C 339 38.19 -15.14 -1.05
C PRO C 339 37.48 -14.99 -2.38
N ASP C 340 37.99 -15.61 -3.44
CA ASP C 340 37.45 -15.38 -4.78
C ASP C 340 36.17 -16.19 -5.01
N PHE C 341 36.18 -17.46 -4.62
CA PHE C 341 35.08 -18.37 -4.91
C PHE C 341 34.84 -18.43 -6.42
N LYS C 342 35.90 -18.71 -7.16
CA LYS C 342 35.86 -18.84 -8.60
C LYS C 342 36.37 -20.20 -9.04
N LEU C 343 35.86 -20.64 -10.19
CA LEU C 343 36.27 -21.92 -10.74
C LEU C 343 37.68 -21.87 -11.29
N HIS C 344 37.98 -20.88 -12.11
CA HIS C 344 39.21 -20.88 -12.89
C HIS C 344 40.37 -20.35 -12.07
N ILE C 345 41.55 -20.90 -12.35
CA ILE C 345 42.81 -20.42 -11.79
C ILE C 345 43.62 -19.81 -12.93
N SER C 346 44.55 -18.94 -12.55
CA SER C 346 45.51 -18.36 -13.48
C SER C 346 46.90 -18.92 -13.20
N PRO C 347 47.79 -18.94 -14.19
CA PRO C 347 49.14 -19.44 -13.94
C PRO C 347 49.95 -18.43 -13.15
N SER C 348 51.03 -18.93 -12.56
CA SER C 348 51.90 -18.14 -11.72
C SER C 348 52.95 -17.41 -12.56
N ASN C 349 53.74 -16.56 -11.88
CA ASN C 349 54.93 -15.96 -12.49
C ASN C 349 56.11 -16.93 -12.56
N MET C 350 55.91 -18.18 -12.14
CA MET C 350 56.89 -19.23 -12.25
C MET C 350 57.45 -19.33 -13.66
N THR C 351 58.72 -19.72 -13.75
CA THR C 351 59.45 -19.76 -15.02
C THR C 351 59.26 -21.09 -15.73
N ASN C 352 59.07 -21.04 -17.05
CA ASN C 352 58.96 -22.24 -17.87
C ASN C 352 60.36 -22.60 -18.35
N GLN C 353 60.93 -23.66 -17.76
CA GLN C 353 62.24 -24.15 -18.14
C GLN C 353 62.22 -25.06 -19.35
N ASN C 354 61.09 -25.16 -20.05
CA ASN C 354 60.93 -26.03 -21.21
C ASN C 354 61.10 -25.20 -22.47
N THR C 355 62.35 -25.04 -22.89
CA THR C 355 62.65 -24.25 -24.08
C THR C 355 62.13 -24.93 -25.33
N ASN C 356 61.79 -24.11 -26.33
CA ASN C 356 61.22 -24.62 -27.58
C ASN C 356 62.14 -25.65 -28.23
N GLU C 357 63.45 -25.43 -28.14
CA GLU C 357 64.39 -26.40 -28.71
C GLU C 357 64.27 -27.74 -28.02
N TYR C 358 64.25 -27.75 -26.68
CA TYR C 358 64.15 -28.99 -25.94
C TYR C 358 62.85 -29.72 -26.25
N LEU C 359 61.78 -28.97 -26.47
CA LEU C 359 60.50 -29.57 -26.81
C LEU C 359 60.51 -30.11 -28.24
N GLU C 360 61.05 -29.33 -29.18
CA GLU C 360 61.07 -29.75 -30.57
C GLU C 360 61.99 -30.93 -30.79
N LYS C 361 63.09 -31.00 -30.05
CA LYS C 361 63.96 -32.17 -30.12
C LYS C 361 63.19 -33.44 -29.83
N ILE C 362 62.65 -33.53 -28.62
CA ILE C 362 62.02 -34.75 -28.14
C ILE C 362 60.83 -35.09 -29.01
N LYS C 363 60.13 -34.07 -29.50
CA LYS C 363 59.01 -34.25 -30.42
C LYS C 363 59.42 -35.09 -31.61
N GLN C 364 60.52 -34.70 -32.24
CA GLN C 364 60.95 -35.34 -33.46
C GLN C 364 61.41 -36.77 -33.19
N ARG C 365 62.05 -36.99 -32.04
CA ARG C 365 62.39 -38.35 -31.64
C ARG C 365 61.15 -39.22 -31.56
N LEU C 366 60.07 -38.67 -31.01
CA LEU C 366 58.88 -39.46 -30.83
C LEU C 366 58.22 -39.77 -32.17
N PHE C 367 58.12 -38.75 -33.04
CA PHE C 367 57.58 -38.93 -34.38
C PHE C 367 58.24 -40.10 -35.08
N GLU C 368 59.57 -40.19 -34.97
CA GLU C 368 60.30 -41.32 -35.53
C GLU C 368 59.82 -42.63 -34.93
N ASN C 369 59.67 -42.68 -33.62
CA ASN C 369 59.19 -43.88 -32.96
C ASN C 369 57.79 -44.24 -33.45
N LEU C 370 56.94 -43.24 -33.62
CA LEU C 370 55.57 -43.51 -34.04
C LEU C 370 55.49 -43.89 -35.51
N ARG C 371 56.44 -43.44 -36.33
CA ARG C 371 56.44 -43.82 -37.74
C ARG C 371 56.81 -45.28 -37.93
N MET C 372 57.43 -45.89 -36.93
CA MET C 372 57.82 -47.30 -37.03
C MET C 372 56.63 -48.24 -37.11
N LEU C 373 55.44 -47.77 -36.76
CA LEU C 373 54.28 -48.63 -36.67
C LEU C 373 53.70 -48.96 -38.05
N PRO C 374 52.85 -49.97 -38.16
CA PRO C 374 52.25 -50.27 -39.46
C PRO C 374 51.16 -49.28 -39.81
N HIS C 375 51.06 -49.00 -41.11
CA HIS C 375 50.10 -48.04 -41.66
C HIS C 375 50.02 -48.25 -43.17
N ALA C 376 49.29 -47.35 -43.85
CA ALA C 376 49.22 -47.37 -45.31
C ALA C 376 49.21 -45.95 -45.85
N ARG D 8 -47.61 -14.66 14.46
CA ARG D 8 -47.99 -13.39 13.88
C ARG D 8 -48.96 -13.58 12.71
N ARG D 9 -49.61 -12.49 12.30
CA ARG D 9 -50.72 -12.59 11.36
C ARG D 9 -50.21 -12.67 9.94
N LYS D 10 -50.89 -13.48 9.12
CA LYS D 10 -50.58 -13.56 7.70
C LYS D 10 -51.29 -12.43 6.96
N VAL D 11 -50.58 -11.85 6.00
CA VAL D 11 -51.05 -10.68 5.26
C VAL D 11 -51.03 -11.01 3.77
N CYS D 12 -52.12 -10.66 3.08
CA CYS D 12 -52.21 -10.78 1.64
C CYS D 12 -52.39 -9.39 1.03
N TYR D 13 -51.51 -9.06 0.10
CA TYR D 13 -51.48 -7.74 -0.52
C TYR D 13 -51.85 -7.88 -1.99
N TYR D 14 -52.62 -6.92 -2.49
CA TYR D 14 -53.14 -6.93 -3.83
C TYR D 14 -52.71 -5.66 -4.54
N TYR D 15 -52.28 -5.78 -5.80
CA TYR D 15 -51.83 -4.61 -6.52
C TYR D 15 -51.74 -4.89 -8.01
N ASP D 16 -52.15 -3.91 -8.79
CA ASP D 16 -51.98 -3.90 -10.25
C ASP D 16 -51.40 -2.55 -10.62
N GLY D 17 -50.49 -2.53 -11.60
CA GLY D 17 -49.67 -1.36 -11.81
C GLY D 17 -50.33 -0.28 -12.63
N ASP D 18 -51.31 -0.64 -13.46
CA ASP D 18 -51.99 0.36 -14.28
C ASP D 18 -52.79 1.33 -13.43
N VAL D 19 -53.06 0.97 -12.16
CA VAL D 19 -53.85 1.81 -11.27
C VAL D 19 -53.21 3.18 -11.11
N GLY D 20 -51.89 3.22 -10.92
CA GLY D 20 -51.22 4.50 -10.74
C GLY D 20 -51.17 5.35 -11.99
N ASN D 21 -51.53 4.80 -13.14
CA ASN D 21 -51.44 5.51 -14.42
C ASN D 21 -52.76 6.10 -14.87
N TYR D 22 -53.90 5.55 -14.43
CA TYR D 22 -55.17 6.17 -14.73
C TYR D 22 -55.22 7.55 -14.11
N TYR D 23 -55.85 8.49 -14.83
CA TYR D 23 -55.79 9.91 -14.51
C TYR D 23 -57.19 10.50 -14.53
N TYR D 24 -57.56 11.18 -13.44
CA TYR D 24 -58.90 11.74 -13.34
C TYR D 24 -59.08 12.95 -14.24
N GLY D 25 -58.12 13.87 -14.25
CA GLY D 25 -58.22 15.09 -15.03
C GLY D 25 -57.47 16.22 -14.35
N GLN D 26 -57.47 17.38 -15.01
CA GLN D 26 -56.80 18.57 -14.50
C GLN D 26 -57.30 18.93 -13.11
N GLY D 27 -56.37 19.34 -12.25
CA GLY D 27 -56.69 19.90 -10.95
C GLY D 27 -57.52 19.02 -10.04
N HIS D 28 -57.74 17.76 -10.39
CA HIS D 28 -58.66 16.94 -9.64
C HIS D 28 -57.94 16.35 -8.43
N PRO D 29 -58.48 16.48 -7.21
CA PRO D 29 -57.68 16.12 -6.04
C PRO D 29 -57.41 14.62 -5.96
N MET D 30 -58.32 13.81 -6.52
CA MET D 30 -58.09 12.38 -6.59
C MET D 30 -57.03 12.08 -7.64
N LYS D 31 -55.95 11.43 -7.20
CA LYS D 31 -54.82 11.06 -8.06
C LYS D 31 -54.44 9.63 -7.74
N PRO D 32 -54.82 8.65 -8.59
CA PRO D 32 -54.52 7.25 -8.26
C PRO D 32 -53.03 6.92 -8.22
N HIS D 33 -52.16 7.81 -8.68
CA HIS D 33 -50.72 7.57 -8.65
C HIS D 33 -50.20 7.35 -7.24
N ARG D 34 -50.90 7.86 -6.23
CA ARG D 34 -50.49 7.68 -4.84
C ARG D 34 -50.33 6.21 -4.47
N ILE D 35 -51.17 5.33 -5.03
CA ILE D 35 -51.13 3.92 -4.67
C ILE D 35 -49.84 3.30 -5.18
N ARG D 36 -49.37 3.76 -6.33
CA ARG D 36 -48.11 3.28 -6.88
C ARG D 36 -46.94 3.66 -5.98
N MET D 37 -46.97 4.89 -5.44
CA MET D 37 -45.92 5.32 -4.52
C MET D 37 -45.85 4.39 -3.31
N THR D 38 -47.00 4.12 -2.70
CA THR D 38 -47.07 3.18 -1.58
C THR D 38 -46.43 1.86 -1.97
N HIS D 39 -46.82 1.32 -3.12
CA HIS D 39 -46.30 0.06 -3.61
C HIS D 39 -44.78 0.08 -3.74
N ASN D 40 -44.22 1.25 -4.04
CA ASN D 40 -42.77 1.37 -4.17
C ASN D 40 -42.09 1.49 -2.82
N LEU D 41 -42.80 2.00 -1.81
CA LEU D 41 -42.19 2.22 -0.51
C LEU D 41 -42.25 0.97 0.36
N LEU D 42 -43.38 0.26 0.32
CA LEU D 42 -43.48 -1.07 0.93
C LEU D 42 -42.32 -1.94 0.49
N LEU D 43 -41.98 -1.84 -0.78
CA LEU D 43 -40.89 -2.57 -1.38
C LEU D 43 -39.55 -2.18 -0.77
N ASN D 44 -39.15 -0.93 -0.94
CA ASN D 44 -37.84 -0.47 -0.51
C ASN D 44 -37.68 -0.50 1.00
N TYR D 45 -38.79 -0.49 1.74
CA TYR D 45 -38.77 -0.83 3.15
C TYR D 45 -38.41 -2.29 3.39
N GLY D 46 -38.57 -3.15 2.40
CA GLY D 46 -38.37 -4.57 2.54
C GLY D 46 -39.59 -5.35 3.02
N LEU D 47 -40.77 -4.74 2.98
CA LEU D 47 -41.96 -5.37 3.53
C LEU D 47 -42.63 -6.27 2.51
N TYR D 48 -42.72 -5.81 1.26
CA TYR D 48 -43.20 -6.58 0.12
C TYR D 48 -42.72 -8.02 0.18
N ARG D 49 -41.43 -8.16 0.47
CA ARG D 49 -40.80 -9.43 0.76
C ARG D 49 -41.54 -10.31 1.75
N LYS D 50 -42.22 -9.72 2.72
CA LYS D 50 -42.70 -10.46 3.87
C LYS D 50 -44.12 -10.99 3.74
N MET D 51 -44.89 -10.53 2.76
CA MET D 51 -46.31 -10.82 2.69
C MET D 51 -46.68 -11.47 1.37
N GLU D 52 -47.90 -12.00 1.33
CA GLU D 52 -48.43 -12.66 0.14
C GLU D 52 -48.90 -11.59 -0.84
N ILE D 53 -48.22 -11.45 -1.95
CA ILE D 53 -48.55 -10.44 -2.95
C ILE D 53 -49.45 -11.10 -3.98
N TYR D 54 -50.35 -10.32 -4.55
CA TYR D 54 -51.23 -10.79 -5.61
C TYR D 54 -51.47 -9.66 -6.62
N ARG D 55 -51.62 -10.02 -7.89
CA ARG D 55 -52.35 -9.17 -8.82
C ARG D 55 -53.81 -9.53 -8.70
N PRO D 56 -54.74 -8.57 -8.76
CA PRO D 56 -56.16 -8.92 -8.94
C PRO D 56 -56.53 -8.91 -10.41
N HIS D 57 -57.27 -9.91 -10.85
CA HIS D 57 -57.86 -9.90 -12.18
C HIS D 57 -58.99 -8.88 -12.25
N LYS D 58 -59.39 -8.55 -13.48
CA LYS D 58 -60.46 -7.59 -13.67
C LYS D 58 -61.78 -8.15 -13.14
N ALA D 59 -62.50 -7.31 -12.41
CA ALA D 59 -63.87 -7.65 -12.01
C ALA D 59 -64.81 -7.25 -13.13
N ASN D 60 -65.66 -8.19 -13.54
CA ASN D 60 -66.57 -7.96 -14.65
C ASN D 60 -67.90 -7.44 -14.16
N ALA D 61 -68.73 -7.02 -15.11
CA ALA D 61 -70.06 -6.51 -14.80
C ALA D 61 -70.95 -7.56 -14.16
N GLU D 62 -70.59 -8.84 -14.30
CA GLU D 62 -71.30 -9.93 -13.64
C GLU D 62 -71.44 -9.67 -12.15
N GLU D 63 -70.32 -9.41 -11.50
CA GLU D 63 -70.27 -9.31 -10.05
C GLU D 63 -70.39 -7.88 -9.56
N MET D 64 -70.11 -6.89 -10.41
CA MET D 64 -70.41 -5.52 -10.05
C MET D 64 -71.92 -5.29 -9.93
N THR D 65 -72.71 -5.98 -10.76
CA THR D 65 -74.16 -5.84 -10.74
C THR D 65 -74.81 -6.58 -9.58
N LYS D 66 -74.05 -7.36 -8.82
CA LYS D 66 -74.60 -8.02 -7.64
C LYS D 66 -75.03 -7.02 -6.56
N TYR D 67 -74.63 -5.75 -6.68
CA TYR D 67 -75.17 -4.67 -5.88
C TYR D 67 -75.78 -3.57 -6.75
N HIS D 68 -75.10 -3.17 -7.82
CA HIS D 68 -75.50 -2.01 -8.58
C HIS D 68 -76.59 -2.36 -9.60
N SER D 69 -77.12 -1.33 -10.25
CA SER D 69 -78.11 -1.54 -11.29
C SER D 69 -77.46 -2.13 -12.53
N ASP D 70 -78.21 -2.96 -13.24
CA ASP D 70 -77.71 -3.58 -14.46
C ASP D 70 -77.39 -2.55 -15.53
N ASP D 71 -78.11 -1.42 -15.56
CA ASP D 71 -77.91 -0.40 -16.57
C ASP D 71 -76.94 0.68 -16.12
N TYR D 72 -76.82 0.90 -14.81
CA TYR D 72 -75.76 1.73 -14.29
C TYR D 72 -74.41 1.20 -14.71
N ILE D 73 -74.18 -0.10 -14.49
CA ILE D 73 -72.93 -0.72 -14.92
C ILE D 73 -72.84 -0.72 -16.44
N LYS D 74 -73.97 -0.95 -17.10
CA LYS D 74 -74.00 -0.92 -18.56
C LYS D 74 -73.64 0.46 -19.07
N PHE D 75 -74.09 1.50 -18.37
CA PHE D 75 -73.71 2.87 -18.72
C PHE D 75 -72.21 3.07 -18.53
N LEU D 76 -71.67 2.58 -17.41
CA LEU D 76 -70.25 2.74 -17.13
C LEU D 76 -69.41 1.97 -18.16
N ARG D 77 -69.86 0.77 -18.53
CA ARG D 77 -69.11 -0.01 -19.51
C ARG D 77 -69.12 0.66 -20.88
N SER D 78 -70.15 1.46 -21.16
CA SER D 78 -70.35 2.01 -22.49
C SER D 78 -69.73 3.39 -22.63
N ILE D 79 -69.77 4.17 -21.55
CA ILE D 79 -69.36 5.57 -21.63
C ILE D 79 -67.88 5.69 -21.95
N ARG D 80 -67.54 6.72 -22.71
CA ARG D 80 -66.17 7.15 -22.96
C ARG D 80 -66.17 8.66 -23.17
N PRO D 81 -65.02 9.32 -23.19
CA PRO D 81 -65.00 10.74 -23.58
C PRO D 81 -65.36 10.96 -25.04
N ASP D 82 -65.23 9.93 -25.87
CA ASP D 82 -65.59 10.01 -27.28
C ASP D 82 -67.08 10.24 -27.43
N ASN D 83 -67.89 9.39 -26.78
CA ASN D 83 -69.35 9.50 -26.81
C ASN D 83 -69.90 10.33 -25.66
N MET D 84 -69.11 11.30 -25.18
CA MET D 84 -69.50 12.06 -23.99
C MET D 84 -70.72 12.91 -24.26
N SER D 85 -70.72 13.69 -25.33
CA SER D 85 -71.86 14.54 -25.66
C SER D 85 -73.09 13.73 -26.06
N GLU D 86 -72.89 12.50 -26.55
CA GLU D 86 -74.03 11.66 -26.93
C GLU D 86 -74.79 11.19 -25.71
N TYR D 87 -74.08 10.92 -24.62
CA TYR D 87 -74.67 10.29 -23.43
C TYR D 87 -75.09 11.30 -22.36
N SER D 88 -75.04 12.60 -22.67
CA SER D 88 -75.20 13.65 -21.67
C SER D 88 -76.52 13.56 -20.90
N LYS D 89 -77.56 13.02 -21.53
CA LYS D 89 -78.83 12.82 -20.85
C LYS D 89 -78.67 11.90 -19.65
N GLN D 90 -78.00 10.76 -19.85
CA GLN D 90 -77.78 9.81 -18.77
C GLN D 90 -76.76 10.31 -17.76
N MET D 91 -75.77 11.09 -18.23
CA MET D 91 -74.71 11.57 -17.34
C MET D 91 -75.28 12.34 -16.16
N GLN D 92 -76.32 13.13 -16.41
CA GLN D 92 -76.97 13.84 -15.32
C GLN D 92 -77.69 12.88 -14.38
N ARG D 93 -78.31 11.84 -14.95
CA ARG D 93 -78.98 10.85 -14.12
C ARG D 93 -78.01 10.09 -13.23
N PHE D 94 -76.74 10.01 -13.61
CA PHE D 94 -75.76 9.19 -12.92
C PHE D 94 -74.64 10.01 -12.27
N ASN D 95 -74.82 11.33 -12.12
CA ASN D 95 -73.96 12.17 -11.30
C ASN D 95 -72.58 12.38 -11.90
N VAL D 96 -72.34 11.94 -13.13
CA VAL D 96 -71.01 12.01 -13.73
C VAL D 96 -70.83 13.44 -14.21
N GLY D 97 -69.86 14.14 -13.63
CA GLY D 97 -69.69 15.55 -13.97
C GLY D 97 -68.64 16.29 -13.18
N GLU D 98 -69.06 17.44 -12.63
CA GLU D 98 -68.20 18.47 -12.05
C GLU D 98 -67.04 17.95 -11.21
N ASP D 99 -67.31 17.06 -10.25
CA ASP D 99 -66.29 16.49 -9.38
C ASP D 99 -66.12 14.98 -9.59
N CYS D 100 -66.98 14.36 -10.41
CA CYS D 100 -66.83 12.96 -10.83
C CYS D 100 -66.63 12.99 -12.35
N PRO D 101 -65.44 13.32 -12.83
CA PRO D 101 -65.27 13.50 -14.28
C PRO D 101 -65.35 12.17 -15.02
N VAL D 102 -65.41 12.29 -16.34
CA VAL D 102 -65.11 11.18 -17.24
C VAL D 102 -63.64 11.26 -17.60
N PHE D 103 -62.99 10.11 -17.68
CA PHE D 103 -61.60 10.06 -18.11
C PHE D 103 -61.33 8.70 -18.73
N ASP D 104 -60.30 8.65 -19.58
CA ASP D 104 -60.01 7.44 -20.32
C ASP D 104 -59.54 6.34 -19.37
N GLY D 105 -60.06 5.14 -19.55
CA GLY D 105 -59.75 4.02 -18.69
C GLY D 105 -60.51 4.00 -17.39
N LEU D 106 -61.60 4.76 -17.30
CA LEU D 106 -62.39 4.85 -16.08
C LEU D 106 -62.90 3.49 -15.62
N PHE D 107 -63.55 2.75 -16.53
CA PHE D 107 -64.10 1.46 -16.14
C PHE D 107 -63.02 0.49 -15.73
N GLU D 108 -61.91 0.44 -16.47
CA GLU D 108 -60.83 -0.47 -16.12
C GLU D 108 -60.28 -0.16 -14.75
N PHE D 109 -60.22 1.13 -14.38
CA PHE D 109 -59.81 1.51 -13.04
C PHE D 109 -60.74 0.90 -12.00
N CYS D 110 -62.05 0.88 -12.29
CA CYS D 110 -63.01 0.31 -11.36
C CYS D 110 -62.81 -1.18 -11.22
N GLN D 111 -62.63 -1.89 -12.34
CA GLN D 111 -62.47 -3.34 -12.31
C GLN D 111 -61.29 -3.74 -11.43
N LEU D 112 -60.25 -2.91 -11.40
CA LEU D 112 -59.09 -3.21 -10.57
C LEU D 112 -59.39 -2.95 -9.10
N SER D 113 -59.94 -1.77 -8.78
CA SER D 113 -60.23 -1.44 -7.40
C SER D 113 -61.23 -2.41 -6.81
N THR D 114 -62.22 -2.82 -7.61
CA THR D 114 -63.20 -3.80 -7.15
C THR D 114 -62.61 -5.20 -7.09
N GLY D 115 -61.87 -5.59 -8.13
CA GLY D 115 -61.29 -6.92 -8.15
C GLY D 115 -60.32 -7.14 -7.01
N GLY D 116 -59.62 -6.09 -6.58
CA GLY D 116 -58.69 -6.23 -5.47
C GLY D 116 -59.42 -6.49 -4.17
N SER D 117 -60.58 -5.85 -3.99
CA SER D 117 -61.34 -6.04 -2.77
C SER D 117 -62.03 -7.39 -2.75
N VAL D 118 -62.71 -7.74 -3.85
CA VAL D 118 -63.53 -8.96 -3.87
C VAL D 118 -62.64 -10.19 -3.79
N ALA D 119 -61.48 -10.14 -4.46
CA ALA D 119 -60.50 -11.20 -4.29
C ALA D 119 -60.12 -11.36 -2.83
N SER D 120 -59.84 -10.24 -2.16
CA SER D 120 -59.50 -10.28 -0.74
C SER D 120 -60.66 -10.79 0.09
N ALA D 121 -61.89 -10.48 -0.34
CA ALA D 121 -63.06 -10.95 0.39
C ALA D 121 -63.13 -12.47 0.39
N VAL D 122 -62.74 -13.08 -0.72
CA VAL D 122 -62.82 -14.54 -0.82
C VAL D 122 -61.69 -15.18 -0.02
N LYS D 123 -60.50 -14.58 -0.10
CA LYS D 123 -59.33 -15.11 0.59
C LYS D 123 -59.58 -15.21 2.09
N LEU D 124 -60.23 -14.19 2.66
CA LEU D 124 -60.60 -14.26 4.07
C LEU D 124 -61.73 -15.27 4.28
N ASN D 125 -62.67 -15.33 3.34
CA ASN D 125 -63.73 -16.33 3.41
C ASN D 125 -63.16 -17.74 3.31
N LYS D 126 -62.19 -17.93 2.42
CA LYS D 126 -61.48 -19.19 2.28
C LYS D 126 -60.68 -19.56 3.52
N GLN D 127 -60.49 -18.63 4.45
CA GLN D 127 -59.76 -18.89 5.68
C GLN D 127 -58.28 -19.16 5.40
N GLN D 128 -57.77 -18.61 4.29
CA GLN D 128 -56.38 -18.75 3.90
C GLN D 128 -55.59 -17.46 4.07
N THR D 129 -56.10 -16.54 4.89
CA THR D 129 -55.32 -15.41 5.37
C THR D 129 -55.94 -14.93 6.67
N ASP D 130 -55.23 -14.04 7.34
CA ASP D 130 -55.71 -13.35 8.51
C ASP D 130 -56.02 -11.89 8.24
N ILE D 131 -55.21 -11.25 7.41
CA ILE D 131 -55.40 -9.88 6.98
C ILE D 131 -55.35 -9.87 5.46
N ALA D 132 -56.07 -8.93 4.87
CA ALA D 132 -55.96 -8.63 3.46
C ALA D 132 -55.97 -7.12 3.31
N VAL D 133 -55.26 -6.61 2.31
CA VAL D 133 -55.15 -5.19 2.08
C VAL D 133 -55.35 -4.91 0.59
N ASN D 134 -56.06 -3.84 0.29
CA ASN D 134 -56.23 -3.35 -1.07
C ASN D 134 -56.35 -1.83 -0.96
N TRP D 135 -55.21 -1.15 -1.08
CA TRP D 135 -55.21 0.30 -0.96
C TRP D 135 -55.91 0.98 -2.12
N ALA D 136 -56.05 0.30 -3.26
CA ALA D 136 -56.84 0.85 -4.36
C ALA D 136 -58.31 0.96 -3.96
N GLY D 137 -58.80 0.00 -3.19
CA GLY D 137 -60.18 0.02 -2.77
C GLY D 137 -60.44 1.07 -1.71
N GLY D 138 -61.59 0.97 -1.06
CA GLY D 138 -61.98 1.93 -0.04
C GLY D 138 -62.75 3.12 -0.53
N LEU D 139 -63.40 3.01 -1.68
CA LEU D 139 -64.20 4.09 -2.25
C LEU D 139 -65.63 3.88 -1.74
N HIS D 140 -66.10 4.85 -0.96
CA HIS D 140 -67.21 4.65 -0.04
C HIS D 140 -68.40 5.57 -0.28
N HIS D 141 -68.31 6.47 -1.26
CA HIS D 141 -69.43 7.37 -1.56
C HIS D 141 -70.32 6.86 -2.69
N ALA D 142 -69.92 5.80 -3.39
CA ALA D 142 -70.70 5.36 -4.53
C ALA D 142 -72.04 4.79 -4.09
N LYS D 143 -73.05 5.00 -4.92
CA LYS D 143 -74.42 4.57 -4.66
C LYS D 143 -74.78 3.42 -5.59
N LYS D 144 -75.96 2.86 -5.36
CA LYS D 144 -76.43 1.72 -6.15
C LYS D 144 -76.56 2.10 -7.61
N SER D 145 -77.07 3.31 -7.89
CA SER D 145 -77.46 3.70 -9.25
C SER D 145 -76.83 5.03 -9.65
N GLU D 146 -75.75 5.45 -9.01
CA GLU D 146 -75.12 6.71 -9.37
C GLU D 146 -73.78 6.84 -8.66
N ALA D 147 -72.86 7.55 -9.30
CA ALA D 147 -71.58 7.88 -8.70
C ALA D 147 -71.73 9.03 -7.72
N SER D 148 -70.70 9.21 -6.90
CA SER D 148 -70.71 10.30 -5.93
C SER D 148 -69.36 10.38 -5.26
N GLY D 149 -68.92 11.61 -4.97
CA GLY D 149 -67.72 11.87 -4.19
C GLY D 149 -66.48 11.16 -4.68
N PHE D 150 -66.27 11.16 -5.99
CA PHE D 150 -65.17 10.51 -6.70
C PHE D 150 -65.34 8.99 -6.78
N CYS D 151 -66.35 8.42 -6.13
CA CYS D 151 -66.60 6.98 -6.15
C CYS D 151 -67.59 6.67 -7.25
N TYR D 152 -67.36 5.57 -7.96
CA TYR D 152 -68.23 5.12 -9.04
C TYR D 152 -68.82 3.74 -8.78
N VAL D 153 -68.00 2.82 -8.28
CA VAL D 153 -68.44 1.50 -7.84
C VAL D 153 -68.07 1.35 -6.37
N ASN D 154 -69.02 0.92 -5.55
CA ASN D 154 -68.77 0.68 -4.14
C ASN D 154 -68.28 -0.76 -3.96
N ASP D 155 -66.97 -0.92 -4.14
CA ASP D 155 -66.32 -2.21 -3.89
C ASP D 155 -66.52 -2.68 -2.47
N ILE D 156 -66.66 -1.74 -1.52
CA ILE D 156 -66.72 -2.10 -0.11
C ILE D 156 -67.95 -2.97 0.15
N VAL D 157 -69.08 -2.53 -0.39
CA VAL D 157 -70.30 -3.34 -0.32
C VAL D 157 -70.06 -4.69 -0.98
N LEU D 158 -69.66 -4.65 -2.25
CA LEU D 158 -69.44 -5.87 -3.03
C LEU D 158 -68.49 -6.82 -2.33
N ALA D 159 -67.49 -6.27 -1.65
CA ALA D 159 -66.67 -7.08 -0.75
C ALA D 159 -67.51 -7.63 0.38
N ILE D 160 -68.27 -6.77 1.06
CA ILE D 160 -69.02 -7.17 2.24
C ILE D 160 -70.06 -8.21 1.88
N LEU D 161 -70.66 -8.09 0.69
CA LEU D 161 -71.70 -9.02 0.29
C LEU D 161 -71.16 -10.44 0.17
N GLU D 162 -69.88 -10.56 -0.15
CA GLU D 162 -69.26 -11.89 -0.19
C GLU D 162 -69.08 -12.45 1.20
N LEU D 163 -68.69 -11.58 2.15
CA LEU D 163 -68.31 -12.06 3.48
C LEU D 163 -69.53 -12.53 4.24
N LEU D 164 -70.69 -11.93 3.98
CA LEU D 164 -71.92 -12.33 4.66
C LEU D 164 -72.30 -13.76 4.35
N LYS D 165 -71.91 -14.27 3.17
CA LYS D 165 -72.07 -15.68 2.87
C LYS D 165 -71.48 -16.55 3.97
N TYR D 166 -70.34 -16.13 4.51
CA TYR D 166 -69.60 -16.90 5.51
C TYR D 166 -69.81 -16.40 6.92
N HIS D 167 -70.09 -15.11 7.09
CA HIS D 167 -69.97 -14.43 8.38
C HIS D 167 -71.32 -13.91 8.82
N GLN D 168 -71.75 -14.31 10.02
CA GLN D 168 -73.05 -13.90 10.51
C GLN D 168 -73.12 -12.39 10.70
N ARG D 169 -72.07 -11.81 11.27
CA ARG D 169 -72.01 -10.37 11.54
C ARG D 169 -70.68 -9.83 11.04
N VAL D 170 -70.75 -8.88 10.14
CA VAL D 170 -69.59 -8.20 9.58
C VAL D 170 -69.60 -6.78 10.13
N LEU D 171 -68.49 -6.36 10.69
CA LEU D 171 -68.33 -4.99 11.13
C LEU D 171 -67.63 -4.18 10.05
N TYR D 172 -68.20 -3.02 9.72
CA TYR D 172 -67.54 -2.03 8.90
C TYR D 172 -67.21 -0.85 9.78
N ILE D 173 -66.06 -0.24 9.54
CA ILE D 173 -65.59 0.92 10.26
C ILE D 173 -65.11 1.92 9.22
N ASP D 174 -65.10 3.20 9.58
CA ASP D 174 -64.67 4.25 8.67
C ASP D 174 -63.94 5.32 9.46
N ILE D 175 -62.64 5.46 9.18
CA ILE D 175 -61.86 6.55 9.72
C ILE D 175 -61.99 7.81 8.88
N ASP D 176 -62.42 7.68 7.61
CA ASP D 176 -62.30 8.76 6.63
C ASP D 176 -63.02 10.00 7.12
N ILE D 177 -62.41 11.15 6.86
CA ILE D 177 -62.97 12.41 7.31
C ILE D 177 -64.31 12.68 6.64
N HIS D 178 -64.55 12.07 5.48
CA HIS D 178 -65.87 12.05 4.86
C HIS D 178 -66.69 10.90 5.42
N HIS D 179 -67.99 11.14 5.59
CA HIS D 179 -68.87 10.13 6.15
C HIS D 179 -69.10 9.01 5.12
N GLY D 180 -69.13 7.77 5.61
CA GLY D 180 -69.36 6.63 4.76
C GLY D 180 -70.84 6.39 4.49
N ASP D 181 -71.46 7.32 3.78
CA ASP D 181 -72.89 7.20 3.50
C ASP D 181 -73.19 6.08 2.52
N GLY D 182 -72.29 5.83 1.57
CA GLY D 182 -72.56 4.82 0.56
C GLY D 182 -72.71 3.43 1.16
N VAL D 183 -71.74 3.02 1.96
CA VAL D 183 -71.84 1.75 2.66
C VAL D 183 -72.97 1.79 3.68
N GLU D 184 -73.14 2.92 4.35
CA GLU D 184 -74.21 3.06 5.32
C GLU D 184 -75.57 2.86 4.66
N GLU D 185 -75.82 3.61 3.58
CA GLU D 185 -77.05 3.46 2.83
C GLU D 185 -77.20 2.04 2.30
N ALA D 186 -76.08 1.43 1.92
CA ALA D 186 -76.15 0.12 1.28
C ALA D 186 -76.37 -1.00 2.29
N PHE D 187 -76.42 -0.68 3.58
CA PHE D 187 -76.75 -1.65 4.62
C PHE D 187 -77.62 -1.02 5.70
N TYR D 188 -78.47 -0.07 5.33
CA TYR D 188 -79.11 0.79 6.32
C TYR D 188 -80.17 0.03 7.13
N THR D 189 -80.78 -1.01 6.55
CA THR D 189 -81.85 -1.74 7.21
C THR D 189 -81.52 -3.21 7.42
N THR D 190 -80.25 -3.53 7.64
CA THR D 190 -79.83 -4.88 8.02
C THR D 190 -79.06 -4.82 9.32
N ASP D 191 -79.46 -5.68 10.26
CA ASP D 191 -78.76 -5.84 11.52
C ASP D 191 -77.43 -6.55 11.38
N ARG D 192 -77.25 -7.31 10.29
CA ARG D 192 -76.06 -8.12 10.13
C ARG D 192 -74.80 -7.30 9.89
N VAL D 193 -74.95 -6.05 9.46
CA VAL D 193 -73.83 -5.20 9.07
C VAL D 193 -73.92 -3.91 9.87
N MET D 194 -72.94 -3.69 10.74
CA MET D 194 -72.86 -2.47 11.54
C MET D 194 -71.91 -1.50 10.84
N THR D 195 -72.37 -0.28 10.63
CA THR D 195 -71.61 0.76 9.98
C THR D 195 -71.37 1.88 10.98
N VAL D 196 -70.13 2.00 11.43
CA VAL D 196 -69.69 3.08 12.30
C VAL D 196 -68.90 4.06 11.47
N SER D 197 -69.02 5.34 11.78
CA SER D 197 -68.39 6.38 10.98
C SER D 197 -68.05 7.56 11.85
N PHE D 198 -66.76 7.92 11.87
CA PHE D 198 -66.27 9.09 12.56
C PHE D 198 -65.88 10.08 11.47
N HIS D 199 -66.29 11.33 11.61
CA HIS D 199 -66.18 12.24 10.49
C HIS D 199 -66.50 13.64 10.94
N LYS D 200 -65.89 14.61 10.26
CA LYS D 200 -66.32 15.99 10.36
C LYS D 200 -67.80 16.10 10.01
N TYR D 201 -68.45 17.12 10.56
CA TYR D 201 -69.84 17.37 10.24
C TYR D 201 -70.11 18.88 10.31
N GLY D 202 -70.99 19.35 9.45
CA GLY D 202 -71.36 20.75 9.39
C GLY D 202 -70.61 21.50 8.30
N GLU D 203 -71.32 21.87 7.23
CA GLU D 203 -70.71 22.50 6.06
C GLU D 203 -69.62 21.59 5.50
N TYR D 204 -70.06 20.44 5.02
CA TYR D 204 -69.11 19.39 4.65
C TYR D 204 -69.86 18.27 3.94
N PHE D 205 -69.17 17.67 2.99
CA PHE D 205 -69.68 16.57 2.19
C PHE D 205 -69.58 15.26 2.97
N PRO D 206 -70.58 14.35 2.87
CA PRO D 206 -71.83 14.40 2.12
C PRO D 206 -72.96 15.00 2.95
N GLY D 207 -72.60 15.83 3.92
CA GLY D 207 -73.55 16.38 4.85
C GLY D 207 -74.17 15.38 5.81
N THR D 208 -73.75 14.11 5.77
CA THR D 208 -74.46 13.02 6.41
C THR D 208 -73.74 12.56 7.67
N GLY D 209 -74.41 11.67 8.40
CA GLY D 209 -73.81 11.00 9.53
C GLY D 209 -73.88 11.81 10.80
N ASP D 210 -74.99 12.51 11.04
CA ASP D 210 -75.13 13.26 12.27
C ASP D 210 -75.32 12.30 13.44
N LEU D 211 -75.52 12.86 14.63
CA LEU D 211 -75.74 12.04 15.81
C LEU D 211 -76.98 11.18 15.66
N ARG D 212 -78.01 11.70 15.02
CA ARG D 212 -79.31 11.05 14.98
C ARG D 212 -79.46 10.08 13.81
N ASP D 213 -78.48 9.99 12.92
CA ASP D 213 -78.51 8.99 11.85
C ASP D 213 -78.22 7.64 12.50
N ILE D 214 -79.28 6.91 12.82
CA ILE D 214 -79.19 5.69 13.63
C ILE D 214 -79.44 4.43 12.83
N GLY D 215 -80.25 4.49 11.77
CA GLY D 215 -80.63 3.32 11.01
C GLY D 215 -82.13 3.27 10.84
N ALA D 216 -82.65 2.14 10.38
CA ALA D 216 -84.07 2.02 10.13
C ALA D 216 -84.46 0.56 10.08
N GLY D 217 -85.68 0.28 10.54
CA GLY D 217 -86.21 -1.08 10.46
C GLY D 217 -85.36 -2.03 11.26
N LYS D 218 -84.99 -3.14 10.62
CA LYS D 218 -84.06 -4.08 11.24
C LYS D 218 -82.71 -3.42 11.50
N GLY D 219 -82.26 -2.56 10.59
CA GLY D 219 -80.97 -1.92 10.73
C GLY D 219 -80.92 -0.76 11.70
N LYS D 220 -82.00 -0.45 12.38
CA LYS D 220 -81.95 0.59 13.41
C LYS D 220 -81.10 0.11 14.58
N TYR D 221 -80.32 1.03 15.14
CA TYR D 221 -79.31 0.74 16.14
C TYR D 221 -78.20 -0.15 15.59
N TYR D 222 -77.98 -0.09 14.27
CA TYR D 222 -76.85 -0.74 13.62
C TYR D 222 -76.15 0.20 12.64
N ALA D 223 -76.39 1.51 12.76
CA ALA D 223 -75.69 2.51 11.96
C ALA D 223 -75.27 3.61 12.93
N VAL D 224 -74.14 3.42 13.55
CA VAL D 224 -73.58 4.38 14.48
C VAL D 224 -72.99 5.52 13.67
N ASN D 225 -72.96 6.70 14.27
CA ASN D 225 -72.30 7.84 13.68
C ASN D 225 -71.73 8.71 14.78
N TYR D 226 -70.82 9.59 14.39
CA TYR D 226 -70.05 10.37 15.34
C TYR D 226 -69.54 11.62 14.63
N PRO D 227 -70.37 12.65 14.51
CA PRO D 227 -69.91 13.88 13.85
C PRO D 227 -68.81 14.56 14.64
N LEU D 228 -68.12 15.49 13.97
CA LEU D 228 -66.96 16.14 14.54
C LEU D 228 -66.80 17.54 13.97
N ARG D 229 -65.94 18.33 14.62
CA ARG D 229 -65.56 19.66 14.17
C ARG D 229 -64.09 19.63 13.72
N ASP D 230 -63.55 20.79 13.37
CA ASP D 230 -62.18 20.89 12.89
C ASP D 230 -61.16 20.56 13.98
N GLY D 231 -60.01 20.06 13.55
CA GLY D 231 -58.80 20.09 14.36
C GLY D 231 -58.73 19.06 15.45
N ILE D 232 -59.26 17.86 15.24
CA ILE D 232 -59.16 16.81 16.25
C ILE D 232 -57.71 16.34 16.35
N ASP D 233 -57.26 16.07 17.56
CA ASP D 233 -55.91 15.57 17.80
C ASP D 233 -55.91 14.05 17.82
N ASP D 234 -54.70 13.49 17.78
CA ASP D 234 -54.55 12.05 17.99
C ASP D 234 -55.01 11.66 19.39
N GLU D 235 -54.69 12.49 20.39
CA GLU D 235 -55.04 12.17 21.77
C GLU D 235 -56.55 12.15 21.95
N SER D 236 -57.22 13.18 21.46
CA SER D 236 -58.68 13.20 21.48
C SER D 236 -59.24 11.98 20.77
N TYR D 237 -58.84 11.78 19.51
CA TYR D 237 -59.36 10.71 18.68
C TYR D 237 -59.16 9.34 19.33
N GLU D 238 -57.99 9.13 19.94
CA GLU D 238 -57.74 7.87 20.63
C GLU D 238 -58.67 7.71 21.83
N ALA D 239 -58.84 8.80 22.59
CA ALA D 239 -59.66 8.78 23.79
C ALA D 239 -61.14 8.55 23.50
N ILE D 240 -61.55 8.62 22.24
CA ILE D 240 -62.94 8.44 21.84
C ILE D 240 -63.11 7.23 20.94
N PHE D 241 -62.04 6.79 20.27
CA PHE D 241 -62.06 5.64 19.39
C PHE D 241 -62.10 4.33 20.16
N LYS D 242 -61.08 4.10 20.98
CA LYS D 242 -60.96 2.84 21.71
C LYS D 242 -62.14 2.53 22.62
N PRO D 243 -62.65 3.46 23.44
CA PRO D 243 -63.81 3.13 24.28
C PRO D 243 -65.01 2.69 23.46
N VAL D 244 -65.28 3.39 22.37
CA VAL D 244 -66.40 3.07 21.52
C VAL D 244 -66.25 1.67 20.95
N MET D 245 -65.18 1.44 20.18
CA MET D 245 -64.98 0.18 19.48
C MET D 245 -64.95 -1.00 20.44
N SER D 246 -64.48 -0.77 21.66
CA SER D 246 -64.55 -1.80 22.68
C SER D 246 -66.00 -2.20 22.94
N LYS D 247 -66.87 -1.21 23.06
CA LYS D 247 -68.28 -1.47 23.30
C LYS D 247 -68.92 -2.10 22.07
N VAL D 248 -68.50 -1.67 20.88
CA VAL D 248 -69.03 -2.23 19.65
C VAL D 248 -68.70 -3.72 19.59
N MET D 249 -67.43 -4.05 19.81
CA MET D 249 -67.03 -5.45 19.89
C MET D 249 -67.75 -6.15 21.02
N GLU D 250 -67.97 -5.42 22.12
CA GLU D 250 -68.71 -6.00 23.23
C GLU D 250 -70.14 -6.30 22.83
N MET D 251 -70.74 -5.45 22.01
CA MET D 251 -72.15 -5.57 21.68
C MET D 251 -72.36 -6.26 20.33
N PHE D 252 -71.80 -5.70 19.26
CA PHE D 252 -72.05 -6.24 17.93
C PHE D 252 -71.48 -7.64 17.77
N GLN D 253 -70.31 -7.91 18.34
CA GLN D 253 -69.69 -9.23 18.28
C GLN D 253 -69.55 -9.71 16.85
N PRO D 254 -68.86 -8.97 15.98
CA PRO D 254 -68.71 -9.41 14.60
C PRO D 254 -67.80 -10.62 14.51
N SER D 255 -67.86 -11.29 13.36
CA SER D 255 -66.96 -12.38 13.02
C SER D 255 -66.01 -12.01 11.89
N ALA D 256 -66.04 -10.76 11.43
CA ALA D 256 -65.11 -10.28 10.40
C ALA D 256 -65.22 -8.77 10.31
N VAL D 257 -64.08 -8.09 10.18
CA VAL D 257 -64.02 -6.64 10.19
C VAL D 257 -63.66 -6.14 8.79
N VAL D 258 -64.15 -4.96 8.46
CA VAL D 258 -63.71 -4.21 7.30
C VAL D 258 -63.40 -2.81 7.78
N LEU D 259 -62.12 -2.47 7.84
CA LEU D 259 -61.69 -1.13 8.20
C LEU D 259 -61.38 -0.38 6.92
N GLN D 260 -62.00 0.79 6.77
CA GLN D 260 -61.63 1.74 5.73
C GLN D 260 -60.64 2.72 6.34
N CYS D 261 -59.43 2.75 5.79
CA CYS D 261 -58.34 3.57 6.32
C CYS D 261 -58.25 4.89 5.57
N GLY D 262 -59.29 5.70 5.69
CA GLY D 262 -59.31 7.01 5.09
C GLY D 262 -58.18 7.88 5.60
N SER D 263 -57.32 8.32 4.69
CA SER D 263 -56.13 9.08 5.03
C SER D 263 -56.36 10.59 5.00
N ASP D 264 -57.41 11.05 4.34
CA ASP D 264 -57.72 12.48 4.29
C ASP D 264 -58.03 13.07 5.66
N SER D 265 -58.29 12.23 6.68
CA SER D 265 -58.41 12.71 8.05
C SER D 265 -57.07 13.07 8.68
N LEU D 266 -55.98 12.94 7.95
CA LEU D 266 -54.67 13.32 8.45
C LEU D 266 -54.52 14.84 8.52
N SER D 267 -53.47 15.27 9.19
CA SER D 267 -53.13 16.68 9.21
C SER D 267 -52.50 17.11 7.89
N GLY D 268 -52.78 18.34 7.50
CA GLY D 268 -52.21 18.88 6.28
C GLY D 268 -52.77 18.28 5.01
N ASP D 269 -53.99 17.78 5.05
CA ASP D 269 -54.64 17.28 3.84
C ASP D 269 -55.12 18.45 2.98
N ARG D 270 -55.15 18.22 1.66
CA ARG D 270 -55.66 19.23 0.75
C ARG D 270 -57.11 19.58 1.06
N LEU D 271 -57.96 18.56 1.11
CA LEU D 271 -59.40 18.72 1.36
C LEU D 271 -59.75 18.54 2.83
N GLY D 272 -59.07 17.64 3.51
CA GLY D 272 -59.38 17.39 4.91
C GLY D 272 -58.90 18.48 5.82
N CYS D 273 -59.63 18.65 6.92
CA CYS D 273 -59.33 19.64 7.94
C CYS D 273 -59.42 19.00 9.32
N PHE D 274 -58.72 17.87 9.46
CA PHE D 274 -58.39 17.27 10.76
C PHE D 274 -56.90 17.45 11.01
N ASN D 275 -56.48 17.11 12.24
CA ASN D 275 -55.11 17.34 12.68
C ASN D 275 -54.47 16.08 13.24
N LEU D 276 -54.60 14.97 12.54
CA LEU D 276 -54.05 13.69 12.98
C LEU D 276 -52.67 13.45 12.38
N THR D 277 -51.91 12.58 13.03
CA THR D 277 -50.62 12.12 12.54
C THR D 277 -50.72 10.71 11.99
N ILE D 278 -49.61 10.23 11.41
CA ILE D 278 -49.53 8.83 11.00
C ILE D 278 -49.73 7.94 12.22
N LYS D 279 -49.13 8.32 13.34
CA LYS D 279 -49.14 7.49 14.53
C LYS D 279 -50.54 7.29 15.06
N GLY D 280 -51.29 8.39 15.22
CA GLY D 280 -52.64 8.27 15.73
C GLY D 280 -53.57 7.57 14.76
N HIS D 281 -53.46 7.91 13.48
CA HIS D 281 -54.26 7.25 12.46
C HIS D 281 -53.97 5.75 12.44
N ALA D 282 -52.71 5.39 12.67
CA ALA D 282 -52.32 3.99 12.63
C ALA D 282 -52.66 3.27 13.93
N LYS D 283 -52.59 3.99 15.05
CA LYS D 283 -52.92 3.42 16.35
C LYS D 283 -54.30 2.79 16.35
N CYS D 284 -55.24 3.41 15.62
CA CYS D 284 -56.53 2.77 15.37
C CYS D 284 -56.35 1.40 14.74
N VAL D 285 -55.54 1.34 13.68
CA VAL D 285 -55.38 0.08 12.95
C VAL D 285 -54.73 -0.97 13.84
N GLU D 286 -53.86 -0.52 14.76
CA GLU D 286 -53.33 -1.42 15.76
C GLU D 286 -54.44 -1.96 16.65
N PHE D 287 -55.31 -1.07 17.12
CA PHE D 287 -56.32 -1.45 18.10
C PHE D 287 -57.28 -2.47 17.51
N VAL D 288 -57.68 -2.29 16.26
CA VAL D 288 -58.60 -3.24 15.62
C VAL D 288 -57.88 -4.57 15.41
N LYS D 289 -56.61 -4.50 15.04
CA LYS D 289 -55.79 -5.69 14.81
C LYS D 289 -55.68 -6.48 16.10
N SER D 290 -55.65 -5.77 17.23
CA SER D 290 -55.53 -6.42 18.52
C SER D 290 -56.68 -7.39 18.78
N PHE D 291 -57.85 -7.13 18.21
CA PHE D 291 -59.02 -7.97 18.46
C PHE D 291 -59.00 -9.27 17.73
N ASN D 292 -58.14 -9.43 16.73
CA ASN D 292 -57.86 -10.73 16.13
C ASN D 292 -59.11 -11.34 15.49
N LEU D 293 -59.62 -10.65 14.47
CA LEU D 293 -60.64 -11.17 13.57
C LEU D 293 -60.09 -11.27 12.15
N PRO D 294 -60.77 -12.01 11.27
CA PRO D 294 -60.46 -11.87 9.83
C PRO D 294 -60.63 -10.43 9.39
N MET D 295 -59.62 -9.88 8.72
CA MET D 295 -59.48 -8.45 8.54
C MET D 295 -59.31 -8.10 7.08
N LEU D 296 -59.78 -6.90 6.71
CA LEU D 296 -59.61 -6.35 5.37
C LEU D 296 -59.44 -4.84 5.50
N MET D 297 -58.21 -4.38 5.31
CA MET D 297 -57.92 -2.95 5.34
C MET D 297 -57.95 -2.38 3.94
N LEU D 298 -58.73 -1.33 3.73
CA LEU D 298 -58.79 -0.64 2.45
C LEU D 298 -58.29 0.78 2.62
N GLY D 299 -58.16 1.46 1.49
CA GLY D 299 -57.77 2.85 1.45
C GLY D 299 -58.98 3.76 1.39
N GLY D 300 -58.97 4.68 0.45
CA GLY D 300 -60.04 5.61 0.25
C GLY D 300 -59.48 7.01 0.04
N GLY D 301 -60.10 7.99 0.68
CA GLY D 301 -59.70 9.37 0.54
C GLY D 301 -58.27 9.58 1.01
N GLY D 302 -57.79 10.78 0.72
CA GLY D 302 -56.41 11.18 0.97
C GLY D 302 -55.88 11.90 -0.26
N TYR D 303 -55.43 13.13 -0.08
CA TYR D 303 -55.17 14.02 -1.21
C TYR D 303 -53.85 14.78 -1.12
N THR D 304 -53.21 14.80 0.05
CA THR D 304 -51.79 15.16 0.14
C THR D 304 -51.04 13.84 0.02
N ILE D 305 -50.80 13.45 -1.23
CA ILE D 305 -50.41 12.09 -1.56
C ILE D 305 -49.08 11.70 -0.92
N ARG D 306 -48.21 12.69 -0.67
CA ARG D 306 -46.94 12.42 -0.01
C ARG D 306 -47.16 11.80 1.36
N ASN D 307 -48.25 12.17 2.03
CA ASN D 307 -48.56 11.63 3.34
C ASN D 307 -49.45 10.41 3.25
N VAL D 308 -50.27 10.32 2.19
CA VAL D 308 -51.00 9.09 1.93
C VAL D 308 -50.03 7.93 1.78
N ALA D 309 -48.95 8.17 1.04
CA ALA D 309 -47.90 7.17 0.88
C ALA D 309 -47.33 6.79 2.23
N ARG D 310 -46.95 7.80 3.02
CA ARG D 310 -46.42 7.56 4.35
C ARG D 310 -47.42 6.80 5.22
N CYS D 311 -48.70 7.14 5.07
CA CYS D 311 -49.72 6.57 5.92
C CYS D 311 -49.95 5.10 5.61
N TRP D 312 -50.34 4.81 4.37
CA TRP D 312 -50.70 3.45 3.99
C TRP D 312 -49.50 2.52 4.04
N THR D 313 -48.30 3.07 3.85
CA THR D 313 -47.09 2.27 4.04
C THR D 313 -46.95 1.83 5.48
N TYR D 314 -46.92 2.79 6.41
CA TYR D 314 -46.74 2.47 7.82
C TYR D 314 -47.81 1.51 8.31
N GLU D 315 -49.08 1.81 7.97
CA GLU D 315 -50.19 0.97 8.40
C GLU D 315 -50.04 -0.47 7.92
N THR D 316 -49.41 -0.68 6.77
CA THR D 316 -49.10 -2.03 6.34
C THR D 316 -48.16 -2.72 7.32
N ALA D 317 -47.12 -2.00 7.76
CA ALA D 317 -46.19 -2.54 8.74
C ALA D 317 -46.89 -2.94 10.03
N VAL D 318 -47.97 -2.24 10.37
CA VAL D 318 -48.71 -2.55 11.59
C VAL D 318 -49.46 -3.86 11.42
N ALA D 319 -50.05 -4.07 10.24
CA ALA D 319 -50.66 -5.36 9.95
C ALA D 319 -49.63 -6.48 9.98
N LEU D 320 -48.37 -6.16 9.72
CA LEU D 320 -47.28 -7.11 9.80
C LEU D 320 -46.57 -7.10 11.14
N ASP D 321 -46.97 -6.18 12.04
CA ASP D 321 -46.34 -5.94 13.34
C ASP D 321 -44.81 -6.00 13.30
N THR D 322 -44.23 -5.34 12.31
CA THR D 322 -42.79 -5.12 12.22
C THR D 322 -42.49 -3.64 12.38
N GLU D 323 -41.22 -3.34 12.66
CA GLU D 323 -40.76 -1.97 12.80
C GLU D 323 -40.12 -1.51 11.51
N ILE D 324 -40.16 -0.19 11.28
CA ILE D 324 -39.51 0.43 10.15
C ILE D 324 -38.99 1.79 10.63
N PRO D 325 -37.81 2.25 10.20
CA PRO D 325 -37.35 3.56 10.67
C PRO D 325 -38.19 4.70 10.11
N ASN D 326 -38.09 5.83 10.79
CA ASN D 326 -38.61 7.09 10.25
C ASN D 326 -37.81 7.51 9.02
N GLU D 327 -36.55 7.11 8.93
CA GLU D 327 -35.71 7.40 7.78
C GLU D 327 -36.27 6.74 6.54
N LEU D 328 -36.79 7.53 5.61
CA LEU D 328 -37.36 6.97 4.41
C LEU D 328 -36.24 6.43 3.50
N PRO D 329 -36.29 5.15 3.12
CA PRO D 329 -35.25 4.63 2.24
C PRO D 329 -35.42 5.18 0.83
N TYR D 330 -34.45 4.85 -0.03
CA TYR D 330 -34.50 5.35 -1.39
C TYR D 330 -35.53 4.58 -2.20
N ASN D 331 -36.15 5.29 -3.13
CA ASN D 331 -37.15 4.70 -4.02
C ASN D 331 -37.31 5.63 -5.22
N ASP D 332 -38.21 5.26 -6.12
CA ASP D 332 -38.44 6.07 -7.31
C ASP D 332 -38.94 7.46 -6.94
N TYR D 333 -39.93 7.53 -6.06
CA TYR D 333 -40.58 8.78 -5.66
C TYR D 333 -39.99 9.36 -4.38
N PHE D 334 -38.72 9.06 -4.09
CA PHE D 334 -38.08 9.58 -2.88
C PHE D 334 -38.11 11.10 -2.85
N GLU D 335 -38.04 11.73 -4.01
CA GLU D 335 -37.95 13.19 -4.08
C GLU D 335 -39.27 13.87 -3.80
N TYR D 336 -40.38 13.11 -3.82
CA TYR D 336 -41.67 13.67 -3.46
C TYR D 336 -41.67 14.18 -2.02
N PHE D 337 -40.93 13.52 -1.14
CA PHE D 337 -41.17 13.61 0.30
C PHE D 337 -40.38 14.76 0.92
N GLY D 338 -40.71 15.97 0.47
CA GLY D 338 -40.28 17.19 1.09
C GLY D 338 -38.77 17.30 1.22
N PRO D 339 -38.31 18.27 2.02
CA PRO D 339 -36.89 18.28 2.39
C PRO D 339 -36.56 17.29 3.49
N ASP D 340 -37.56 16.86 4.27
CA ASP D 340 -37.29 16.00 5.43
C ASP D 340 -37.04 14.56 5.04
N PHE D 341 -37.87 14.02 4.13
CA PHE D 341 -37.83 12.61 3.78
C PHE D 341 -38.01 11.75 5.04
N LYS D 342 -39.08 12.03 5.78
CA LYS D 342 -39.41 11.30 6.99
C LYS D 342 -40.81 10.73 6.89
N LEU D 343 -41.01 9.62 7.60
CA LEU D 343 -42.31 8.95 7.62
C LEU D 343 -43.34 9.74 8.39
N HIS D 344 -43.00 10.15 9.60
CA HIS D 344 -43.99 10.69 10.53
C HIS D 344 -44.24 12.17 10.26
N ILE D 345 -45.49 12.57 10.50
CA ILE D 345 -45.89 13.97 10.46
C ILE D 345 -46.22 14.40 11.89
N SER D 346 -46.18 15.70 12.11
CA SER D 346 -46.59 16.30 13.36
C SER D 346 -47.88 17.10 13.15
N PRO D 347 -48.69 17.29 14.18
CA PRO D 347 -49.91 18.08 14.01
C PRO D 347 -49.58 19.56 13.91
N SER D 348 -50.56 20.30 13.38
CA SER D 348 -50.42 21.73 13.16
C SER D 348 -50.78 22.51 14.41
N ASN D 349 -50.59 23.83 14.34
CA ASN D 349 -51.08 24.75 15.37
C ASN D 349 -52.58 25.01 15.24
N MET D 350 -53.25 24.36 14.28
CA MET D 350 -54.69 24.41 14.12
C MET D 350 -55.41 24.16 15.43
N THR D 351 -56.57 24.80 15.58
CA THR D 351 -57.34 24.75 16.82
C THR D 351 -58.30 23.55 16.83
N ASN D 352 -58.38 22.89 17.99
CA ASN D 352 -59.33 21.79 18.17
C ASN D 352 -60.63 22.36 18.70
N GLN D 353 -61.65 22.43 17.84
CA GLN D 353 -62.95 22.92 18.22
C GLN D 353 -63.83 21.87 18.89
N ASN D 354 -63.26 20.72 19.24
CA ASN D 354 -64.01 19.62 19.85
C ASN D 354 -63.79 19.66 21.35
N THR D 355 -64.61 20.46 22.03
CA THR D 355 -64.48 20.60 23.47
C THR D 355 -64.86 19.31 24.18
N ASN D 356 -64.26 19.10 25.35
CA ASN D 356 -64.48 17.87 26.11
C ASN D 356 -65.95 17.66 26.43
N GLU D 357 -66.68 18.75 26.69
CA GLU D 357 -68.10 18.63 26.96
C GLU D 357 -68.85 18.09 25.74
N TYR D 358 -68.55 18.65 24.57
CA TYR D 358 -69.23 18.21 23.35
C TYR D 358 -68.93 16.75 23.06
N LEU D 359 -67.71 16.31 23.37
CA LEU D 359 -67.34 14.92 23.15
C LEU D 359 -68.00 14.02 24.18
N GLU D 360 -68.02 14.43 25.45
CA GLU D 360 -68.59 13.60 26.49
C GLU D 360 -70.10 13.51 26.36
N LYS D 361 -70.75 14.57 25.88
CA LYS D 361 -72.18 14.51 25.61
C LYS D 361 -72.49 13.36 24.66
N ILE D 362 -71.95 13.46 23.45
CA ILE D 362 -72.29 12.54 22.38
C ILE D 362 -71.90 11.12 22.76
N LYS D 363 -70.79 11.00 23.50
CA LYS D 363 -70.36 9.71 24.01
C LYS D 363 -71.47 9.01 24.78
N GLN D 364 -72.05 9.73 25.72
CA GLN D 364 -73.05 9.15 26.59
C GLN D 364 -74.32 8.80 25.83
N ARG D 365 -74.68 9.63 24.84
CA ARG D 365 -75.79 9.29 23.96
C ARG D 365 -75.55 7.96 23.28
N LEU D 366 -74.32 7.73 22.82
CA LEU D 366 -74.04 6.52 22.09
C LEU D 366 -74.07 5.31 23.01
N PHE D 367 -73.45 5.43 24.19
CA PHE D 367 -73.49 4.36 25.18
C PHE D 367 -74.90 3.88 25.43
N GLU D 368 -75.84 4.82 25.55
CA GLU D 368 -77.24 4.47 25.70
C GLU D 368 -77.73 3.65 24.52
N ASN D 369 -77.40 4.09 23.30
CA ASN D 369 -77.80 3.36 22.10
C ASN D 369 -77.21 1.96 22.10
N LEU D 370 -75.95 1.84 22.53
CA LEU D 370 -75.29 0.54 22.53
C LEU D 370 -75.81 -0.37 23.63
N ARG D 371 -76.30 0.21 24.74
CA ARG D 371 -76.84 -0.61 25.80
C ARG D 371 -78.17 -1.26 25.42
N MET D 372 -78.83 -0.72 24.38
CA MET D 372 -80.10 -1.27 23.95
C MET D 372 -79.98 -2.68 23.38
N LEU D 373 -78.76 -3.11 23.04
CA LEU D 373 -78.57 -4.37 22.35
C LEU D 373 -78.69 -5.55 23.32
N PRO D 374 -78.86 -6.77 22.81
CA PRO D 374 -78.91 -7.93 23.72
C PRO D 374 -77.53 -8.29 24.24
N HIS D 375 -77.52 -8.78 25.48
CA HIS D 375 -76.31 -9.15 26.19
C HIS D 375 -76.70 -9.98 27.41
N ALA D 376 -75.71 -10.29 28.26
CA ALA D 376 -75.96 -10.98 29.52
C ALA D 376 -75.05 -10.43 30.62
N ASP E 62 21.23 -5.93 9.36
CA ASP E 62 21.74 -5.14 8.26
C ASP E 62 22.49 -3.93 8.81
N PRO E 63 23.71 -3.66 8.35
CA PRO E 63 24.40 -2.45 8.83
C PRO E 63 23.74 -1.15 8.39
N ALA E 64 22.98 -1.14 7.28
CA ALA E 64 22.40 0.11 6.79
C ALA E 64 21.29 0.65 7.68
N ILE E 65 20.92 -0.06 8.75
CA ILE E 65 19.99 0.44 9.74
C ILE E 65 20.47 1.72 10.42
N SER E 66 21.77 2.01 10.35
CA SER E 66 22.33 3.28 10.84
C SER E 66 21.53 4.46 10.36
N MET E 67 21.12 4.44 9.09
CA MET E 67 20.36 5.54 8.53
C MET E 67 19.04 5.69 9.25
N ASP E 68 18.33 4.58 9.48
CA ASP E 68 17.02 4.62 10.13
C ASP E 68 17.11 5.20 11.53
N LEU E 69 18.26 5.08 12.19
CA LEU E 69 18.35 5.39 13.60
C LEU E 69 18.94 6.77 13.82
N LEU E 70 19.90 7.17 12.99
CA LEU E 70 20.23 8.59 12.88
C LEU E 70 18.98 9.40 12.61
N ARG E 71 18.12 8.87 11.75
CA ARG E 71 16.86 9.53 11.42
CA ARG E 71 16.86 9.53 11.42
C ARG E 71 16.02 9.79 12.66
N ALA E 72 15.83 8.74 13.47
CA ALA E 72 15.03 8.87 14.69
C ALA E 72 15.64 9.89 15.63
N VAL E 73 16.96 10.04 15.59
CA VAL E 73 17.63 11.02 16.45
C VAL E 73 17.26 12.43 16.04
N LEU E 74 17.17 12.66 14.74
CA LEU E 74 17.01 13.99 14.18
C LEU E 74 15.56 14.35 13.93
N GLN E 75 14.68 13.35 13.88
CA GLN E 75 13.25 13.59 13.69
C GLN E 75 12.65 14.60 14.65
N PRO E 76 12.94 14.59 15.96
CA PRO E 76 12.36 15.61 16.84
C PRO E 76 12.77 17.02 16.46
N SER E 77 14.05 17.20 16.13
CA SER E 77 14.53 18.52 15.76
CA SER E 77 14.53 18.52 15.76
C SER E 77 13.93 18.97 14.43
N ILE E 78 13.89 18.07 13.46
CA ILE E 78 13.35 18.38 12.15
C ILE E 78 11.87 18.70 12.25
N ASN E 79 11.14 17.92 13.05
CA ASN E 79 9.71 18.12 13.21
C ASN E 79 9.42 19.50 13.79
N GLU E 80 10.31 20.01 14.64
CA GLU E 80 10.14 21.34 15.20
C GLU E 80 10.20 22.39 14.11
N GLU E 81 11.15 22.23 13.18
CA GLU E 81 11.34 23.21 12.12
C GLU E 81 10.23 23.13 11.08
N ILE E 82 9.71 21.93 10.82
CA ILE E 82 8.63 21.78 9.86
C ILE E 82 7.36 22.41 10.40
N GLN E 83 7.08 22.17 11.68
CA GLN E 83 5.93 22.79 12.32
C GLN E 83 6.01 24.30 12.21
N THR E 84 7.22 24.84 12.35
CA THR E 84 7.42 26.28 12.19
C THR E 84 7.05 26.73 10.78
N VAL E 85 7.35 25.90 9.79
CA VAL E 85 7.08 26.25 8.40
C VAL E 85 5.58 26.31 8.16
N PHE E 86 4.88 25.22 8.45
CA PHE E 86 3.45 25.14 8.16
C PHE E 86 2.65 26.16 8.95
N ASN E 87 3.14 26.59 10.11
CA ASN E 87 2.46 27.61 10.90
C ASN E 87 2.23 28.87 10.09
N LYS E 88 3.16 29.17 9.19
CA LYS E 88 3.02 30.30 8.29
C LYS E 88 1.86 30.11 7.32
N TYR E 89 1.55 28.86 6.97
CA TYR E 89 0.57 28.55 5.94
C TYR E 89 -0.74 27.99 6.48
N MET E 90 -0.87 27.85 7.79
CA MET E 90 -2.04 27.19 8.35
C MET E 90 -3.30 28.02 8.13
N LYS E 91 -3.16 29.35 8.12
CA LYS E 91 -4.32 30.22 7.94
C LYS E 91 -5.00 29.98 6.61
N PHE E 92 -4.22 29.72 5.56
CA PHE E 92 -4.80 29.40 4.26
C PHE E 92 -5.59 28.11 4.33
N PHE E 93 -4.99 27.08 4.91
CA PHE E 93 -5.67 25.80 5.06
C PHE E 93 -6.94 25.95 5.89
N GLN E 94 -6.86 26.73 6.97
CA GLN E 94 -7.93 26.78 7.95
C GLN E 94 -9.20 27.36 7.35
N LYS E 95 -9.10 28.53 6.71
CA LYS E 95 -10.28 29.13 6.14
C LYS E 95 -10.79 28.33 4.95
N ALA E 96 -9.87 27.74 4.18
CA ALA E 96 -10.27 26.91 3.05
C ALA E 96 -11.16 25.76 3.52
N ALA E 97 -10.77 25.11 4.62
CA ALA E 97 -11.60 24.06 5.19
C ALA E 97 -12.93 24.63 5.68
N LEU E 98 -12.89 25.81 6.30
CA LEU E 98 -14.13 26.41 6.80
C LEU E 98 -15.04 26.80 5.65
N ASN E 99 -14.47 27.33 4.57
CA ASN E 99 -15.27 27.66 3.40
C ASN E 99 -15.94 26.42 2.83
N VAL E 100 -15.29 25.26 2.96
CA VAL E 100 -15.90 24.02 2.51
C VAL E 100 -17.07 23.66 3.43
N ARG E 101 -16.83 23.72 4.74
CA ARG E 101 -17.86 23.36 5.70
C ARG E 101 -19.00 24.39 5.70
N ASP E 102 -18.76 25.58 5.14
CA ASP E 102 -19.84 26.54 4.98
C ASP E 102 -20.67 26.22 3.74
N ASN E 103 -20.04 25.78 2.66
CA ASN E 103 -20.72 25.49 1.41
C ASN E 103 -21.21 24.05 1.32
N VAL E 104 -20.62 23.15 2.11
CA VAL E 104 -21.16 21.81 2.34
C VAL E 104 -21.66 21.86 3.78
N GLY E 105 -22.35 20.82 4.26
CA GLY E 105 -23.02 20.88 5.53
C GLY E 105 -22.14 20.55 6.71
N GLU E 106 -22.79 20.18 7.83
CA GLU E 106 -22.10 19.97 9.09
C GLU E 106 -21.20 18.74 9.04
N GLU E 107 -21.51 17.77 8.19
CA GLU E 107 -20.78 16.51 8.13
C GLU E 107 -19.33 16.66 7.66
N VAL E 108 -18.90 17.86 7.27
CA VAL E 108 -17.51 18.11 6.92
C VAL E 108 -16.71 18.35 8.20
N ASP E 109 -15.64 17.59 8.37
CA ASP E 109 -14.69 17.80 9.46
C ASP E 109 -13.60 18.72 8.94
N ALA E 110 -13.68 20.00 9.33
CA ALA E 110 -12.71 20.98 8.85
C ALA E 110 -11.31 20.65 9.33
N GLU E 111 -11.18 20.19 10.57
CA GLU E 111 -9.87 19.85 11.10
C GLU E 111 -9.25 18.69 10.35
N GLN E 112 -10.07 17.69 10.00
CA GLN E 112 -9.56 16.56 9.23
C GLN E 112 -9.07 17.00 7.86
N LEU E 113 -9.79 17.95 7.24
CA LEU E 113 -9.37 18.44 5.93
C LEU E 113 -8.01 19.11 6.02
N ILE E 114 -7.79 19.91 7.07
CA ILE E 114 -6.53 20.61 7.23
C ILE E 114 -5.40 19.61 7.40
N GLN E 115 -5.61 18.61 8.26
CA GLN E 115 -4.58 17.62 8.53
C GLN E 115 -4.26 16.82 7.28
N GLU E 116 -5.29 16.38 6.55
CA GLU E 116 -5.08 15.62 5.33
C GLU E 116 -4.29 16.42 4.31
N ALA E 117 -4.59 17.72 4.22
CA ALA E 117 -3.90 18.56 3.24
C ALA E 117 -2.43 18.71 3.58
N CYS E 118 -2.12 18.88 4.86
CA CYS E 118 -0.72 19.11 5.26
C CYS E 118 0.07 17.81 5.20
N ARG E 119 -0.61 16.67 5.37
CA ARG E 119 0.05 15.39 5.12
C ARG E 119 0.35 15.21 3.64
N SER E 120 -0.62 15.54 2.78
CA SER E 120 -0.41 15.46 1.34
C SER E 120 0.75 16.35 0.90
N CYS E 121 0.90 17.51 1.55
N CYS E 121 0.91 17.50 1.56
CA CYS E 121 2.02 18.39 1.25
CA CYS E 121 2.01 18.39 1.26
C CYS E 121 3.35 17.69 1.50
C CYS E 121 3.34 17.71 1.51
N LEU E 122 3.45 16.97 2.61
CA LEU E 122 4.70 16.32 2.96
C LEU E 122 4.98 15.16 2.00
N GLU E 123 3.92 14.52 1.51
CA GLU E 123 4.08 13.49 0.50
C GLU E 123 4.70 14.07 -0.76
N GLN E 124 4.13 15.18 -1.26
CA GLN E 124 4.60 15.76 -2.50
C GLN E 124 6.01 16.33 -2.36
N ALA E 125 6.40 16.74 -1.17
CA ALA E 125 7.74 17.26 -0.95
C ALA E 125 8.80 16.19 -1.18
N LYS E 126 8.43 14.90 -1.11
CA LYS E 126 9.38 13.81 -1.29
C LYS E 126 10.06 13.86 -2.65
N LEU E 127 9.45 14.53 -3.61
CA LEU E 127 10.05 14.72 -4.92
C LEU E 127 11.32 15.54 -4.86
N LEU E 128 11.51 16.31 -3.78
CA LEU E 128 12.80 16.95 -3.55
C LEU E 128 13.94 15.94 -3.44
N PHE E 129 13.63 14.72 -3.02
CA PHE E 129 14.61 13.68 -2.75
C PHE E 129 14.26 12.41 -3.50
N SER E 130 13.76 12.60 -4.71
CA SER E 130 13.54 11.53 -5.66
C SER E 130 14.49 11.74 -6.83
N ASP F 62 -16.12 17.59 -5.19
CA ASP F 62 -15.51 16.84 -4.12
C ASP F 62 -14.69 17.78 -3.23
N PRO F 63 -14.79 17.67 -1.89
CA PRO F 63 -13.95 18.53 -1.04
C PRO F 63 -12.46 18.33 -1.22
N ALA F 64 -11.98 17.08 -1.22
CA ALA F 64 -10.55 16.82 -1.29
C ALA F 64 -9.93 17.36 -2.57
N ILE F 65 -10.72 17.52 -3.62
CA ILE F 65 -10.22 18.03 -4.89
C ILE F 65 -9.92 19.52 -4.79
N SER F 66 -10.85 20.29 -4.22
CA SER F 66 -10.62 21.72 -3.98
C SER F 66 -9.34 21.93 -3.18
N MET F 67 -9.10 21.07 -2.19
CA MET F 67 -7.94 21.25 -1.32
C MET F 67 -6.65 20.86 -2.03
N ASP F 68 -6.62 19.68 -2.65
CA ASP F 68 -5.46 19.28 -3.44
C ASP F 68 -5.20 20.26 -4.56
N LEU F 69 -6.26 20.88 -5.07
CA LEU F 69 -6.11 21.87 -6.11
C LEU F 69 -5.39 23.10 -5.59
N LEU F 70 -5.73 23.54 -4.38
CA LEU F 70 -4.94 24.58 -3.73
C LEU F 70 -3.54 24.08 -3.42
N ARG F 71 -3.43 22.81 -3.02
CA ARG F 71 -2.14 22.24 -2.66
C ARG F 71 -1.16 22.34 -3.82
N ALA F 72 -1.64 22.08 -5.03
CA ALA F 72 -0.79 22.17 -6.21
C ALA F 72 -0.29 23.59 -6.42
N VAL F 73 -1.13 24.58 -6.13
CA VAL F 73 -0.74 25.98 -6.31
C VAL F 73 0.44 26.32 -5.43
N LEU F 74 0.45 25.80 -4.21
CA LEU F 74 1.41 26.19 -3.20
C LEU F 74 2.64 25.29 -3.16
N GLN F 75 2.55 24.11 -3.76
CA GLN F 75 3.66 23.17 -3.78
C GLN F 75 4.99 23.76 -4.24
N PRO F 76 5.05 24.59 -5.29
CA PRO F 76 6.37 25.13 -5.68
C PRO F 76 7.01 25.98 -4.60
N SER F 77 6.24 26.88 -4.00
CA SER F 77 6.77 27.74 -2.95
C SER F 77 7.22 26.90 -1.76
N ILE F 78 6.43 25.89 -1.39
CA ILE F 78 6.73 25.09 -0.22
C ILE F 78 7.95 24.22 -0.48
N ASN F 79 8.01 23.61 -1.67
CA ASN F 79 9.14 22.76 -2.03
C ASN F 79 10.44 23.54 -1.96
N GLU F 80 10.39 24.83 -2.30
CA GLU F 80 11.58 25.67 -2.18
C GLU F 80 12.05 25.75 -0.74
N GLU F 81 11.12 26.02 0.18
CA GLU F 81 11.49 26.18 1.58
C GLU F 81 11.96 24.88 2.20
N ILE F 82 11.39 23.76 1.78
CA ILE F 82 11.82 22.47 2.31
C ILE F 82 13.23 22.15 1.83
N GLN F 83 13.49 22.40 0.55
CA GLN F 83 14.83 22.22 0.01
C GLN F 83 15.84 23.06 0.80
N THR F 84 15.44 24.27 1.18
CA THR F 84 16.29 25.11 1.99
C THR F 84 16.58 24.46 3.34
N VAL F 85 15.56 23.81 3.91
CA VAL F 85 15.71 23.18 5.21
C VAL F 85 16.73 22.04 5.13
N PHE F 86 16.51 21.10 4.22
CA PHE F 86 17.34 19.91 4.15
C PHE F 86 18.76 20.21 3.72
N ASN F 87 18.97 21.33 3.01
CA ASN F 87 20.32 21.73 2.65
C ASN F 87 21.19 21.90 3.88
N LYS F 88 20.59 22.28 5.00
CA LYS F 88 21.29 22.36 6.27
C LYS F 88 21.70 20.97 6.76
N TYR F 89 20.93 19.93 6.42
CA TYR F 89 21.11 18.60 6.95
C TYR F 89 21.71 17.62 5.95
N MET F 90 21.97 18.05 4.71
CA MET F 90 22.39 17.11 3.68
C MET F 90 23.77 16.56 3.98
N LYS F 91 24.63 17.35 4.61
CA LYS F 91 25.99 16.89 4.90
C LYS F 91 25.97 15.67 5.81
N PHE F 92 25.11 15.69 6.83
CA PHE F 92 25.02 14.57 7.75
C PHE F 92 24.62 13.29 7.02
N PHE F 93 23.66 13.40 6.11
CA PHE F 93 23.28 12.27 5.28
C PHE F 93 24.45 11.83 4.41
N GLN F 94 25.17 12.81 3.85
CA GLN F 94 26.21 12.50 2.87
C GLN F 94 27.38 11.77 3.52
N LYS F 95 27.79 12.23 4.69
CA LYS F 95 28.86 11.56 5.41
C LYS F 95 28.46 10.13 5.74
N ALA F 96 27.25 9.94 6.26
CA ALA F 96 26.81 8.62 6.70
C ALA F 96 26.72 7.65 5.53
N ALA F 97 26.18 8.12 4.41
CA ALA F 97 26.02 7.25 3.24
C ALA F 97 27.37 6.85 2.68
N LEU F 98 28.30 7.80 2.58
CA LEU F 98 29.66 7.47 2.16
C LEU F 98 30.29 6.48 3.11
N ASN F 99 30.06 6.66 4.41
CA ASN F 99 30.65 5.79 5.42
C ASN F 99 30.16 4.37 5.26
N VAL F 100 28.88 4.22 4.91
CA VAL F 100 28.35 2.88 4.63
C VAL F 100 29.09 2.28 3.45
N ARG F 101 29.26 3.06 2.39
CA ARG F 101 29.96 2.58 1.21
C ARG F 101 31.43 2.33 1.52
N ASP F 102 32.03 3.17 2.37
CA ASP F 102 33.43 2.99 2.75
C ASP F 102 33.63 1.65 3.45
N ASN F 103 32.64 1.21 4.22
CA ASN F 103 32.77 -0.01 5.01
C ASN F 103 32.27 -1.24 4.27
N VAL F 104 31.19 -1.11 3.51
CA VAL F 104 30.56 -2.27 2.88
C VAL F 104 31.16 -2.54 1.50
N GLY F 105 31.28 -1.53 0.66
CA GLY F 105 31.98 -1.65 -0.61
C GLY F 105 31.29 -0.90 -1.72
N GLU F 106 31.64 -1.30 -2.95
CA GLU F 106 31.22 -0.57 -4.15
C GLU F 106 29.72 -0.69 -4.40
N GLU F 107 29.14 -1.85 -4.09
CA GLU F 107 27.74 -2.13 -4.44
C GLU F 107 26.74 -1.26 -3.66
N VAL F 108 27.20 -0.44 -2.73
CA VAL F 108 26.35 0.53 -2.05
C VAL F 108 26.23 1.77 -2.91
N ASP F 109 24.99 2.19 -3.15
CA ASP F 109 24.71 3.45 -3.85
C ASP F 109 24.49 4.52 -2.78
N ALA F 110 25.53 5.33 -2.55
CA ALA F 110 25.46 6.35 -1.50
C ALA F 110 24.39 7.39 -1.81
N GLU F 111 24.28 7.80 -3.08
CA GLU F 111 23.27 8.79 -3.45
C GLU F 111 21.87 8.24 -3.22
N GLN F 112 21.66 6.97 -3.52
CA GLN F 112 20.36 6.36 -3.31
C GLN F 112 20.01 6.31 -1.82
N LEU F 113 21.00 6.05 -0.98
CA LEU F 113 20.75 6.05 0.46
C LEU F 113 20.33 7.42 0.94
N ILE F 114 21.00 8.48 0.45
CA ILE F 114 20.68 9.83 0.88
C ILE F 114 19.25 10.18 0.49
N GLN F 115 18.85 9.81 -0.72
CA GLN F 115 17.51 10.14 -1.21
C GLN F 115 16.46 9.40 -0.40
N GLU F 116 16.68 8.11 -0.16
CA GLU F 116 15.73 7.31 0.60
C GLU F 116 15.55 7.87 2.01
N ALA F 117 16.65 8.28 2.63
CA ALA F 117 16.57 8.82 3.99
C ALA F 117 15.77 10.10 4.02
N CYS F 118 16.02 11.02 3.08
CA CYS F 118 15.35 12.31 3.11
C CYS F 118 13.88 12.17 2.75
N ARG F 119 13.56 11.19 1.90
CA ARG F 119 12.16 10.87 1.66
C ARG F 119 11.51 10.34 2.93
N SER F 120 12.23 9.51 3.68
CA SER F 120 11.67 8.93 4.89
C SER F 120 11.40 9.99 5.95
N CYS F 121 12.29 10.99 6.06
CA CYS F 121 12.05 12.11 6.96
C CYS F 121 10.72 12.77 6.66
N LEU F 122 10.38 12.88 5.39
CA LEU F 122 9.13 13.53 5.01
C LEU F 122 7.94 12.65 5.33
N GLU F 123 8.11 11.33 5.21
CA GLU F 123 7.04 10.42 5.61
C GLU F 123 6.75 10.56 7.10
N GLN F 124 7.80 10.65 7.91
CA GLN F 124 7.61 10.75 9.35
C GLN F 124 7.11 12.12 9.77
N ALA F 125 7.37 13.15 8.95
CA ALA F 125 6.84 14.47 9.26
C ALA F 125 5.33 14.51 9.18
N LYS F 126 4.71 13.57 8.47
CA LYS F 126 3.25 13.52 8.36
C LYS F 126 2.56 13.36 9.70
N LEU F 127 3.29 12.89 10.71
CA LEU F 127 2.77 12.78 12.06
C LEU F 127 2.53 14.14 12.70
N LEU F 128 3.10 15.21 12.14
CA LEU F 128 2.71 16.55 12.53
C LEU F 128 1.26 16.84 12.22
N PHE F 129 0.66 16.10 11.28
CA PHE F 129 -0.66 16.37 10.74
C PHE F 129 -1.50 15.12 10.73
N SER F 130 -1.40 14.34 11.80
CA SER F 130 -2.18 13.13 11.95
C SER F 130 -3.59 13.47 12.43
N ASP G 62 16.43 -15.74 7.73
CA ASP G 62 15.25 -16.10 8.50
C ASP G 62 14.79 -17.51 8.08
N PRO G 63 14.65 -18.45 9.02
CA PRO G 63 14.16 -19.79 8.61
C PRO G 63 12.73 -19.79 8.11
N ALA G 64 11.91 -18.80 8.47
CA ALA G 64 10.52 -18.77 8.04
C ALA G 64 10.36 -18.54 6.54
N ILE G 65 11.44 -18.30 5.81
CA ILE G 65 11.37 -18.20 4.36
C ILE G 65 10.88 -19.51 3.75
N SER G 66 11.07 -20.64 4.45
CA SER G 66 10.54 -21.94 4.06
C SER G 66 9.13 -21.84 3.50
N MET G 67 8.29 -21.08 4.19
CA MET G 67 6.91 -20.92 3.78
C MET G 67 6.83 -20.28 2.40
N ASP G 68 7.60 -19.21 2.18
CA ASP G 68 7.59 -18.52 0.89
C ASP G 68 8.00 -19.43 -0.25
N LEU G 69 8.83 -20.43 0.04
CA LEU G 69 9.44 -21.22 -1.03
C LEU G 69 8.63 -22.46 -1.33
N LEU G 70 8.14 -23.13 -0.29
CA LEU G 70 7.09 -24.12 -0.45
C LEU G 70 5.95 -23.54 -1.27
N ARG G 71 5.59 -22.30 -0.97
CA ARG G 71 4.55 -21.60 -1.72
CA ARG G 71 4.55 -21.60 -1.72
C ARG G 71 4.86 -21.57 -3.20
N ALA G 72 6.08 -21.15 -3.56
CA ALA G 72 6.48 -21.08 -4.95
C ALA G 72 6.45 -22.46 -5.59
N VAL G 73 6.74 -23.50 -4.81
CA VAL G 73 6.70 -24.87 -5.32
C VAL G 73 5.30 -25.26 -5.72
N LEU G 74 4.33 -24.87 -4.91
CA LEU G 74 2.96 -25.31 -5.06
C LEU G 74 2.11 -24.37 -5.90
N GLN G 75 2.57 -23.13 -6.06
CA GLN G 75 1.84 -22.14 -6.85
C GLN G 75 1.45 -22.61 -8.24
N PRO G 76 2.30 -23.30 -9.02
CA PRO G 76 1.85 -23.75 -10.35
C PRO G 76 0.68 -24.70 -10.27
N SER G 77 0.72 -25.63 -9.33
CA SER G 77 -0.36 -26.59 -9.19
CA SER G 77 -0.36 -26.60 -9.19
C SER G 77 -1.64 -25.92 -8.73
N ILE G 78 -1.53 -25.04 -7.74
CA ILE G 78 -2.70 -24.32 -7.22
C ILE G 78 -3.29 -23.44 -8.31
N ASN G 79 -2.44 -22.77 -9.06
CA ASN G 79 -2.92 -21.87 -10.11
C ASN G 79 -3.71 -22.64 -11.17
N GLU G 80 -3.35 -23.90 -11.41
CA GLU G 80 -4.11 -24.71 -12.35
C GLU G 80 -5.53 -24.94 -11.86
N GLU G 81 -5.67 -25.25 -10.57
CA GLU G 81 -6.98 -25.55 -10.01
C GLU G 81 -7.85 -24.31 -9.91
N ILE G 82 -7.25 -23.15 -9.65
CA ILE G 82 -8.01 -21.93 -9.54
C ILE G 82 -8.52 -21.51 -10.91
N GLN G 83 -7.67 -21.65 -11.93
CA GLN G 83 -8.10 -21.37 -13.29
C GLN G 83 -9.29 -22.26 -13.66
N THR G 84 -9.28 -23.51 -13.20
CA THR G 84 -10.40 -24.41 -13.44
C THR G 84 -11.67 -23.87 -12.79
N VAL G 85 -11.53 -23.26 -11.61
CA VAL G 85 -12.69 -22.74 -10.89
C VAL G 85 -13.32 -21.59 -11.65
N PHE G 86 -12.54 -20.54 -11.91
CA PHE G 86 -13.06 -19.34 -12.54
C PHE G 86 -13.60 -19.60 -13.93
N ASN G 87 -13.09 -20.64 -14.61
CA ASN G 87 -13.60 -21.00 -15.93
C ASN G 87 -15.10 -21.25 -15.90
N LYS G 88 -15.59 -21.78 -14.78
CA LYS G 88 -17.02 -21.99 -14.58
C LYS G 88 -17.76 -20.67 -14.52
N TYR G 89 -17.11 -19.61 -14.05
CA TYR G 89 -17.76 -18.32 -13.79
C TYR G 89 -17.38 -17.24 -14.78
N MET G 90 -16.56 -17.55 -15.78
CA MET G 90 -16.08 -16.51 -16.69
C MET G 90 -17.21 -15.96 -17.56
N LYS G 91 -18.17 -16.82 -17.90
CA LYS G 91 -19.27 -16.39 -18.76
C LYS G 91 -20.08 -15.27 -18.13
N PHE G 92 -20.25 -15.30 -16.80
CA PHE G 92 -20.95 -14.23 -16.11
C PHE G 92 -20.17 -12.93 -16.23
N PHE G 93 -18.86 -12.98 -15.97
CA PHE G 93 -18.03 -11.81 -16.09
C PHE G 93 -18.04 -11.26 -17.50
N GLN G 94 -17.98 -12.16 -18.49
CA GLN G 94 -17.83 -11.74 -19.87
C GLN G 94 -19.07 -11.01 -20.36
N LYS G 95 -20.25 -11.58 -20.10
CA LYS G 95 -21.48 -10.94 -20.53
C LYS G 95 -21.69 -9.62 -19.82
N ALA G 96 -21.32 -9.56 -18.54
CA ALA G 96 -21.48 -8.33 -17.77
C ALA G 96 -20.60 -7.23 -18.33
N ALA G 97 -19.33 -7.55 -18.63
CA ALA G 97 -18.42 -6.55 -19.17
C ALA G 97 -18.90 -6.05 -20.52
N LEU G 98 -19.42 -6.96 -21.36
CA LEU G 98 -19.94 -6.55 -22.66
C LEU G 98 -21.17 -5.67 -22.49
N ASN G 99 -22.02 -5.99 -21.52
CA ASN G 99 -23.19 -5.18 -21.26
C ASN G 99 -22.79 -3.77 -20.87
N VAL G 100 -21.67 -3.63 -20.15
CA VAL G 100 -21.17 -2.30 -19.81
C VAL G 100 -20.72 -1.59 -21.07
N ARG G 101 -19.90 -2.27 -21.89
CA ARG G 101 -19.36 -1.66 -23.09
C ARG G 101 -20.45 -1.40 -24.12
N ASP G 102 -21.61 -2.06 -23.97
CA ASP G 102 -22.76 -1.74 -24.82
C ASP G 102 -23.48 -0.49 -24.32
N ASN G 103 -23.56 -0.31 -23.01
CA ASN G 103 -24.27 0.82 -22.42
C ASN G 103 -23.38 2.02 -22.17
N VAL G 104 -22.06 1.82 -22.12
CA VAL G 104 -21.08 2.89 -22.16
C VAL G 104 -20.42 2.71 -23.53
N GLY G 105 -19.55 3.63 -23.95
CA GLY G 105 -19.05 3.64 -25.30
C GLY G 105 -17.86 2.72 -25.52
N GLU G 106 -17.14 2.97 -26.62
CA GLU G 106 -16.03 2.11 -27.03
C GLU G 106 -14.86 2.20 -26.07
N GLU G 107 -14.74 3.29 -25.33
CA GLU G 107 -13.59 3.49 -24.43
C GLU G 107 -13.56 2.51 -23.25
N VAL G 108 -14.56 1.64 -23.11
CA VAL G 108 -14.55 0.60 -22.08
C VAL G 108 -13.75 -0.59 -22.59
N ASP G 109 -12.77 -1.01 -21.81
CA ASP G 109 -12.01 -2.23 -22.09
C ASP G 109 -12.70 -3.38 -21.37
N ALA G 110 -13.46 -4.18 -22.11
CA ALA G 110 -14.21 -5.28 -21.50
C ALA G 110 -13.27 -6.32 -20.90
N GLU G 111 -12.16 -6.60 -21.57
CA GLU G 111 -11.22 -7.59 -21.06
C GLU G 111 -10.58 -7.11 -19.75
N GLN G 112 -10.27 -5.81 -19.66
CA GLN G 112 -9.71 -5.27 -18.43
C GLN G 112 -10.71 -5.39 -17.29
N LEU G 113 -11.98 -5.15 -17.57
CA LEU G 113 -13.00 -5.26 -16.53
C LEU G 113 -13.08 -6.68 -15.99
N ILE G 114 -13.00 -7.67 -16.87
CA ILE G 114 -13.07 -9.06 -16.45
C ILE G 114 -11.90 -9.39 -15.54
N GLN G 115 -10.69 -8.98 -15.95
CA GLN G 115 -9.50 -9.31 -15.18
C GLN G 115 -9.52 -8.61 -13.83
N GLU G 116 -9.89 -7.33 -13.81
CA GLU G 116 -9.97 -6.59 -12.56
C GLU G 116 -10.94 -7.25 -11.61
N ALA G 117 -12.05 -7.78 -12.14
CA ALA G 117 -13.03 -8.43 -11.29
C ALA G 117 -12.49 -9.71 -10.69
N CYS G 118 -11.82 -10.53 -11.51
CA CYS G 118 -11.34 -11.82 -11.03
C CYS G 118 -10.18 -11.63 -10.06
N ARG G 119 -9.41 -10.57 -10.24
CA ARG G 119 -8.40 -10.23 -9.25
C ARG G 119 -9.05 -9.82 -7.93
N SER G 120 -10.10 -9.00 -8.02
CA SER G 120 -10.81 -8.57 -6.82
C SER G 120 -11.42 -9.76 -6.09
N CYS G 121 -11.87 -10.78 -6.84
N CYS G 121 -11.85 -10.78 -6.84
CA CYS G 121 -12.39 -11.99 -6.22
CA CYS G 121 -12.39 -11.99 -6.22
C CYS G 121 -11.34 -12.64 -5.33
C CYS G 121 -11.35 -12.67 -5.35
N LEU G 122 -10.11 -12.74 -5.83
CA LEU G 122 -9.06 -13.42 -5.09
C LEU G 122 -8.65 -12.61 -3.88
N GLU G 123 -8.74 -11.28 -3.97
CA GLU G 123 -8.50 -10.44 -2.81
C GLU G 123 -9.50 -10.74 -1.70
N GLN G 124 -10.78 -10.80 -2.04
CA GLN G 124 -11.81 -11.06 -1.04
C GLN G 124 -11.69 -12.48 -0.48
N ALA G 125 -11.17 -13.41 -1.26
CA ALA G 125 -11.02 -14.78 -0.79
C ALA G 125 -10.00 -14.88 0.34
N LYS G 126 -9.12 -13.87 0.50
CA LYS G 126 -8.17 -13.82 1.60
C LYS G 126 -8.84 -13.85 2.96
N LEU G 127 -10.11 -13.49 3.04
CA LEU G 127 -10.85 -13.56 4.28
C LEU G 127 -11.06 -14.99 4.74
N LEU G 128 -10.93 -15.97 3.84
CA LEU G 128 -10.95 -17.36 4.24
C LEU G 128 -9.81 -17.69 5.18
N PHE G 129 -8.72 -16.94 5.12
CA PHE G 129 -7.49 -17.22 5.86
C PHE G 129 -7.05 -16.01 6.65
N SER G 130 -8.03 -15.23 7.12
CA SER G 130 -7.81 -14.13 8.01
C SER G 130 -8.39 -14.51 9.37
N ASP H 62 -20.74 3.90 -12.31
CA ASP H 62 -19.36 3.44 -12.43
C ASP H 62 -19.33 1.98 -12.88
N PRO H 63 -18.51 1.63 -13.89
CA PRO H 63 -18.42 0.21 -14.26
C PRO H 63 -17.93 -0.70 -13.16
N ALA H 64 -16.86 -0.33 -12.45
CA ALA H 64 -16.29 -1.20 -11.42
C ALA H 64 -17.29 -1.51 -10.31
N ILE H 65 -18.24 -0.62 -10.08
CA ILE H 65 -19.24 -0.81 -9.05
C ILE H 65 -20.23 -1.91 -9.44
N SER H 66 -20.76 -1.85 -10.67
CA SER H 66 -21.61 -2.91 -11.21
C SER H 66 -20.96 -4.28 -11.01
N MET H 67 -19.71 -4.39 -11.40
CA MET H 67 -19.01 -5.67 -11.33
C MET H 67 -18.80 -6.11 -9.88
N ASP H 68 -18.41 -5.18 -9.02
CA ASP H 68 -18.14 -5.53 -7.62
C ASP H 68 -19.40 -5.96 -6.91
N LEU H 69 -20.55 -5.49 -7.38
CA LEU H 69 -21.80 -5.89 -6.74
C LEU H 69 -22.19 -7.29 -7.18
N LEU H 70 -21.98 -7.62 -8.45
CA LEU H 70 -22.07 -9.01 -8.88
C LEU H 70 -21.08 -9.87 -8.11
N ARG H 71 -19.88 -9.33 -7.89
CA ARG H 71 -18.85 -10.06 -7.15
C ARG H 71 -19.36 -10.43 -5.77
N ALA H 72 -19.97 -9.47 -5.08
CA ALA H 72 -20.50 -9.72 -3.75
C ALA H 72 -21.56 -10.82 -3.76
N VAL H 73 -22.37 -10.84 -4.82
CA VAL H 73 -23.42 -11.85 -4.93
C VAL H 73 -22.82 -13.25 -4.97
N LEU H 74 -21.71 -13.39 -5.69
CA LEU H 74 -21.14 -14.69 -5.98
C LEU H 74 -20.09 -15.11 -4.96
N GLN H 75 -19.57 -14.16 -4.18
CA GLN H 75 -18.55 -14.46 -3.18
C GLN H 75 -18.89 -15.61 -2.25
N PRO H 76 -20.12 -15.76 -1.72
CA PRO H 76 -20.37 -16.90 -0.83
C PRO H 76 -20.19 -18.24 -1.51
N SER H 77 -20.74 -18.39 -2.72
CA SER H 77 -20.60 -19.64 -3.44
C SER H 77 -19.13 -19.92 -3.75
N ILE H 78 -18.41 -18.90 -4.17
CA ILE H 78 -17.01 -19.07 -4.55
C ILE H 78 -16.16 -19.40 -3.34
N ASN H 79 -16.41 -18.68 -2.24
CA ASN H 79 -15.66 -18.92 -1.01
C ASN H 79 -15.83 -20.35 -0.53
N GLU H 80 -17.01 -20.92 -0.75
CA GLU H 80 -17.25 -22.31 -0.41
C GLU H 80 -16.31 -23.23 -1.18
N GLU H 81 -16.24 -23.02 -2.49
CA GLU H 81 -15.43 -23.89 -3.34
C GLU H 81 -13.94 -23.73 -3.06
N ILE H 82 -13.51 -22.52 -2.71
CA ILE H 82 -12.10 -22.30 -2.39
C ILE H 82 -11.75 -23.01 -1.09
N GLN H 83 -12.62 -22.88 -0.09
CA GLN H 83 -12.40 -23.58 1.17
C GLN H 83 -12.29 -25.07 0.94
N THR H 84 -13.09 -25.60 0.01
CA THR H 84 -12.99 -27.01 -0.35
C THR H 84 -11.62 -27.32 -0.93
N VAL H 85 -11.08 -26.41 -1.73
CA VAL H 85 -9.78 -26.63 -2.37
C VAL H 85 -8.69 -26.70 -1.32
N PHE H 86 -8.57 -25.66 -0.51
CA PHE H 86 -7.48 -25.58 0.47
C PHE H 86 -7.55 -26.67 1.52
N ASN H 87 -8.76 -27.19 1.78
CA ASN H 87 -8.90 -28.29 2.73
C ASN H 87 -8.05 -29.48 2.31
N LYS H 88 -7.86 -29.66 1.01
CA LYS H 88 -6.96 -30.68 0.50
C LYS H 88 -5.51 -30.41 0.87
N TYR H 89 -5.14 -29.14 0.99
CA TYR H 89 -3.76 -28.72 1.17
C TYR H 89 -3.45 -28.25 2.59
N MET H 90 -4.44 -28.23 3.48
CA MET H 90 -4.22 -27.65 4.80
C MET H 90 -3.23 -28.47 5.61
N LYS H 91 -3.20 -29.78 5.41
CA LYS H 91 -2.30 -30.64 6.17
C LYS H 91 -0.85 -30.26 5.91
N PHE H 92 -0.51 -30.00 4.65
CA PHE H 92 0.86 -29.64 4.31
C PHE H 92 1.27 -28.37 5.02
N PHE H 93 0.39 -27.37 5.06
CA PHE H 93 0.66 -26.16 5.81
C PHE H 93 0.79 -26.47 7.29
N GLN H 94 -0.04 -27.37 7.81
CA GLN H 94 -0.09 -27.63 9.24
C GLN H 94 1.18 -28.35 9.69
N LYS H 95 1.63 -29.33 8.92
CA LYS H 95 2.88 -30.01 9.24
C LYS H 95 4.05 -29.04 9.23
N ALA H 96 4.10 -28.17 8.22
CA ALA H 96 5.22 -27.27 8.07
C ALA H 96 5.24 -26.24 9.20
N ALA H 97 4.09 -25.65 9.51
CA ALA H 97 4.03 -24.65 10.56
C ALA H 97 4.40 -25.25 11.91
N LEU H 98 3.95 -26.48 12.16
CA LEU H 98 4.31 -27.14 13.42
C LEU H 98 5.80 -27.39 13.49
N ASN H 99 6.40 -27.80 12.38
CA ASN H 99 7.83 -28.08 12.37
C ASN H 99 8.63 -26.81 12.66
N VAL H 100 8.14 -25.67 12.20
CA VAL H 100 8.78 -24.40 12.52
C VAL H 100 8.75 -24.19 14.03
N ARG H 101 7.57 -24.37 14.63
CA ARG H 101 7.45 -24.20 16.07
C ARG H 101 8.24 -25.27 16.82
N ASP H 102 8.26 -26.48 16.28
CA ASP H 102 9.05 -27.55 16.90
C ASP H 102 10.52 -27.20 16.97
N ASN H 103 11.03 -26.50 15.97
CA ASN H 103 12.45 -26.19 15.88
C ASN H 103 12.80 -24.86 16.53
N VAL H 104 11.93 -23.85 16.37
CA VAL H 104 12.26 -22.50 16.83
C VAL H 104 11.83 -22.29 18.28
N GLY H 105 10.60 -22.65 18.63
CA GLY H 105 10.14 -22.64 20.00
C GLY H 105 8.72 -22.15 20.14
N GLU H 106 8.40 -21.76 21.37
CA GLU H 106 7.02 -21.43 21.73
C GLU H 106 6.54 -20.15 21.05
N GLU H 107 7.43 -19.17 20.86
CA GLU H 107 7.02 -17.86 20.36
C GLU H 107 6.55 -17.88 18.90
N VAL H 108 6.60 -19.02 18.23
CA VAL H 108 6.04 -19.17 16.89
C VAL H 108 4.55 -19.47 17.03
N ASP H 109 3.73 -18.70 16.31
CA ASP H 109 2.29 -18.95 16.23
C ASP H 109 2.05 -19.78 14.97
N ALA H 110 1.87 -21.08 15.16
CA ALA H 110 1.71 -21.99 14.02
C ALA H 110 0.44 -21.66 13.24
N GLU H 111 -0.65 -21.36 13.95
CA GLU H 111 -1.90 -21.04 13.27
C GLU H 111 -1.75 -19.77 12.44
N GLN H 112 -1.02 -18.79 12.96
CA GLN H 112 -0.82 -17.55 12.22
C GLN H 112 -0.01 -17.81 10.95
N LEU H 113 0.97 -18.70 11.02
CA LEU H 113 1.76 -19.04 9.84
C LEU H 113 0.88 -19.68 8.78
N ILE H 114 -0.01 -20.57 9.18
CA ILE H 114 -0.88 -21.24 8.21
C ILE H 114 -1.78 -20.24 7.52
N GLN H 115 -2.32 -19.30 8.28
CA GLN H 115 -3.25 -18.32 7.72
C GLN H 115 -2.51 -17.39 6.76
N GLU H 116 -1.32 -16.93 7.16
CA GLU H 116 -0.54 -16.06 6.30
C GLU H 116 -0.18 -16.74 4.99
N ALA H 117 0.22 -18.02 5.07
CA ALA H 117 0.57 -18.77 3.88
C ALA H 117 -0.61 -18.88 2.93
N CYS H 118 -1.77 -19.28 3.46
CA CYS H 118 -2.93 -19.50 2.61
C CYS H 118 -3.44 -18.21 2.02
N ARG H 119 -3.31 -17.09 2.76
CA ARG H 119 -3.60 -15.79 2.18
C ARG H 119 -2.66 -15.48 1.03
N SER H 120 -1.38 -15.83 1.18
CA SER H 120 -0.40 -15.52 0.16
C SER H 120 -0.67 -16.29 -1.12
N CYS H 121 -1.10 -17.55 -1.00
CA CYS H 121 -1.48 -18.34 -2.16
C CYS H 121 -2.54 -17.62 -2.98
N LEU H 122 -3.49 -17.00 -2.29
CA LEU H 122 -4.57 -16.29 -2.97
C LEU H 122 -4.07 -15.03 -3.64
N GLU H 123 -3.12 -14.34 -2.99
CA GLU H 123 -2.52 -13.17 -3.60
C GLU H 123 -1.83 -13.54 -4.90
N GLN H 124 -1.07 -14.62 -4.89
CA GLN H 124 -0.34 -15.04 -6.08
C GLN H 124 -1.25 -15.58 -7.16
N ALA H 125 -2.43 -16.06 -6.77
CA ALA H 125 -3.41 -16.53 -7.76
C ALA H 125 -3.91 -15.40 -8.64
N LYS H 126 -3.76 -14.15 -8.20
CA LYS H 126 -4.16 -12.99 -9.00
C LYS H 126 -3.42 -12.89 -10.31
N LEU H 127 -2.31 -13.59 -10.45
CA LEU H 127 -1.59 -13.65 -11.70
C LEU H 127 -2.32 -14.46 -12.76
N LEU H 128 -3.32 -15.25 -12.36
CA LEU H 128 -4.21 -15.86 -13.34
C LEU H 128 -5.05 -14.83 -14.07
N PHE H 129 -5.20 -13.63 -13.52
CA PHE H 129 -6.12 -12.61 -14.01
C PHE H 129 -5.42 -11.27 -14.11
N SER H 130 -4.17 -11.32 -14.54
CA SER H 130 -3.37 -10.11 -14.72
C SER H 130 -3.71 -9.43 -16.03
N GLU I 6 44.19 -17.75 65.15
CA GLU I 6 45.51 -18.26 65.53
C GLU I 6 46.82 -17.51 65.13
N PRO I 7 46.79 -16.41 64.37
CA PRO I 7 48.05 -15.74 64.03
C PRO I 7 48.49 -14.82 65.13
N ARG I 8 49.72 -14.33 64.99
CA ARG I 8 50.31 -13.44 65.97
C ARG I 8 50.16 -11.99 65.51
N ILE I 9 50.25 -11.08 66.46
CA ILE I 9 50.12 -9.65 66.21
C ILE I 9 51.44 -9.00 66.60
N ASN I 10 52.36 -8.89 65.64
CA ASN I 10 53.67 -8.34 65.92
C ASN I 10 53.61 -6.82 66.00
N VAL I 11 54.19 -6.27 67.08
CA VAL I 11 54.09 -4.84 67.33
C VAL I 11 54.74 -4.05 66.20
N GLY I 12 55.80 -4.59 65.60
CA GLY I 12 56.44 -3.89 64.50
C GLY I 12 55.60 -3.87 63.24
N SER I 13 54.85 -4.95 63.00
CA SER I 13 54.03 -5.10 61.80
C SER I 13 52.55 -4.90 62.11
N ARG I 14 52.24 -4.04 63.08
CA ARG I 14 50.87 -3.84 63.52
C ARG I 14 50.07 -3.00 62.54
N PHE I 15 50.42 -1.72 62.47
CA PHE I 15 49.75 -0.71 61.64
C PHE I 15 50.48 0.61 61.85
N GLN I 16 50.08 1.65 61.13
CA GLN I 16 50.83 2.89 61.08
C GLN I 16 50.04 4.08 61.62
N ALA I 17 49.37 3.91 62.77
CA ALA I 17 48.96 5.03 63.61
C ALA I 17 48.11 6.08 62.87
N GLU I 18 46.81 5.79 62.66
CA GLU I 18 45.95 6.56 61.75
C GLU I 18 46.13 8.07 61.82
N ILE I 19 46.61 8.61 62.93
CA ILE I 19 47.12 9.97 63.01
C ILE I 19 46.07 11.03 62.67
N PRO I 20 44.92 11.02 63.35
CA PRO I 20 43.84 11.93 62.96
C PRO I 20 43.84 13.23 63.75
N LEU I 21 42.96 14.14 63.31
CA LEU I 21 42.60 15.30 64.12
C LEU I 21 41.16 15.18 64.63
N MET I 22 40.39 14.27 64.05
CA MET I 22 38.98 14.01 64.36
C MET I 22 38.04 15.08 63.82
N ARG I 23 38.56 16.20 63.29
CA ARG I 23 37.74 17.17 62.57
C ARG I 23 38.18 17.38 61.13
N ASP I 24 39.40 17.91 60.96
CA ASP I 24 40.05 18.19 59.66
C ASP I 24 39.08 18.68 58.58
N ARG I 25 38.14 19.52 58.98
CA ARG I 25 36.94 19.78 58.19
C ARG I 25 37.30 20.55 56.92
N ALA I 26 37.06 19.91 55.77
CA ALA I 26 37.37 20.48 54.44
C ALA I 26 38.77 21.10 54.40
N LEU I 27 39.78 20.27 54.63
CA LEU I 27 41.14 20.73 54.89
C LEU I 27 41.93 20.79 53.58
N ALA I 28 41.36 21.51 52.61
CA ALA I 28 42.02 21.84 51.34
C ALA I 28 42.52 20.58 50.62
N ALA I 29 41.81 19.47 50.81
CA ALA I 29 42.25 18.22 50.21
C ALA I 29 42.17 18.31 48.69
N ALA I 30 43.05 17.57 48.03
CA ALA I 30 42.97 17.30 46.61
C ALA I 30 41.98 16.14 46.44
N ASP I 31 42.12 15.34 45.38
CA ASP I 31 41.08 14.59 44.68
C ASP I 31 40.19 15.57 43.92
N PRO I 32 40.80 16.57 43.31
CA PRO I 32 40.73 16.67 41.84
C PRO I 32 41.92 15.97 41.20
N HIS I 33 42.98 15.74 41.98
CA HIS I 33 44.16 15.05 41.49
C HIS I 33 43.94 13.55 41.42
N LYS I 34 43.46 12.97 42.52
CA LYS I 34 43.31 11.53 42.63
C LYS I 34 42.36 10.99 41.58
N ALA I 35 41.40 11.81 41.16
CA ALA I 35 40.39 11.36 40.21
C ALA I 35 39.95 12.51 39.32
N ASP I 36 39.46 12.16 38.13
CA ASP I 36 39.04 13.11 37.11
C ASP I 36 37.58 12.86 36.78
N LEU I 37 36.78 13.92 36.75
CA LEU I 37 35.35 13.78 36.53
C LEU I 37 35.06 13.42 35.08
N VAL I 38 34.29 12.35 34.89
CA VAL I 38 33.96 11.89 33.53
C VAL I 38 32.48 11.54 33.35
N TRP I 39 31.59 12.11 34.17
CA TRP I 39 30.18 12.25 33.81
C TRP I 39 29.46 13.00 34.92
N GLN I 40 28.45 13.82 34.53
CA GLN I 40 27.55 14.49 35.46
C GLN I 40 26.10 14.08 35.17
N PRO I 41 25.27 13.85 36.19
CA PRO I 41 23.85 13.62 35.91
C PRO I 41 23.24 14.83 35.21
N TRP I 42 22.41 14.56 34.21
CA TRP I 42 21.86 15.60 33.36
C TRP I 42 20.48 15.13 32.89
N GLU I 43 19.44 15.54 33.63
CA GLU I 43 18.05 15.25 33.28
C GLU I 43 17.24 16.53 33.10
N ASP I 44 17.91 17.68 32.96
CA ASP I 44 17.19 18.94 32.92
C ASP I 44 16.52 19.13 31.55
N LEU I 45 17.34 19.16 30.49
CA LEU I 45 16.84 19.15 29.13
C LEU I 45 16.96 17.79 28.46
N GLU I 46 17.77 16.88 29.00
CA GLU I 46 17.96 15.56 28.40
C GLU I 46 16.93 14.54 28.83
N SER I 47 16.51 14.54 30.09
CA SER I 47 15.44 13.67 30.55
C SER I 47 14.40 14.54 31.25
N SER I 48 13.57 15.17 30.42
CA SER I 48 12.39 15.91 30.85
C SER I 48 11.14 15.28 30.27
N ARG I 49 11.16 13.96 30.12
CA ARG I 49 10.05 13.18 29.56
C ARG I 49 9.74 13.60 28.12
N GLU I 50 10.75 14.16 27.45
CA GLU I 50 10.66 14.49 26.03
C GLU I 50 11.88 14.00 25.25
N LYS I 51 13.04 14.02 25.91
CA LYS I 51 14.32 13.68 25.29
C LYS I 51 14.98 12.48 25.92
N GLN I 52 14.51 12.02 27.09
CA GLN I 52 15.04 10.81 27.71
C GLN I 52 15.03 9.61 26.79
N ARG I 53 14.09 9.54 25.85
CA ARG I 53 14.04 8.47 24.86
C ARG I 53 14.91 8.78 23.64
N GLN I 54 15.34 10.02 23.47
CA GLN I 54 16.15 10.39 22.31
C GLN I 54 17.54 9.79 22.40
N VAL I 55 18.14 9.78 23.60
CA VAL I 55 19.46 9.21 23.75
C VAL I 55 19.42 7.70 23.53
N GLU I 56 18.37 7.06 24.04
CA GLU I 56 18.13 5.65 23.73
C GLU I 56 18.17 5.39 22.24
N ASP I 57 17.59 6.30 21.45
CA ASP I 57 17.65 6.17 20.00
C ASP I 57 19.01 6.58 19.47
N LEU I 58 19.66 7.56 20.12
CA LEU I 58 20.99 8.00 19.70
C LEU I 58 21.99 6.87 19.74
N LEU I 59 21.82 5.94 20.67
CA LEU I 59 22.90 5.04 21.00
C LEU I 59 22.76 3.72 20.26
N THR I 60 21.56 3.16 20.25
CA THR I 60 21.27 2.07 19.33
C THR I 60 21.50 2.48 17.90
N ALA I 61 21.37 3.78 17.59
CA ALA I 61 21.78 4.29 16.29
C ALA I 61 23.21 3.95 15.91
N ALA I 62 24.13 3.94 16.88
CA ALA I 62 25.54 3.99 16.53
C ALA I 62 26.07 2.62 16.14
N CYS I 63 25.57 1.55 16.77
CA CYS I 63 26.09 0.20 16.50
C CYS I 63 25.60 -0.28 15.14
N SER I 64 26.05 0.41 14.10
CA SER I 64 25.59 0.21 12.74
C SER I 64 26.63 0.83 11.80
N SER I 65 26.26 1.11 10.56
CA SER I 65 27.19 1.69 9.59
C SER I 65 27.50 3.16 9.88
N ILE I 66 28.07 3.44 11.05
CA ILE I 66 28.79 4.68 11.30
C ILE I 66 30.27 4.35 11.44
N PHE I 67 31.13 5.39 11.42
CA PHE I 67 32.58 5.22 11.42
C PHE I 67 33.08 4.32 12.57
N PRO I 68 34.17 3.58 12.40
CA PRO I 68 34.75 2.83 13.51
C PRO I 68 35.92 3.56 14.15
N GLY I 69 36.22 3.16 15.39
CA GLY I 69 37.43 3.58 16.10
C GLY I 69 38.29 2.42 16.55
N ALA I 70 37.63 1.35 17.01
CA ALA I 70 38.24 0.05 17.25
C ALA I 70 37.40 -1.05 16.63
N GLY I 71 36.09 -0.82 16.65
CA GLY I 71 35.05 -1.62 16.02
C GLY I 71 34.18 -2.25 17.08
N THR I 72 33.28 -1.41 17.60
CA THR I 72 31.97 -1.68 18.17
C THR I 72 31.32 -0.32 18.18
N ASN I 73 30.41 -0.05 17.24
CA ASN I 73 30.16 1.35 16.93
C ASN I 73 29.21 1.98 17.95
N GLN I 74 28.65 1.21 18.87
CA GLN I 74 27.95 1.84 20.01
C GLN I 74 28.94 2.62 20.87
N GLU I 75 30.00 1.95 21.35
CA GLU I 75 30.88 2.51 22.38
C GLU I 75 31.39 3.90 22.01
N LEU I 76 31.62 4.13 20.72
CA LEU I 76 32.08 5.43 20.28
C LEU I 76 31.04 6.52 20.56
N ALA I 77 29.75 6.14 20.48
CA ALA I 77 28.69 7.12 20.67
C ALA I 77 28.41 7.34 22.14
N LEU I 78 28.50 6.26 22.91
CA LEU I 78 28.54 6.38 24.36
C LEU I 78 29.60 7.37 24.78
N HIS I 79 30.80 7.17 24.26
CA HIS I 79 31.95 8.00 24.58
C HIS I 79 31.69 9.46 24.28
N CYS I 80 30.91 9.74 23.23
CA CYS I 80 30.89 11.08 22.66
C CYS I 80 29.79 11.94 23.27
N LEU I 81 28.67 11.34 23.66
CA LEU I 81 27.70 12.12 24.41
C LEU I 81 28.29 12.58 25.72
N HIS I 82 29.04 11.69 26.38
CA HIS I 82 29.86 12.11 27.50
C HIS I 82 30.79 13.25 27.10
N GLU I 83 31.38 13.14 25.91
CA GLU I 83 32.38 14.11 25.46
C GLU I 83 31.81 15.52 25.35
N SER I 84 30.48 15.64 25.22
CA SER I 84 29.85 16.91 24.87
C SER I 84 29.19 17.62 26.05
N ARG I 85 29.10 16.97 27.20
CA ARG I 85 28.62 17.49 28.48
C ARG I 85 27.13 17.75 28.58
N GLY I 86 26.46 18.08 27.47
CA GLY I 86 25.03 17.91 27.39
C GLY I 86 24.44 17.99 25.99
N ASP I 87 25.27 18.19 24.98
CA ASP I 87 24.82 18.79 23.74
C ASP I 87 24.64 17.73 22.65
N ILE I 88 23.95 18.13 21.58
CA ILE I 88 23.54 17.24 20.50
C ILE I 88 24.42 17.43 19.29
N LEU I 89 24.44 18.64 18.75
CA LEU I 89 25.22 18.90 17.55
C LEU I 89 26.70 18.98 17.86
N GLU I 90 27.05 19.61 18.99
CA GLU I 90 28.42 19.59 19.46
C GLU I 90 28.89 18.15 19.67
N THR I 91 27.96 17.29 20.12
CA THR I 91 28.24 15.86 20.09
C THR I 91 28.41 15.38 18.66
N LEU I 92 27.38 15.55 17.84
CA LEU I 92 27.35 14.99 16.50
C LEU I 92 28.50 15.50 15.66
N ASN I 93 28.92 16.74 15.89
CA ASN I 93 30.02 17.29 15.13
C ASN I 93 31.32 16.66 15.63
N LYS I 94 31.68 16.90 16.90
CA LYS I 94 32.94 16.35 17.41
C LYS I 94 32.97 14.82 17.36
N LEU I 95 31.80 14.20 17.27
CA LEU I 95 31.74 12.78 16.91
C LEU I 95 32.33 12.55 15.52
N LEU I 96 31.79 13.23 14.52
CA LEU I 96 32.11 13.00 13.12
C LEU I 96 33.30 13.83 12.66
N LEU I 97 33.40 15.05 13.17
CA LEU I 97 34.50 15.97 12.91
C LEU I 97 35.83 15.30 13.20
N LYS I 98 36.91 15.98 12.81
CA LYS I 98 38.14 15.40 12.21
C LYS I 98 38.40 13.97 12.68
N LYS I 99 38.52 13.71 13.98
CA LYS I 99 38.83 12.40 14.52
C LYS I 99 38.33 12.33 15.95
N PRO I 100 38.03 11.14 16.48
CA PRO I 100 37.60 11.08 17.89
C PRO I 100 38.73 11.26 18.89
N LEU I 101 39.98 11.09 18.45
CA LEU I 101 41.11 11.18 19.39
C LEU I 101 41.44 12.63 19.71
N ARG I 102 41.35 13.51 18.73
CA ARG I 102 41.79 14.89 18.91
C ARG I 102 40.99 15.67 19.94
N PRO I 103 39.65 15.72 19.90
CA PRO I 103 38.94 16.63 20.81
C PRO I 103 39.17 16.34 22.28
N HIS I 104 39.43 15.09 22.64
CA HIS I 104 39.63 14.69 24.04
C HIS I 104 40.90 13.85 24.14
N ASN I 105 41.93 14.47 24.71
CA ASN I 105 43.18 13.79 25.05
C ASN I 105 43.58 13.96 26.51
N HIS I 106 43.08 14.97 27.20
CA HIS I 106 43.47 15.19 28.60
C HIS I 106 43.00 14.09 29.55
N PRO I 107 41.87 13.39 29.34
CA PRO I 107 41.56 12.29 30.28
C PRO I 107 42.53 11.14 30.18
N LEU I 108 42.75 10.61 28.97
CA LEU I 108 43.59 9.45 28.64
C LEU I 108 42.94 8.13 29.05
N ALA I 109 41.83 8.17 29.80
CA ALA I 109 41.00 6.99 29.95
C ALA I 109 40.43 6.57 28.61
N THR I 110 40.16 7.54 27.75
CA THR I 110 39.56 7.30 26.45
C THR I 110 40.41 6.33 25.65
N TYR I 111 41.71 6.59 25.61
CA TYR I 111 42.63 5.75 24.85
C TYR I 111 42.86 4.44 25.58
N HIS I 112 42.75 4.45 26.91
CA HIS I 112 42.83 3.22 27.69
C HIS I 112 41.66 2.30 27.37
N TYR I 113 40.45 2.86 27.37
CA TYR I 113 39.25 2.05 27.15
C TYR I 113 39.24 1.44 25.78
N THR I 114 39.51 2.26 24.76
CA THR I 114 39.57 1.76 23.40
C THR I 114 40.64 0.70 23.24
N GLY I 115 41.76 0.87 23.93
CA GLY I 115 42.82 -0.11 23.95
C GLY I 115 42.61 -1.13 25.05
N TRP I 119 44.47 -6.28 14.22
CA TRP I 119 44.86 -7.67 14.07
C TRP I 119 44.69 -8.14 12.64
N LYS I 120 45.79 -8.56 12.03
CA LYS I 120 45.80 -9.00 10.64
C LYS I 120 45.65 -10.50 10.56
N MET I 121 45.19 -10.97 9.40
CA MET I 121 45.05 -12.40 9.18
C MET I 121 46.39 -13.11 9.27
N ALA I 122 47.46 -12.44 8.85
CA ALA I 122 48.80 -13.02 8.94
C ALA I 122 49.15 -13.34 10.38
N GLU I 123 49.11 -12.34 11.25
CA GLU I 123 49.38 -12.56 12.67
C GLU I 123 48.36 -13.49 13.28
N ARG I 124 47.13 -13.49 12.76
CA ARG I 124 46.09 -14.37 13.28
C ARG I 124 46.49 -15.84 13.11
N LYS I 125 46.97 -16.19 11.92
CA LYS I 125 47.40 -17.57 11.67
C LYS I 125 48.57 -17.94 12.59
N LEU I 126 49.56 -17.05 12.70
CA LEU I 126 50.71 -17.33 13.55
C LEU I 126 50.31 -17.39 15.01
N PHE I 127 49.35 -16.56 15.40
CA PHE I 127 48.82 -16.62 16.75
C PHE I 127 48.20 -17.99 17.02
N ASN I 128 47.33 -18.44 16.12
CA ASN I 128 46.64 -19.72 16.31
C ASN I 128 47.62 -20.86 16.46
N LYS I 129 48.67 -20.87 15.62
CA LYS I 129 49.72 -21.88 15.76
C LYS I 129 50.61 -21.56 16.96
N GLY I 130 50.89 -20.28 17.20
CA GLY I 130 51.71 -19.91 18.34
C GLY I 130 51.07 -20.28 19.66
N ILE I 131 49.74 -20.29 19.72
CA ILE I 131 49.01 -20.75 20.90
C ILE I 131 48.78 -22.24 20.88
N ALA I 132 48.64 -22.85 19.70
CA ALA I 132 48.46 -24.29 19.60
C ALA I 132 49.75 -25.08 19.88
N ILE I 133 50.87 -24.40 20.13
CA ILE I 133 52.13 -25.04 20.49
C ILE I 133 52.41 -24.89 21.97
N TYR I 134 52.53 -23.66 22.45
CA TYR I 134 52.72 -23.42 23.88
C TYR I 134 51.42 -23.69 24.64
N LYS I 135 50.38 -22.93 24.32
CA LYS I 135 49.07 -22.84 24.94
C LYS I 135 49.08 -22.10 26.27
N LYS I 136 50.24 -21.86 26.89
CA LYS I 136 50.27 -20.97 28.05
C LYS I 136 51.60 -20.24 28.24
N ASP I 137 52.21 -19.71 27.17
CA ASP I 137 53.46 -18.97 27.35
C ASP I 137 53.22 -17.49 27.67
N PHE I 138 52.62 -16.76 26.73
CA PHE I 138 52.35 -15.32 26.88
C PHE I 138 53.61 -14.50 27.14
N PHE I 139 54.78 -15.07 26.83
CA PHE I 139 56.05 -14.36 26.85
C PHE I 139 56.82 -14.62 25.57
N LEU I 140 56.76 -15.86 25.07
CA LEU I 140 57.35 -16.19 23.79
C LEU I 140 56.43 -15.81 22.64
N VAL I 141 55.12 -15.96 22.84
CA VAL I 141 54.17 -15.49 21.85
C VAL I 141 54.21 -13.97 21.76
N GLN I 142 54.55 -13.30 22.87
CA GLN I 142 54.82 -11.87 22.82
C GLN I 142 56.02 -11.58 21.94
N LYS I 143 57.06 -12.42 22.01
CA LYS I 143 58.21 -12.26 21.14
C LYS I 143 57.90 -12.69 19.71
N LEU I 144 56.92 -13.57 19.53
CA LEU I 144 56.45 -13.90 18.19
C LEU I 144 55.95 -12.65 17.49
N ILE I 145 55.22 -11.81 18.22
CA ILE I 145 54.64 -10.58 17.67
C ILE I 145 55.11 -9.43 18.56
N GLN I 146 56.25 -8.85 18.22
CA GLN I 146 56.77 -7.73 18.99
C GLN I 146 55.93 -6.47 18.78
N THR I 147 55.21 -6.40 17.65
CA THR I 147 54.34 -5.24 17.40
C THR I 147 53.24 -5.15 18.44
N LYS I 148 52.61 -6.28 18.74
CA LYS I 148 51.46 -6.33 19.63
C LYS I 148 51.89 -6.69 21.04
N THR I 149 51.02 -6.41 22.00
CA THR I 149 51.28 -6.58 23.41
C THR I 149 50.52 -7.79 23.93
N VAL I 150 50.84 -8.17 25.17
CA VAL I 150 50.17 -9.30 25.80
C VAL I 150 48.69 -8.97 26.03
N ALA I 151 48.36 -7.70 26.20
CA ALA I 151 46.97 -7.31 26.43
C ALA I 151 46.10 -7.62 25.22
N GLN I 152 46.49 -7.09 24.06
CA GLN I 152 45.73 -7.36 22.84
C GLN I 152 45.79 -8.84 22.48
N CYS I 153 46.94 -9.46 22.69
CA CYS I 153 47.06 -10.90 22.46
C CYS I 153 46.10 -11.66 23.35
N VAL I 154 46.00 -11.26 24.62
CA VAL I 154 45.07 -11.90 25.53
C VAL I 154 43.64 -11.53 25.20
N GLU I 155 43.41 -10.31 24.74
CA GLU I 155 42.06 -9.88 24.40
C GLU I 155 41.50 -10.71 23.26
N PHE I 156 42.29 -10.89 22.20
CA PHE I 156 41.84 -11.69 21.06
C PHE I 156 41.61 -13.14 21.47
N TYR I 157 42.34 -13.63 22.48
CA TYR I 157 42.15 -14.99 22.94
C TYR I 157 40.77 -15.16 23.55
N TYR I 158 40.26 -14.14 24.24
CA TYR I 158 38.91 -14.20 24.78
C TYR I 158 37.86 -14.13 23.69
N THR I 159 38.01 -13.16 22.77
CA THR I 159 37.02 -12.95 21.73
C THR I 159 36.84 -14.21 20.90
N TYR I 160 37.95 -14.93 20.68
CA TYR I 160 37.86 -16.23 20.05
C TYR I 160 37.16 -17.23 20.96
N LYS I 161 37.52 -17.24 22.25
CA LYS I 161 36.90 -18.17 23.20
C LYS I 161 35.39 -17.98 23.26
N LYS I 162 34.93 -16.75 23.03
CA LYS I 162 33.49 -16.50 23.00
C LYS I 162 32.88 -16.92 21.67
N GLN I 163 33.62 -16.75 20.57
CA GLN I 163 33.15 -17.17 19.26
C GLN I 163 33.10 -18.68 19.10
N VAL I 164 33.68 -19.43 20.06
CA VAL I 164 33.59 -20.89 20.03
C VAL I 164 32.14 -21.33 20.09
N LYS I 165 31.40 -20.80 21.07
CA LYS I 165 30.00 -21.17 21.25
C LYS I 165 29.15 -20.72 20.07
N GLU J 6 -29.88 49.55 -56.55
CA GLU J 6 -31.06 50.37 -56.85
C GLU J 6 -31.47 51.57 -55.92
N PRO J 7 -30.80 51.83 -54.79
CA PRO J 7 -31.23 52.94 -53.96
C PRO J 7 -30.65 54.25 -54.48
N ARG J 8 -31.14 55.34 -53.89
CA ARG J 8 -30.70 56.67 -54.26
C ARG J 8 -29.66 57.17 -53.28
N ILE J 9 -28.87 58.14 -53.73
CA ILE J 9 -27.81 58.74 -52.93
C ILE J 9 -28.14 60.20 -52.75
N ASN J 10 -28.85 60.52 -51.67
CA ASN J 10 -29.29 61.89 -51.42
C ASN J 10 -28.15 62.71 -50.87
N VAL J 11 -27.93 63.89 -51.48
CA VAL J 11 -26.79 64.72 -51.12
C VAL J 11 -26.86 65.15 -49.66
N GLY J 12 -28.08 65.35 -49.15
CA GLY J 12 -28.22 65.73 -47.76
C GLY J 12 -27.88 64.60 -46.80
N SER J 13 -28.20 63.37 -47.18
CA SER J 13 -27.99 62.19 -46.34
C SER J 13 -26.80 61.37 -46.83
N ARG J 14 -25.79 62.04 -47.38
CA ARG J 14 -24.66 61.34 -47.96
C ARG J 14 -23.69 60.83 -46.90
N PHE J 15 -23.01 61.77 -46.24
CA PHE J 15 -22.01 61.49 -45.21
C PHE J 15 -21.50 62.83 -44.70
N GLN J 16 -20.61 62.81 -43.70
CA GLN J 16 -20.24 64.03 -42.99
C GLN J 16 -18.75 64.34 -43.12
N ALA J 17 -18.21 64.25 -44.34
CA ALA J 17 -16.97 64.93 -44.70
C ALA J 17 -15.80 64.59 -43.78
N GLU J 18 -15.17 63.41 -43.97
CA GLU J 18 -14.22 62.83 -43.01
C GLU J 18 -13.23 63.82 -42.39
N ILE J 19 -12.95 64.94 -43.07
CA ILE J 19 -12.30 66.10 -42.46
C ILE J 19 -10.90 65.78 -41.92
N PRO J 20 -10.01 65.23 -42.76
CA PRO J 20 -8.71 64.81 -42.25
C PRO J 20 -7.62 65.85 -42.40
N LEU J 21 -6.47 65.54 -41.81
CA LEU J 21 -5.24 66.26 -42.11
C LEU J 21 -4.27 65.38 -42.89
N MET J 22 -4.51 64.07 -42.91
CA MET J 22 -3.70 63.05 -43.58
C MET J 22 -2.40 62.75 -42.84
N ARG J 23 -2.06 63.51 -41.79
CA ARG J 23 -0.94 63.15 -40.91
C ARG J 23 -1.37 62.99 -39.46
N ASP J 24 -1.83 64.08 -38.84
CA ASP J 24 -2.32 64.16 -37.45
C ASP J 24 -1.52 63.26 -36.49
N ARG J 25 -0.20 63.23 -36.67
CA ARG J 25 0.63 62.18 -36.09
C ARG J 25 0.70 62.33 -34.57
N ALA J 26 0.18 61.32 -33.86
CA ALA J 26 0.13 61.28 -32.40
C ALA J 26 -0.36 62.62 -31.83
N LEU J 27 -1.60 62.98 -32.18
CA LEU J 27 -2.12 64.33 -31.94
C LEU J 27 -2.86 64.37 -30.60
N ALA J 28 -2.14 63.96 -29.55
CA ALA J 28 -2.60 64.07 -28.16
C ALA J 28 -3.97 63.43 -27.95
N ALA J 29 -4.27 62.39 -28.72
CA ALA J 29 -5.57 61.75 -28.62
C ALA J 29 -5.74 61.11 -27.25
N ALA J 30 -6.98 61.04 -26.81
CA ALA J 30 -7.40 60.24 -25.68
C ALA J 30 -7.59 58.82 -26.21
N ASP J 31 -8.47 58.03 -25.58
CA ASP J 31 -8.45 56.57 -25.48
C ASP J 31 -7.30 56.15 -24.57
N PRO J 32 -7.10 56.89 -23.48
CA PRO J 32 -7.26 56.27 -22.16
C PRO J 32 -8.68 56.46 -21.66
N HIS J 33 -9.41 57.43 -22.24
CA HIS J 33 -10.80 57.69 -21.86
C HIS J 33 -11.74 56.68 -22.47
N LYS J 34 -11.63 56.48 -23.78
CA LYS J 34 -12.54 55.61 -24.51
C LYS J 34 -12.49 54.18 -23.99
N ALA J 35 -11.34 53.76 -23.46
CA ALA J 35 -11.17 52.40 -23.02
C ALA J 35 -10.22 52.35 -21.84
N ASP J 36 -10.38 51.30 -21.02
CA ASP J 36 -9.61 51.09 -19.80
C ASP J 36 -8.87 49.76 -19.89
N LEU J 37 -7.57 49.76 -19.59
CA LEU J 37 -6.77 48.56 -19.74
C LEU J 37 -7.11 47.55 -18.66
N VAL J 38 -7.41 46.31 -19.09
CA VAL J 38 -7.77 45.26 -18.15
C VAL J 38 -7.07 43.92 -18.43
N TRP J 39 -5.91 43.95 -19.08
CA TRP J 39 -4.94 42.86 -18.99
C TRP J 39 -3.70 43.22 -19.80
N GLN J 40 -2.53 42.79 -19.32
CA GLN J 40 -1.25 42.91 -20.03
C GLN J 40 -0.64 41.53 -20.24
N PRO J 41 -0.06 41.22 -21.40
CA PRO J 41 0.68 39.96 -21.54
C PRO J 41 1.82 39.89 -20.53
N TRP J 42 1.98 38.72 -19.92
CA TRP J 42 2.94 38.55 -18.83
C TRP J 42 3.44 37.10 -18.89
N GLU J 43 4.56 36.90 -19.59
CA GLU J 43 5.21 35.59 -19.67
C GLU J 43 6.64 35.64 -19.13
N ASP J 44 6.99 36.69 -18.40
CA ASP J 44 8.38 36.86 -17.97
C ASP J 44 8.69 35.92 -16.81
N LEU J 45 7.97 36.07 -15.71
CA LEU J 45 8.04 35.13 -14.59
C LEU J 45 6.85 34.18 -14.55
N GLU J 46 5.75 34.49 -15.25
CA GLU J 46 4.57 33.64 -15.23
C GLU J 46 4.60 32.51 -16.25
N SER J 47 5.13 32.75 -17.45
CA SER J 47 5.30 31.69 -18.43
C SER J 47 6.76 31.72 -18.88
N SER J 48 7.61 31.12 -18.05
CA SER J 48 9.00 30.87 -18.37
C SER J 48 9.28 29.38 -18.37
N ARG J 49 8.28 28.60 -18.78
CA ARG J 49 8.36 27.13 -18.82
C ARG J 49 8.60 26.54 -17.43
N GLU J 50 8.19 27.29 -16.40
CA GLU J 50 8.22 26.80 -15.03
C GLU J 50 6.90 27.08 -14.31
N LYS J 51 6.27 28.20 -14.65
CA LYS J 51 5.06 28.67 -13.99
C LYS J 51 3.86 28.75 -14.92
N GLN J 52 4.07 28.64 -16.24
CA GLN J 52 2.96 28.62 -17.19
C GLN J 52 1.93 27.55 -16.89
N ARG J 53 2.33 26.44 -16.26
CA ARG J 53 1.40 25.41 -15.84
C ARG J 53 0.81 25.67 -14.47
N GLN J 54 1.39 26.60 -13.71
CA GLN J 54 0.89 26.90 -12.37
C GLN J 54 -0.46 27.61 -12.41
N VAL J 55 -0.63 28.52 -13.37
CA VAL J 55 -1.89 29.24 -13.49
C VAL J 55 -2.99 28.28 -13.92
N GLU J 56 -2.66 27.38 -14.85
CA GLU J 56 -3.56 26.30 -15.22
C GLU J 56 -4.06 25.55 -13.99
N ASP J 57 -3.18 25.31 -13.03
CA ASP J 57 -3.59 24.67 -11.79
C ASP J 57 -4.30 25.65 -10.87
N LEU J 58 -3.91 26.92 -10.92
CA LEU J 58 -4.56 27.95 -10.10
C LEU J 58 -6.03 28.06 -10.41
N LEU J 59 -6.41 27.81 -11.65
CA LEU J 59 -7.72 28.23 -12.12
C LEU J 59 -8.72 27.09 -12.04
N THR J 60 -8.31 25.91 -12.50
CA THR J 60 -9.08 24.71 -12.20
C THR J 60 -9.22 24.50 -10.71
N ALA J 61 -8.26 25.00 -9.92
CA ALA J 61 -8.41 25.02 -8.48
C ALA J 61 -9.69 25.70 -8.00
N ALA J 62 -10.12 26.77 -8.67
CA ALA J 62 -11.09 27.66 -8.06
C ALA J 62 -12.51 27.11 -8.19
N CYS J 63 -12.82 26.43 -9.30
CA CYS J 63 -14.19 25.94 -9.53
C CYS J 63 -14.47 24.75 -8.61
N SER J 64 -14.47 25.02 -7.31
CA SER J 64 -14.57 23.99 -6.28
C SER J 64 -14.98 24.69 -5.00
N SER J 65 -14.78 24.06 -3.84
CA SER J 65 -15.16 24.62 -2.56
C SER J 65 -14.27 25.79 -2.14
N ILE J 66 -14.21 26.85 -2.94
CA ILE J 66 -13.76 28.16 -2.50
C ILE J 66 -14.96 29.11 -2.47
N PHE J 67 -14.80 30.28 -1.85
CA PHE J 67 -15.88 31.24 -1.63
C PHE J 67 -16.64 31.57 -2.92
N PRO J 68 -17.94 31.86 -2.86
CA PRO J 68 -18.66 32.34 -4.05
C PRO J 68 -18.79 33.86 -4.08
N GLY J 69 -19.04 34.39 -5.29
CA GLY J 69 -19.40 35.78 -5.50
C GLY J 69 -20.73 35.95 -6.21
N ALA J 70 -20.97 35.08 -7.20
CA ALA J 70 -22.27 34.90 -7.84
C ALA J 70 -22.61 33.41 -7.92
N GLY J 71 -21.57 32.61 -8.10
CA GLY J 71 -21.57 31.17 -8.09
C GLY J 71 -21.25 30.63 -9.46
N THR J 72 -19.93 30.67 -9.74
CA THR J 72 -19.16 29.82 -10.63
C THR J 72 -17.73 30.10 -10.18
N ASN J 73 -17.12 29.21 -9.42
CA ASN J 73 -15.99 29.67 -8.62
C ASN J 73 -14.71 29.79 -9.43
N GLN J 74 -14.72 29.33 -10.69
CA GLN J 74 -13.59 29.67 -11.57
C GLN J 74 -13.51 31.17 -11.82
N GLU J 75 -14.61 31.77 -12.30
CA GLU J 75 -14.60 33.14 -12.81
C GLU J 75 -14.01 34.12 -11.80
N LEU J 76 -14.24 33.87 -10.52
CA LEU J 76 -13.70 34.74 -9.49
C LEU J 76 -12.17 34.70 -9.50
N ALA J 77 -11.60 33.54 -9.83
CA ALA J 77 -10.15 33.39 -9.79
C ALA J 77 -9.52 33.94 -11.07
N LEU J 78 -10.20 33.74 -12.19
CA LEU J 78 -9.88 34.44 -13.41
C LEU J 78 -9.78 35.92 -13.15
N HIS J 79 -10.83 36.45 -12.53
CA HIS J 79 -10.94 37.88 -12.25
C HIS J 79 -9.78 38.38 -11.42
N CYS J 80 -9.26 37.52 -10.53
CA CYS J 80 -8.39 38.01 -9.47
C CYS J 80 -6.92 37.95 -9.86
N LEU J 81 -6.53 36.99 -10.69
CA LEU J 81 -5.17 37.03 -11.21
C LEU J 81 -4.99 38.27 -12.06
N HIS J 82 -6.01 38.59 -12.87
CA HIS J 82 -6.03 39.89 -13.53
C HIS J 82 -5.90 41.01 -12.51
N GLU J 83 -6.61 40.88 -11.39
CA GLU J 83 -6.66 41.93 -10.39
C GLU J 83 -5.29 42.25 -9.81
N SER J 84 -4.34 41.32 -9.91
CA SER J 84 -3.08 41.41 -9.18
C SER J 84 -1.89 41.84 -10.05
N ARG J 85 -2.09 41.90 -11.37
CA ARG J 85 -1.15 42.40 -12.38
C ARG J 85 0.05 41.50 -12.66
N GLY J 86 0.53 40.74 -11.67
CA GLY J 86 1.35 39.58 -11.96
C GLY J 86 1.53 38.61 -10.80
N ASP J 87 0.93 38.89 -9.65
CA ASP J 87 1.42 38.38 -8.39
C ASP J 87 0.57 37.20 -7.91
N ILE J 88 1.11 36.48 -6.92
CA ILE J 88 0.55 35.23 -6.43
C ILE J 88 -0.14 35.46 -5.10
N LEU J 89 0.62 35.92 -4.10
CA LEU J 89 0.05 36.10 -2.78
C LEU J 89 -0.83 37.35 -2.74
N GLU J 90 -0.39 38.41 -3.40
CA GLU J 90 -1.23 39.60 -3.55
C GLU J 90 -2.53 39.23 -4.26
N THR J 91 -2.45 38.28 -5.19
CA THR J 91 -3.67 37.67 -5.71
C THR J 91 -4.40 36.93 -4.61
N LEU J 92 -3.74 35.93 -4.02
CA LEU J 92 -4.39 35.03 -3.07
C LEU J 92 -4.96 35.79 -1.88
N ASN J 93 -4.29 36.86 -1.48
CA ASN J 93 -4.78 37.65 -0.36
C ASN J 93 -6.00 38.43 -0.81
N LYS J 94 -5.83 39.37 -1.77
CA LYS J 94 -6.97 40.18 -2.19
C LYS J 94 -8.09 39.34 -2.79
N LEU J 95 -7.78 38.11 -3.20
CA LEU J 95 -8.83 37.13 -3.49
C LEU J 95 -9.66 36.84 -2.25
N LEU J 96 -9.00 36.41 -1.17
CA LEU J 96 -9.64 35.92 0.04
C LEU J 96 -9.93 37.03 1.03
N LEU J 97 -9.02 38.00 1.10
CA LEU J 97 -9.14 39.18 1.93
C LEU J 97 -10.46 39.89 1.66
N LYS J 98 -10.77 40.87 2.51
CA LYS J 98 -12.11 41.19 3.04
C LYS J 98 -13.22 40.79 2.07
N LYS J 99 -13.25 41.27 0.85
CA LYS J 99 -14.29 40.99 -0.12
C LYS J 99 -13.74 41.21 -1.53
N PRO J 100 -14.29 40.56 -2.55
CA PRO J 100 -13.78 40.81 -3.92
C PRO J 100 -14.22 42.14 -4.49
N LEU J 101 -15.26 42.76 -3.92
CA LEU J 101 -15.77 44.01 -4.50
C LEU J 101 -14.88 45.19 -4.12
N ARG J 102 -14.38 45.20 -2.89
CA ARG J 102 -13.64 46.35 -2.38
C ARG J 102 -12.35 46.65 -3.13
N PRO J 103 -11.42 45.70 -3.34
CA PRO J 103 -10.12 46.08 -3.91
C PRO J 103 -10.20 46.71 -5.28
N HIS J 104 -11.21 46.35 -6.08
CA HIS J 104 -11.36 46.86 -7.44
C HIS J 104 -12.78 47.36 -7.63
N ASN J 105 -12.93 48.68 -7.68
CA ASN J 105 -14.18 49.35 -8.01
C ASN J 105 -14.05 50.34 -9.15
N HIS J 106 -12.85 50.83 -9.45
CA HIS J 106 -12.69 51.82 -10.52
C HIS J 106 -12.99 51.27 -11.91
N PRO J 107 -12.78 49.99 -12.23
CA PRO J 107 -13.18 49.56 -13.59
C PRO J 107 -14.69 49.57 -13.80
N LEU J 108 -15.43 48.92 -12.90
CA LEU J 108 -16.89 48.75 -12.93
C LEU J 108 -17.33 47.71 -13.97
N ALA J 109 -16.42 47.27 -14.84
CA ALA J 109 -16.69 46.08 -15.64
C ALA J 109 -16.86 44.87 -14.75
N THR J 110 -16.14 44.86 -13.62
CA THR J 110 -16.17 43.73 -12.69
C THR J 110 -17.59 43.47 -12.23
N TYR J 111 -18.27 44.54 -11.81
CA TYR J 111 -19.63 44.42 -11.31
C TYR J 111 -20.60 44.15 -12.47
N HIS J 112 -20.26 44.64 -13.66
CA HIS J 112 -21.05 44.35 -14.85
C HIS J 112 -21.00 42.87 -15.19
N TYR J 113 -19.78 42.30 -15.19
CA TYR J 113 -19.60 40.91 -15.58
C TYR J 113 -20.30 39.98 -14.61
N THR J 114 -20.10 40.20 -13.32
CA THR J 114 -20.74 39.39 -12.31
C THR J 114 -22.25 39.51 -12.40
N GLY J 115 -22.74 40.70 -12.71
CA GLY J 115 -24.16 40.92 -12.93
C GLY J 115 -24.53 40.67 -14.38
N TRP J 119 -31.56 34.58 -6.57
CA TRP J 119 -32.85 34.02 -6.96
C TRP J 119 -33.34 33.04 -5.91
N LYS J 120 -34.50 33.34 -5.33
CA LYS J 120 -35.09 32.53 -4.28
C LYS J 120 -36.08 31.54 -4.88
N MET J 121 -36.33 30.46 -4.13
CA MET J 121 -37.31 29.47 -4.56
C MET J 121 -38.70 30.09 -4.68
N ALA J 122 -39.02 31.05 -3.81
CA ALA J 122 -40.31 31.72 -3.87
C ALA J 122 -40.50 32.41 -5.21
N GLU J 123 -39.57 33.30 -5.57
CA GLU J 123 -39.66 33.97 -6.86
C GLU J 123 -39.52 32.99 -8.01
N ARG J 124 -38.80 31.88 -7.78
CA ARG J 124 -38.65 30.87 -8.82
C ARG J 124 -39.99 30.27 -9.20
N LYS J 125 -40.80 29.91 -8.20
CA LYS J 125 -42.13 29.37 -8.47
C LYS J 125 -43.00 30.38 -9.20
N LEU J 126 -42.99 31.63 -8.73
CA LEU J 126 -43.81 32.65 -9.37
C LEU J 126 -43.30 32.95 -10.78
N PHE J 127 -41.99 32.89 -10.96
CA PHE J 127 -41.42 33.05 -12.30
C PHE J 127 -41.93 31.96 -13.23
N ASN J 128 -41.86 30.70 -12.79
CA ASN J 128 -42.27 29.58 -13.63
C ASN J 128 -43.73 29.72 -14.04
N LYS J 129 -44.59 30.11 -13.11
CA LYS J 129 -45.99 30.36 -13.45
C LYS J 129 -46.13 31.68 -14.20
N GLY J 130 -45.35 32.70 -13.82
CA GLY J 130 -45.41 33.97 -14.52
C GLY J 130 -45.00 33.86 -15.97
N ILE J 131 -44.10 32.93 -16.27
CA ILE J 131 -43.72 32.66 -17.66
C ILE J 131 -44.64 31.65 -18.31
N ALA J 132 -45.22 30.72 -17.56
CA ALA J 132 -46.15 29.75 -18.11
C ALA J 132 -47.52 30.34 -18.42
N ILE J 133 -47.73 31.63 -18.14
CA ILE J 133 -48.97 32.33 -18.47
C ILE J 133 -48.78 33.26 -19.67
N TYR J 134 -47.86 34.22 -19.56
CA TYR J 134 -47.55 35.09 -20.69
C TYR J 134 -46.73 34.34 -21.73
N LYS J 135 -45.55 33.88 -21.33
CA LYS J 135 -44.49 33.23 -22.11
C LYS J 135 -43.71 34.23 -22.98
N LYS J 136 -44.19 35.45 -23.19
CA LYS J 136 -43.35 36.46 -23.85
C LYS J 136 -43.68 37.89 -23.44
N ASP J 137 -43.91 38.17 -22.15
CA ASP J 137 -44.18 39.56 -21.75
C ASP J 137 -42.90 40.33 -21.46
N PHE J 138 -42.15 39.92 -20.44
CA PHE J 138 -40.90 40.57 -20.03
C PHE J 138 -41.10 42.05 -19.65
N PHE J 139 -42.36 42.44 -19.39
CA PHE J 139 -42.68 43.76 -18.87
C PHE J 139 -43.63 43.62 -17.68
N LEU J 140 -44.58 42.69 -17.77
CA LEU J 140 -45.46 42.38 -16.66
C LEU J 140 -44.79 41.45 -15.66
N VAL J 141 -43.99 40.51 -16.16
CA VAL J 141 -43.20 39.67 -15.28
C VAL J 141 -42.16 40.50 -14.55
N GLN J 142 -41.69 41.58 -15.18
CA GLN J 142 -40.85 42.54 -14.48
C GLN J 142 -41.60 43.21 -13.34
N LYS J 143 -42.89 43.50 -13.56
CA LYS J 143 -43.71 44.05 -12.49
C LYS J 143 -44.09 42.99 -11.47
N LEU J 144 -44.10 41.72 -11.88
CA LEU J 144 -44.28 40.64 -10.91
C LEU J 144 -43.18 40.67 -9.87
N ILE J 145 -41.95 40.92 -10.31
CA ILE J 145 -40.78 40.96 -9.42
C ILE J 145 -40.11 42.30 -9.64
N GLN J 146 -40.52 43.30 -8.86
CA GLN J 146 -39.90 44.62 -8.97
C GLN J 146 -38.47 44.62 -8.43
N THR J 147 -38.15 43.68 -7.53
CA THR J 147 -36.80 43.58 -7.01
C THR J 147 -35.80 43.27 -8.11
N LYS J 148 -36.13 42.32 -8.98
CA LYS J 148 -35.23 41.85 -10.01
C LYS J 148 -35.51 42.57 -11.33
N THR J 149 -34.54 42.49 -12.23
CA THR J 149 -34.56 43.20 -13.50
C THR J 149 -34.82 42.19 -14.62
N VAL J 150 -35.08 42.73 -15.81
CA VAL J 150 -35.32 41.88 -16.97
C VAL J 150 -34.06 41.11 -17.32
N ALA J 151 -32.88 41.65 -17.01
CA ALA J 151 -31.63 40.96 -17.33
C ALA J 151 -31.51 39.66 -16.57
N GLN J 152 -31.60 39.74 -15.23
CA GLN J 152 -31.53 38.53 -14.42
C GLN J 152 -32.70 37.60 -14.71
N CYS J 153 -33.88 38.17 -14.93
CA CYS J 153 -35.04 37.37 -15.30
C CYS J 153 -34.78 36.62 -16.61
N VAL J 154 -34.17 37.31 -17.57
CA VAL J 154 -33.84 36.67 -18.84
C VAL J 154 -32.68 35.71 -18.68
N GLU J 155 -31.74 36.04 -17.80
CA GLU J 155 -30.60 35.15 -17.58
C GLU J 155 -31.04 33.82 -17.03
N PHE J 156 -31.89 33.83 -16.01
CA PHE J 156 -32.39 32.59 -15.43
C PHE J 156 -33.20 31.80 -16.44
N TYR J 157 -33.84 32.48 -17.39
CA TYR J 157 -34.60 31.78 -18.41
C TYR J 157 -33.69 30.94 -19.31
N TYR J 158 -32.49 31.44 -19.59
CA TYR J 158 -31.53 30.67 -20.36
C TYR J 158 -30.99 29.49 -19.56
N THR J 159 -30.55 29.75 -18.33
CA THR J 159 -29.94 28.71 -17.51
C THR J 159 -30.89 27.54 -17.34
N TYR J 160 -32.18 27.84 -17.22
CA TYR J 160 -33.19 26.78 -17.22
C TYR J 160 -33.27 26.11 -18.60
N LYS J 161 -33.27 26.91 -19.66
CA LYS J 161 -33.35 26.37 -21.02
C LYS J 161 -32.19 25.41 -21.28
N LYS J 162 -31.03 25.66 -20.66
CA LYS J 162 -29.90 24.76 -20.81
C LYS J 162 -30.05 23.53 -19.94
N GLN J 163 -30.64 23.68 -18.74
CA GLN J 163 -30.87 22.56 -17.85
C GLN J 163 -31.96 21.62 -18.36
N VAL J 164 -32.70 22.02 -19.39
CA VAL J 164 -33.69 21.14 -20.01
C VAL J 164 -33.03 19.88 -20.54
N LYS J 165 -31.97 20.06 -21.32
CA LYS J 165 -31.27 18.92 -21.92
C LYS J 165 -30.60 18.07 -20.85
N GLU K 6 64.80 -46.04 -14.44
CA GLU K 6 65.78 -46.87 -13.75
C GLU K 6 65.35 -48.13 -12.95
N PRO K 7 64.05 -48.46 -12.81
CA PRO K 7 63.71 -49.66 -12.05
C PRO K 7 63.80 -50.90 -12.91
N ARG K 8 63.69 -52.05 -12.25
CA ARG K 8 63.77 -53.33 -12.92
C ARG K 8 62.37 -53.86 -13.18
N ILE K 9 62.28 -54.78 -14.15
CA ILE K 9 61.03 -55.40 -14.55
C ILE K 9 61.14 -56.89 -14.28
N ASN K 10 60.74 -57.30 -13.08
CA ASN K 10 60.87 -58.70 -12.68
C ASN K 10 59.76 -59.53 -13.31
N VAL K 11 60.15 -60.64 -13.94
CA VAL K 11 59.20 -61.46 -14.70
C VAL K 11 58.12 -62.01 -13.77
N GLY K 12 58.47 -62.29 -12.51
CA GLY K 12 57.47 -62.77 -11.58
C GLY K 12 56.46 -61.72 -11.18
N SER K 13 56.90 -60.46 -11.06
CA SER K 13 56.07 -59.34 -10.63
C SER K 13 55.69 -58.46 -11.81
N ARG K 14 55.53 -59.04 -12.99
CA ARG K 14 55.27 -58.27 -14.20
C ARG K 14 53.82 -57.80 -14.28
N PHE K 15 52.92 -58.76 -14.47
CA PHE K 15 51.49 -58.53 -14.63
C PHE K 15 50.82 -59.89 -14.81
N GLN K 16 49.49 -59.91 -14.90
CA GLN K 16 48.75 -61.17 -14.85
C GLN K 16 47.95 -61.42 -16.13
N ALA K 17 48.58 -61.22 -17.28
CA ALA K 17 48.12 -61.82 -18.54
C ALA K 17 46.67 -61.51 -18.87
N GLU K 18 46.39 -60.31 -19.40
CA GLU K 18 45.03 -59.77 -19.53
C GLU K 18 43.98 -60.77 -20.00
N ILE K 19 44.38 -61.82 -20.71
CA ILE K 19 43.55 -62.99 -20.95
C ILE K 19 42.25 -62.67 -21.69
N PRO K 20 42.35 -62.05 -22.88
CA PRO K 20 41.13 -61.60 -23.56
C PRO K 20 40.62 -62.60 -24.59
N LEU K 21 39.44 -62.29 -25.12
CA LEU K 21 38.95 -62.95 -26.32
C LEU K 21 38.94 -61.98 -27.50
N MET K 22 39.06 -60.68 -27.22
CA MET K 22 39.03 -59.59 -28.19
C MET K 22 37.64 -59.29 -28.74
N ARG K 23 36.63 -60.12 -28.43
CA ARG K 23 35.25 -59.79 -28.75
C ARG K 23 34.35 -59.76 -27.53
N ASP K 24 34.19 -60.91 -26.87
CA ASP K 24 33.39 -61.10 -25.64
C ASP K 24 32.11 -60.26 -25.61
N ARG K 25 31.44 -60.17 -26.76
CA ARG K 25 30.44 -59.14 -26.98
C ARG K 25 29.21 -59.40 -26.13
N ALA K 26 28.93 -58.46 -25.21
CA ALA K 26 27.79 -58.55 -24.27
C ALA K 26 27.70 -59.94 -23.64
N LEU K 27 28.75 -60.31 -22.90
CA LEU K 27 28.93 -61.69 -22.44
C LEU K 27 28.33 -61.86 -21.04
N ALA K 28 27.04 -61.50 -20.94
CA ALA K 28 26.24 -61.74 -19.74
C ALA K 28 26.88 -61.17 -18.49
N ALA K 29 27.63 -60.08 -18.65
CA ALA K 29 28.33 -59.50 -17.51
C ALA K 29 27.33 -58.97 -16.50
N ALA K 30 27.74 -58.98 -15.24
CA ALA K 30 27.06 -58.27 -14.16
C ALA K 30 27.55 -56.82 -14.23
N ASP K 31 27.56 -56.12 -13.09
CA ASP K 31 27.41 -54.67 -12.94
C ASP K 31 25.97 -54.28 -13.26
N PRO K 32 25.02 -55.08 -12.82
CA PRO K 32 24.05 -54.58 -11.83
C PRO K 32 24.53 -54.87 -10.42
N HIS K 33 25.48 -55.81 -10.26
CA HIS K 33 26.02 -56.14 -8.95
C HIS K 33 27.05 -55.11 -8.51
N LYS K 34 28.00 -54.81 -9.38
CA LYS K 34 29.11 -53.92 -9.05
C LYS K 34 28.62 -52.54 -8.67
N ALA K 35 27.48 -52.13 -9.22
CA ALA K 35 26.96 -50.79 -8.98
C ALA K 35 25.44 -50.80 -9.01
N ASP K 36 24.86 -49.83 -8.31
CA ASP K 36 23.42 -49.68 -8.16
C ASP K 36 22.99 -48.32 -8.70
N LEU K 37 21.97 -48.31 -9.54
CA LEU K 37 21.54 -47.07 -10.18
C LEU K 37 20.85 -46.15 -9.17
N VAL K 38 21.32 -44.90 -9.11
CA VAL K 38 20.77 -43.93 -8.17
C VAL K 38 20.50 -42.56 -8.79
N TRP K 39 20.31 -42.49 -10.12
CA TRP K 39 19.60 -41.38 -10.75
C TRP K 39 19.49 -41.63 -12.24
N GLN K 40 18.37 -41.20 -12.84
CA GLN K 40 18.17 -41.22 -14.28
C GLN K 40 17.89 -39.81 -14.80
N PRO K 41 18.45 -39.40 -15.95
CA PRO K 41 18.05 -38.11 -16.52
C PRO K 41 16.55 -38.08 -16.80
N TRP K 42 15.92 -36.96 -16.47
CA TRP K 42 14.47 -36.82 -16.56
C TRP K 42 14.16 -35.37 -16.88
N GLU K 43 14.01 -35.07 -18.16
CA GLU K 43 13.63 -33.75 -18.64
C GLU K 43 12.33 -33.79 -19.44
N ASP K 44 11.57 -34.87 -19.35
CA ASP K 44 10.39 -35.02 -20.20
C ASP K 44 9.25 -34.16 -19.67
N LEU K 45 8.82 -34.43 -18.43
CA LEU K 45 7.86 -33.57 -17.74
C LEU K 45 8.52 -32.67 -16.70
N GLU K 46 9.76 -32.95 -16.29
CA GLU K 46 10.44 -32.15 -15.28
C GLU K 46 11.16 -30.95 -15.84
N SER K 47 11.81 -31.08 -17.01
CA SER K 47 12.44 -29.94 -17.65
C SER K 47 11.90 -29.89 -19.08
N SER K 48 10.70 -29.33 -19.21
CA SER K 48 10.08 -29.01 -20.48
C SER K 48 9.85 -27.50 -20.59
N ARG K 49 10.76 -26.73 -20.00
CA ARG K 49 10.69 -25.27 -19.98
C ARG K 49 9.42 -24.77 -19.27
N GLU K 50 8.89 -25.61 -18.38
CA GLU K 50 7.77 -25.23 -17.53
C GLU K 50 8.02 -25.61 -16.08
N LYS K 51 8.73 -26.72 -15.86
CA LYS K 51 8.96 -27.28 -14.53
C LYS K 51 10.44 -27.32 -14.17
N GLN K 52 11.34 -27.11 -15.13
CA GLN K 52 12.76 -27.06 -14.84
C GLN K 52 13.12 -26.06 -13.75
N ARG K 53 12.34 -24.98 -13.61
CA ARG K 53 12.54 -24.01 -12.53
C ARG K 53 11.82 -24.40 -11.25
N GLN K 54 10.91 -25.37 -11.31
CA GLN K 54 10.17 -25.79 -10.13
C GLN K 54 11.05 -26.54 -9.15
N VAL K 55 11.96 -27.38 -9.66
CA VAL K 55 12.85 -28.12 -8.78
C VAL K 55 13.83 -27.17 -8.11
N GLU K 56 14.32 -26.20 -8.88
CA GLU K 56 15.13 -25.11 -8.31
C GLU K 56 14.43 -24.49 -7.11
N ASP K 57 13.12 -24.28 -7.21
CA ASP K 57 12.37 -23.76 -6.08
C ASP K 57 12.12 -24.83 -5.03
N LEU K 58 11.96 -26.08 -5.46
CA LEU K 58 11.75 -27.18 -4.53
C LEU K 58 12.90 -27.32 -3.55
N LEU K 59 14.11 -26.99 -4.00
CA LEU K 59 15.30 -27.42 -3.28
C LEU K 59 15.80 -26.33 -2.35
N THR K 60 15.87 -25.10 -2.87
CA THR K 60 16.06 -23.95 -2.00
C THR K 60 14.96 -23.86 -0.96
N ALA K 61 13.77 -24.39 -1.28
CA ALA K 61 12.73 -24.53 -0.28
C ALA K 61 13.16 -25.29 0.97
N ALA K 62 13.99 -26.31 0.81
CA ALA K 62 14.15 -27.28 1.89
C ALA K 62 15.09 -26.77 2.97
N CYS K 63 16.13 -26.02 2.60
CA CYS K 63 17.13 -25.56 3.58
C CYS K 63 16.53 -24.45 4.44
N SER K 64 15.51 -24.82 5.21
CA SER K 64 14.72 -23.88 6.00
C SER K 64 13.99 -24.69 7.06
N SER K 65 12.93 -24.14 7.65
CA SER K 65 12.18 -24.82 8.69
C SER K 65 11.34 -25.98 8.16
N ILE K 66 11.98 -26.97 7.55
CA ILE K 66 11.42 -28.29 7.35
C ILE K 66 12.16 -29.28 8.25
N PHE K 67 11.62 -30.49 8.41
CA PHE K 67 12.14 -31.50 9.33
C PHE K 67 13.64 -31.76 9.12
N PRO K 68 14.40 -32.09 10.16
CA PRO K 68 15.79 -32.51 9.96
C PRO K 68 15.97 -34.03 9.93
N GLY K 69 17.09 -34.46 9.36
CA GLY K 69 17.53 -35.85 9.41
C GLY K 69 18.91 -36.01 10.01
N ALA K 70 19.81 -35.07 9.67
CA ALA K 70 21.11 -34.89 10.32
C ALA K 70 21.33 -33.41 10.65
N GLY K 71 20.79 -32.56 9.78
CA GLY K 71 20.72 -31.14 9.89
C GLY K 71 21.58 -30.48 8.83
N THR K 72 21.01 -30.45 7.63
CA THR K 72 21.20 -29.52 6.53
C THR K 72 19.99 -29.79 5.66
N ASN K 73 18.97 -28.93 5.71
CA ASN K 73 17.67 -29.41 5.28
C ASN K 73 17.53 -29.42 3.76
N GLN K 74 18.51 -28.88 3.03
CA GLN K 74 18.52 -29.09 1.58
C GLN K 74 18.72 -30.57 1.27
N GLU K 75 19.81 -31.16 1.79
CA GLU K 75 20.26 -32.50 1.36
C GLU K 75 19.14 -33.53 1.44
N LEU K 76 18.26 -33.39 2.43
CA LEU K 76 17.15 -34.31 2.56
C LEU K 76 16.21 -34.22 1.35
N ALA K 77 16.08 -33.02 0.78
CA ALA K 77 15.15 -32.82 -0.34
C ALA K 77 15.79 -33.25 -1.64
N LEU K 78 17.10 -32.99 -1.76
CA LEU K 78 17.89 -33.59 -2.83
C LEU K 78 17.69 -35.09 -2.85
N HIS K 79 17.86 -35.69 -1.68
CA HIS K 79 17.76 -37.13 -1.53
C HIS K 79 16.40 -37.65 -1.97
N CYS K 80 15.36 -36.86 -1.79
CA CYS K 80 14.01 -37.39 -1.86
C CYS K 80 13.41 -37.25 -3.25
N LEU K 81 13.79 -36.22 -4.00
CA LEU K 81 13.37 -36.17 -5.39
C LEU K 81 13.98 -37.34 -6.14
N HIS K 82 15.25 -37.63 -5.86
CA HIS K 82 15.84 -38.87 -6.32
C HIS K 82 15.00 -40.06 -5.90
N GLU K 83 14.54 -40.04 -4.65
CA GLU K 83 13.83 -41.18 -4.07
C GLU K 83 12.55 -41.50 -4.82
N SER K 84 12.00 -40.52 -5.57
CA SER K 84 10.66 -40.63 -6.13
C SER K 84 10.64 -40.94 -7.62
N ARG K 85 11.79 -40.91 -8.28
CA ARG K 85 12.04 -41.30 -9.67
C ARG K 85 11.49 -40.34 -10.72
N GLY K 86 10.39 -39.65 -10.45
CA GLY K 86 10.06 -38.44 -11.18
C GLY K 86 9.00 -37.55 -10.54
N ASP K 87 8.48 -37.94 -9.39
CA ASP K 87 7.15 -37.51 -8.97
C ASP K 87 7.25 -36.40 -7.92
N ILE K 88 6.11 -35.74 -7.70
CA ILE K 88 6.02 -34.56 -6.86
C ILE K 88 5.40 -34.90 -5.52
N LEU K 89 4.17 -35.41 -5.54
CA LEU K 89 3.48 -35.71 -4.30
C LEU K 89 4.02 -36.99 -3.68
N GLU K 90 4.32 -37.99 -4.51
CA GLU K 90 5.01 -39.18 -4.01
C GLU K 90 6.35 -38.81 -3.40
N THR K 91 7.00 -37.78 -3.95
CA THR K 91 8.14 -37.18 -3.26
C THR K 91 7.69 -36.54 -1.96
N LEU K 92 6.77 -35.58 -2.05
CA LEU K 92 6.39 -34.78 -0.89
C LEU K 92 5.82 -35.64 0.22
N ASN K 93 5.14 -36.72 -0.14
CA ASN K 93 4.59 -37.60 0.87
C ASN K 93 5.73 -38.40 1.50
N LYS K 94 6.41 -39.24 0.72
CA LYS K 94 7.48 -40.06 1.29
C LYS K 94 8.60 -39.22 1.88
N LEU K 95 8.69 -37.95 1.48
CA LEU K 95 9.51 -36.99 2.20
C LEU K 95 9.04 -36.82 3.63
N LEU K 96 7.77 -36.45 3.79
CA LEU K 96 7.19 -36.08 5.08
C LEU K 96 6.62 -37.28 5.83
N LEU K 97 6.05 -38.21 5.08
CA LEU K 97 5.52 -39.46 5.60
C LEU K 97 6.57 -40.20 6.42
N LYS K 98 6.12 -41.24 7.11
CA LYS K 98 6.54 -41.65 8.47
C LYS K 98 7.96 -41.20 8.79
N LYS K 99 8.98 -41.59 8.02
CA LYS K 99 10.37 -41.28 8.28
C LYS K 99 11.14 -41.37 6.97
N PRO K 100 12.26 -40.66 6.83
CA PRO K 100 13.03 -40.79 5.57
C PRO K 100 13.81 -42.09 5.47
N LEU K 101 14.03 -42.78 6.59
CA LEU K 101 14.84 -44.01 6.56
C LEU K 101 14.05 -45.18 5.99
N ARG K 102 12.77 -45.27 6.35
CA ARG K 102 11.96 -46.43 5.99
C ARG K 102 11.77 -46.62 4.49
N PRO K 103 11.33 -45.63 3.71
CA PRO K 103 10.99 -45.91 2.30
C PRO K 103 12.16 -46.44 1.48
N HIS K 104 13.39 -46.06 1.81
CA HIS K 104 14.57 -46.47 1.08
C HIS K 104 15.62 -47.00 2.05
N ASN K 105 15.80 -48.32 2.03
CA ASN K 105 16.85 -49.00 2.77
C ASN K 105 17.71 -49.90 1.89
N HIS K 106 17.22 -50.32 0.73
CA HIS K 106 18.01 -51.23 -0.11
C HIS K 106 19.27 -50.58 -0.70
N PRO K 107 19.36 -49.27 -0.96
CA PRO K 107 20.65 -48.75 -1.44
C PRO K 107 21.74 -48.80 -0.38
N LEU K 108 21.46 -48.25 0.81
CA LEU K 108 22.37 -48.11 1.95
C LEU K 108 23.43 -47.03 1.74
N ALA K 109 23.54 -46.49 0.53
CA ALA K 109 24.28 -45.25 0.34
C ALA K 109 23.63 -44.11 1.11
N THR K 110 22.30 -44.16 1.22
CA THR K 110 21.54 -43.12 1.90
C THR K 110 22.04 -42.94 3.32
N TYR K 111 22.17 -44.06 4.04
CA TYR K 111 22.61 -44.02 5.42
C TYR K 111 24.10 -43.70 5.49
N HIS K 112 24.85 -44.10 4.46
CA HIS K 112 26.27 -43.74 4.39
C HIS K 112 26.44 -42.23 4.25
N TYR K 113 25.67 -41.63 3.34
CA TYR K 113 25.81 -40.21 3.05
C TYR K 113 25.45 -39.37 4.27
N THR K 114 24.31 -39.69 4.86
CA THR K 114 23.87 -38.97 6.06
C THR K 114 24.88 -39.13 7.18
N GLY K 115 25.48 -40.32 7.30
CA GLY K 115 26.52 -40.57 8.27
C GLY K 115 27.88 -40.22 7.70
N TRP K 119 25.78 -34.99 18.45
CA TRP K 119 26.86 -34.45 19.27
C TRP K 119 26.30 -33.56 20.38
N LYS K 120 26.56 -33.95 21.62
CA LYS K 120 26.06 -33.24 22.78
C LYS K 120 27.10 -32.25 23.29
N MET K 121 26.62 -31.23 24.01
CA MET K 121 27.52 -30.25 24.59
C MET K 121 28.50 -30.90 25.57
N ALA K 122 28.04 -31.94 26.29
CA ALA K 122 28.90 -32.65 27.21
C ALA K 122 30.11 -33.24 26.51
N GLU K 123 29.86 -34.07 25.49
CA GLU K 123 30.95 -34.65 24.72
C GLU K 123 31.73 -33.56 23.99
N ARG K 124 31.07 -32.45 23.63
CA ARG K 124 31.76 -31.36 22.95
C ARG K 124 32.85 -30.77 23.83
N LYS K 125 32.54 -30.53 25.10
CA LYS K 125 33.56 -30.01 26.02
C LYS K 125 34.70 -30.99 26.18
N LEU K 126 34.38 -32.27 26.38
CA LEU K 126 35.42 -33.28 26.55
C LEU K 126 36.23 -33.45 25.28
N PHE K 127 35.58 -33.32 24.13
CA PHE K 127 36.28 -33.36 22.86
C PHE K 127 37.30 -32.23 22.77
N ASN K 128 36.85 -31.01 23.08
CA ASN K 128 37.72 -29.84 22.97
C ASN K 128 38.95 -29.98 23.86
N LYS K 129 38.75 -30.48 25.08
CA LYS K 129 39.89 -30.76 25.96
C LYS K 129 40.62 -32.02 25.52
N GLY K 130 39.88 -33.03 25.06
CA GLY K 130 40.52 -34.25 24.59
C GLY K 130 41.41 -34.02 23.40
N ILE K 131 41.06 -33.03 22.56
CA ILE K 131 41.91 -32.64 21.44
C ILE K 131 42.96 -31.61 21.85
N ALA K 132 42.68 -30.76 22.83
CA ALA K 132 43.65 -29.79 23.30
C ALA K 132 44.75 -30.41 24.15
N ILE K 133 44.71 -31.72 24.39
CA ILE K 133 45.76 -32.44 25.10
C ILE K 133 46.62 -33.25 24.15
N TYR K 134 46.01 -34.20 23.44
CA TYR K 134 46.75 -34.96 22.43
C TYR K 134 47.04 -34.10 21.21
N LYS K 135 45.98 -33.64 20.56
CA LYS K 135 45.92 -32.91 19.29
C LYS K 135 46.16 -33.80 18.08
N LYS K 136 46.68 -35.02 18.23
CA LYS K 136 46.72 -35.94 17.09
C LYS K 136 46.65 -37.42 17.50
N ASP K 137 45.80 -37.80 18.44
CA ASP K 137 45.69 -39.22 18.79
C ASP K 137 44.71 -39.97 17.90
N PHE K 138 43.43 -39.62 17.97
CA PHE K 138 42.37 -40.26 17.19
C PHE K 138 42.25 -41.76 17.46
N PHE K 139 42.83 -42.21 18.58
CA PHE K 139 42.66 -43.58 19.06
C PHE K 139 42.31 -43.56 20.54
N LEU K 140 42.92 -42.66 21.30
CA LEU K 140 42.57 -42.47 22.70
C LEU K 140 41.34 -41.59 22.85
N VAL K 141 41.20 -40.59 21.98
CA VAL K 141 39.98 -39.79 21.96
C VAL K 141 38.81 -40.64 21.51
N GLN K 142 39.06 -41.65 20.68
CA GLN K 142 38.04 -42.64 20.37
C GLN K 142 37.63 -43.41 21.61
N LYS K 143 38.59 -43.73 22.48
CA LYS K 143 38.27 -44.39 23.73
C LYS K 143 37.66 -43.43 24.74
N LEU K 144 37.94 -42.13 24.60
CA LEU K 144 37.25 -41.13 25.40
C LEU K 144 35.75 -41.21 25.16
N ILE K 145 35.35 -41.38 23.91
CA ILE K 145 33.94 -41.44 23.53
C ILE K 145 33.75 -42.74 22.76
N GLN K 146 33.43 -43.81 23.48
CA GLN K 146 33.18 -45.10 22.83
C GLN K 146 31.88 -45.09 22.04
N THR K 147 30.95 -44.20 22.40
CA THR K 147 29.69 -44.10 21.66
C THR K 147 29.94 -43.68 20.22
N LYS K 148 30.78 -42.68 20.02
CA LYS K 148 31.02 -42.10 18.71
C LYS K 148 32.26 -42.72 18.08
N THR K 149 32.38 -42.54 16.77
CA THR K 149 33.43 -43.14 15.96
C THR K 149 34.44 -42.08 15.56
N VAL K 150 35.56 -42.53 14.99
CA VAL K 150 36.58 -41.60 14.54
C VAL K 150 36.06 -40.76 13.39
N ALA K 151 35.11 -41.28 12.60
CA ALA K 151 34.57 -40.53 11.48
C ALA K 151 33.84 -39.28 11.95
N GLN K 152 32.85 -39.46 12.83
CA GLN K 152 32.11 -38.33 13.35
C GLN K 152 33.03 -37.41 14.16
N CYS K 153 33.94 -38.01 14.93
CA CYS K 153 34.92 -37.22 15.68
C CYS K 153 35.75 -36.37 14.73
N VAL K 154 36.17 -36.96 13.60
CA VAL K 154 36.95 -36.22 12.63
C VAL K 154 36.07 -35.24 11.88
N GLU K 155 34.80 -35.59 11.64
CA GLU K 155 33.91 -34.69 10.93
C GLU K 155 33.69 -33.41 11.72
N PHE K 156 33.41 -33.53 13.02
CA PHE K 156 33.20 -32.36 13.86
C PHE K 156 34.47 -31.51 13.93
N TYR K 157 35.64 -32.14 13.81
CA TYR K 157 36.89 -31.39 13.84
C TYR K 157 37.01 -30.47 12.64
N TYR K 158 36.50 -30.90 11.49
CA TYR K 158 36.49 -30.04 10.31
C TYR K 158 35.49 -28.91 10.46
N THR K 159 34.25 -29.24 10.86
CA THR K 159 33.19 -28.25 10.95
C THR K 159 33.59 -27.13 11.89
N TYR K 160 34.31 -27.47 12.96
CA TYR K 160 34.89 -26.47 13.82
C TYR K 160 35.98 -25.70 13.10
N LYS K 161 36.86 -26.41 12.38
CA LYS K 161 37.96 -25.76 11.66
C LYS K 161 37.42 -24.75 10.66
N LYS K 162 36.23 -25.01 10.10
CA LYS K 162 35.62 -24.06 9.18
C LYS K 162 34.97 -22.90 9.93
N GLN K 163 34.39 -23.17 11.11
CA GLN K 163 33.79 -22.12 11.92
C GLN K 163 34.82 -21.19 12.55
N VAL K 164 36.10 -21.54 12.46
CA VAL K 164 37.16 -20.65 12.94
C VAL K 164 37.12 -19.33 12.18
N LYS K 165 37.10 -19.40 10.85
CA LYS K 165 37.09 -18.20 10.03
C LYS K 165 35.81 -17.41 10.21
N GLU L 6 -79.17 14.45 6.24
CA GLU L 6 -80.29 14.97 5.48
C GLU L 6 -80.77 14.28 4.16
N PRO L 7 -80.11 13.24 3.64
CA PRO L 7 -80.59 12.65 2.40
C PRO L 7 -81.71 11.65 2.67
N ARG L 8 -82.33 11.22 1.58
CA ARG L 8 -83.43 10.27 1.66
C ARG L 8 -82.92 8.85 1.39
N ILE L 9 -83.69 7.89 1.85
CA ILE L 9 -83.36 6.47 1.70
C ILE L 9 -84.47 5.83 0.86
N ASN L 10 -84.28 5.82 -0.46
CA ASN L 10 -85.28 5.30 -1.36
C ASN L 10 -85.25 3.77 -1.36
N VAL L 11 -86.43 3.17 -1.18
CA VAL L 11 -86.53 1.72 -1.05
C VAL L 11 -86.01 1.03 -2.31
N GLY L 12 -86.22 1.64 -3.48
CA GLY L 12 -85.72 1.05 -4.71
C GLY L 12 -84.21 1.10 -4.81
N SER L 13 -83.60 2.16 -4.32
CA SER L 13 -82.15 2.37 -4.40
C SER L 13 -81.48 2.10 -3.05
N ARG L 14 -82.02 1.17 -2.28
CA ARG L 14 -81.50 0.91 -0.95
C ARG L 14 -80.21 0.10 -0.96
N PHE L 15 -80.33 -1.16 -1.38
CA PHE L 15 -79.22 -2.12 -1.43
C PHE L 15 -79.78 -3.43 -1.95
N GLN L 16 -78.93 -4.43 -2.16
CA GLN L 16 -79.32 -5.65 -2.86
C GLN L 16 -79.20 -6.90 -1.99
N ALA L 17 -79.69 -6.83 -0.76
CA ALA L 17 -80.06 -8.02 0.01
C ALA L 17 -78.93 -9.03 0.15
N GLU L 18 -77.97 -8.77 1.07
CA GLU L 18 -76.69 -9.49 1.13
C GLU L 18 -76.79 -11.00 0.92
N ILE L 19 -77.95 -11.60 1.20
CA ILE L 19 -78.28 -12.95 0.76
C ILE L 19 -77.31 -14.01 1.30
N PRO L 20 -77.14 -14.10 2.62
CA PRO L 20 -76.14 -15.00 3.17
C PRO L 20 -76.70 -16.35 3.56
N LEU L 21 -75.78 -17.26 3.93
CA LEU L 21 -76.16 -18.47 4.63
C LEU L 21 -75.67 -18.44 6.08
N MET L 22 -74.76 -17.51 6.38
CA MET L 22 -74.15 -17.33 7.71
C MET L 22 -73.10 -18.39 8.04
N ARG L 23 -72.97 -19.44 7.22
CA ARG L 23 -71.85 -20.38 7.36
C ARG L 23 -70.99 -20.48 6.11
N ASP L 24 -71.60 -20.97 5.01
CA ASP L 24 -70.98 -21.12 3.68
C ASP L 24 -69.51 -21.55 3.76
N ARG L 25 -69.20 -22.46 4.68
CA ARG L 25 -67.82 -22.71 5.11
C ARG L 25 -67.03 -23.37 4.00
N ALA L 26 -66.00 -22.66 3.52
CA ALA L 26 -65.13 -23.12 2.42
C ALA L 26 -65.94 -23.69 1.26
N LEU L 27 -66.77 -22.85 0.66
CA LEU L 27 -67.81 -23.28 -0.28
C LEU L 27 -67.26 -23.22 -1.71
N ALA L 28 -66.12 -23.90 -1.91
CA ALA L 28 -65.52 -24.10 -3.23
C ALA L 28 -65.31 -22.79 -3.98
N ALA L 29 -65.07 -21.71 -3.24
CA ALA L 29 -64.91 -20.42 -3.87
C ALA L 29 -63.67 -20.41 -4.75
N ALA L 30 -63.72 -19.60 -5.79
CA ALA L 30 -62.56 -19.22 -6.59
C ALA L 30 -61.86 -18.09 -5.83
N ASP L 31 -61.14 -17.21 -6.54
CA ASP L 31 -59.98 -16.44 -6.10
C ASP L 31 -58.80 -17.38 -5.93
N PRO L 32 -58.65 -18.33 -6.87
CA PRO L 32 -57.46 -18.33 -7.72
C PRO L 32 -57.72 -17.55 -8.99
N HIS L 33 -59.00 -17.34 -9.33
CA HIS L 33 -59.37 -16.58 -10.52
C HIS L 33 -59.23 -15.08 -10.29
N LYS L 34 -59.82 -14.60 -9.19
CA LYS L 34 -59.87 -13.17 -8.91
C LYS L 34 -58.47 -12.59 -8.77
N ALA L 35 -57.51 -13.41 -8.34
CA ALA L 35 -56.17 -12.92 -8.09
C ALA L 35 -55.16 -14.02 -8.37
N ASP L 36 -53.93 -13.60 -8.70
CA ASP L 36 -52.84 -14.49 -9.06
C ASP L 36 -51.68 -14.26 -8.11
N LEU L 37 -51.13 -15.35 -7.55
CA LEU L 37 -50.07 -15.23 -6.56
C LEU L 37 -48.77 -14.78 -7.21
N VAL L 38 -48.17 -13.72 -6.65
CA VAL L 38 -46.93 -13.17 -7.19
C VAL L 38 -45.88 -12.86 -6.12
N TRP L 39 -45.95 -13.52 -4.95
CA TRP L 39 -44.80 -13.67 -4.08
C TRP L 39 -45.18 -14.53 -2.87
N GLN L 40 -44.23 -15.33 -2.39
CA GLN L 40 -44.37 -16.10 -1.15
C GLN L 40 -43.28 -15.72 -0.17
N PRO L 41 -43.56 -15.58 1.14
CA PRO L 41 -42.47 -15.38 2.09
C PRO L 41 -41.51 -16.55 2.07
N TRP L 42 -40.22 -16.23 2.11
CA TRP L 42 -39.16 -17.23 1.96
C TRP L 42 -37.97 -16.78 2.78
N GLU L 43 -37.89 -17.26 4.02
CA GLU L 43 -36.77 -17.00 4.92
C GLU L 43 -36.08 -18.28 5.35
N ASP L 44 -36.33 -19.39 4.67
CA ASP L 44 -35.81 -20.67 5.12
C ASP L 44 -34.32 -20.78 4.78
N LEU L 45 -33.99 -20.71 3.49
CA LEU L 45 -32.61 -20.62 3.04
C LEU L 45 -32.21 -19.22 2.62
N GLU L 46 -33.18 -18.32 2.39
CA GLU L 46 -32.87 -16.96 1.96
C GLU L 46 -32.60 -16.00 3.10
N SER L 47 -33.33 -16.11 4.21
CA SER L 47 -33.06 -15.30 5.39
C SER L 47 -32.93 -16.25 6.57
N SER L 48 -31.75 -16.85 6.68
CA SER L 48 -31.34 -17.65 7.82
C SER L 48 -30.12 -17.02 8.49
N ARG L 49 -30.07 -15.68 8.47
CA ARG L 49 -28.97 -14.91 9.05
C ARG L 49 -27.63 -15.24 8.37
N GLU L 50 -27.71 -15.71 7.12
CA GLU L 50 -26.53 -15.95 6.30
C GLU L 50 -26.69 -15.37 4.90
N LYS L 51 -27.93 -15.39 4.39
CA LYS L 51 -28.24 -14.98 3.03
C LYS L 51 -29.20 -13.79 2.98
N GLN L 52 -29.83 -13.44 4.10
CA GLN L 52 -30.69 -12.27 4.15
C GLN L 52 -30.01 -10.99 3.67
N ARG L 53 -28.69 -10.89 3.83
CA ARG L 53 -27.92 -9.76 3.33
C ARG L 53 -27.49 -9.94 1.89
N GLN L 54 -27.58 -11.16 1.35
CA GLN L 54 -27.16 -11.43 -0.01
C GLN L 54 -28.11 -10.80 -1.02
N VAL L 55 -29.41 -10.85 -0.74
CA VAL L 55 -30.39 -10.25 -1.65
C VAL L 55 -30.23 -8.74 -1.65
N GLU L 56 -30.00 -8.16 -0.48
CA GLU L 56 -29.67 -6.74 -0.37
C GLU L 56 -28.53 -6.38 -1.31
N ASP L 57 -27.52 -7.24 -1.40
CA ASP L 57 -26.43 -7.01 -2.33
C ASP L 57 -26.84 -7.34 -3.76
N LEU L 58 -27.71 -8.34 -3.93
CA LEU L 58 -28.19 -8.71 -5.25
C LEU L 58 -28.88 -7.55 -5.95
N LEU L 59 -29.54 -6.70 -5.17
CA LEU L 59 -30.50 -5.79 -5.76
C LEU L 59 -29.89 -4.43 -6.02
N THR L 60 -29.16 -3.91 -5.04
CA THR L 60 -28.29 -2.76 -5.30
C THR L 60 -27.29 -3.06 -6.41
N ALA L 61 -26.93 -4.33 -6.58
CA ALA L 61 -26.15 -4.75 -7.73
C ALA L 61 -26.75 -4.34 -9.06
N ALA L 62 -28.06 -4.37 -9.19
CA ALA L 62 -28.66 -4.35 -10.51
C ALA L 62 -28.74 -2.93 -11.07
N CYS L 63 -28.97 -1.92 -10.23
CA CYS L 63 -29.13 -0.54 -10.70
C CYS L 63 -27.77 0.01 -11.13
N SER L 64 -27.21 -0.60 -12.17
CA SER L 64 -25.86 -0.31 -12.63
C SER L 64 -25.75 -0.84 -14.05
N SER L 65 -24.53 -1.04 -14.56
CA SER L 65 -24.33 -1.51 -15.92
C SER L 65 -24.69 -2.99 -16.10
N ILE L 66 -25.95 -3.34 -15.83
CA ILE L 66 -26.55 -4.57 -16.33
C ILE L 66 -27.59 -4.20 -17.39
N PHE L 67 -28.06 -5.20 -18.14
CA PHE L 67 -28.96 -5.00 -19.28
C PHE L 67 -30.20 -4.17 -18.90
N PRO L 68 -30.77 -3.38 -19.81
CA PRO L 68 -32.03 -2.70 -19.52
C PRO L 68 -33.24 -3.43 -20.09
N GLY L 69 -34.42 -3.11 -19.54
CA GLY L 69 -35.69 -3.55 -20.08
C GLY L 69 -36.63 -2.40 -20.40
N ALA L 70 -36.62 -1.39 -19.54
CA ALA L 70 -37.23 -0.08 -19.78
C ALA L 70 -36.27 1.03 -19.41
N GLY L 71 -35.46 0.76 -18.39
CA GLY L 71 -34.36 1.57 -17.91
C GLY L 71 -34.67 2.10 -16.53
N THR L 72 -34.49 1.19 -15.57
CA THR L 72 -34.15 1.39 -14.17
C THR L 72 -33.69 0.02 -13.74
N ASN L 73 -32.39 -0.21 -13.64
CA ASN L 73 -31.94 -1.60 -13.71
C ASN L 73 -32.13 -2.34 -12.39
N GLN L 74 -32.53 -1.65 -11.32
CA GLN L 74 -32.97 -2.37 -10.13
C GLN L 74 -34.22 -3.18 -10.41
N GLU L 75 -35.28 -2.53 -10.91
CA GLU L 75 -36.61 -3.13 -11.00
C GLU L 75 -36.60 -4.47 -11.72
N LEU L 76 -35.72 -4.60 -12.71
CA LEU L 76 -35.60 -5.86 -13.44
C LEU L 76 -35.14 -6.99 -12.52
N ALA L 77 -34.29 -6.65 -11.54
CA ALA L 77 -33.74 -7.66 -10.65
C ALA L 77 -34.72 -8.00 -9.54
N LEU L 78 -35.43 -6.98 -9.06
CA LEU L 78 -36.58 -7.20 -8.21
C LEU L 78 -37.53 -8.19 -8.85
N HIS L 79 -37.87 -7.92 -10.10
CA HIS L 79 -38.80 -8.72 -10.87
C HIS L 79 -38.35 -10.17 -10.95
N CYS L 80 -37.04 -10.39 -10.99
CA CYS L 80 -36.52 -11.69 -11.42
C CYS L 80 -36.29 -12.62 -10.25
N LEU L 81 -35.93 -12.09 -9.08
CA LEU L 81 -35.88 -12.95 -7.90
C LEU L 81 -37.27 -13.48 -7.60
N HIS L 82 -38.28 -12.62 -7.73
CA HIS L 82 -39.66 -13.09 -7.70
C HIS L 82 -39.87 -14.17 -8.74
N GLU L 83 -39.31 -13.95 -9.94
CA GLU L 83 -39.53 -14.86 -11.06
C GLU L 83 -39.04 -16.28 -10.78
N SER L 84 -38.11 -16.43 -9.83
CA SER L 84 -37.40 -17.68 -9.64
C SER L 84 -37.89 -18.50 -8.44
N ARG L 85 -38.75 -17.94 -7.61
CA ARG L 85 -39.46 -18.56 -6.49
C ARG L 85 -38.60 -18.87 -5.28
N GLY L 86 -37.31 -19.15 -5.46
CA GLY L 86 -36.36 -19.01 -4.36
C GLY L 86 -34.89 -19.01 -4.76
N ASP L 87 -34.61 -19.11 -6.07
CA ASP L 87 -33.33 -19.64 -6.51
C ASP L 87 -32.41 -18.51 -6.97
N ILE L 88 -31.12 -18.86 -7.12
CA ILE L 88 -30.06 -17.91 -7.39
C ILE L 88 -29.65 -17.98 -8.85
N LEU L 89 -29.19 -19.16 -9.28
CA LEU L 89 -28.71 -19.29 -10.64
C LEU L 89 -29.88 -19.36 -11.62
N GLU L 90 -30.95 -20.04 -11.24
CA GLU L 90 -32.17 -20.02 -12.03
C GLU L 90 -32.68 -18.59 -12.16
N THR L 91 -32.50 -17.78 -11.11
CA THR L 91 -32.70 -16.35 -11.25
C THR L 91 -31.70 -15.77 -12.23
N LEU L 92 -30.41 -15.92 -11.93
CA LEU L 92 -29.36 -15.25 -12.70
C LEU L 92 -29.39 -15.67 -14.16
N ASN L 93 -29.78 -16.92 -14.43
CA ASN L 93 -29.85 -17.37 -15.80
C ASN L 93 -31.06 -16.74 -16.47
N LYS L 94 -32.27 -17.05 -15.99
CA LYS L 94 -33.48 -16.51 -16.63
C LYS L 94 -33.52 -14.98 -16.57
N LEU L 95 -32.74 -14.38 -15.66
CA LEU L 95 -32.47 -12.95 -15.75
C LEU L 95 -31.76 -12.60 -17.04
N LEU L 96 -30.62 -13.23 -17.28
CA LEU L 96 -29.72 -12.90 -18.39
C LEU L 96 -30.06 -13.65 -19.66
N LEU L 97 -30.49 -14.90 -19.51
CA LEU L 97 -30.92 -15.76 -20.59
C LEU L 97 -32.01 -15.07 -21.41
N LYS L 98 -32.33 -15.68 -22.54
CA LYS L 98 -32.65 -15.04 -23.84
C LYS L 98 -33.23 -13.64 -23.66
N LYS L 99 -34.33 -13.47 -22.93
CA LYS L 99 -34.99 -12.18 -22.76
C LYS L 99 -35.82 -12.24 -21.47
N PRO L 100 -36.09 -11.09 -20.84
CA PRO L 100 -36.93 -11.15 -19.63
C PRO L 100 -38.41 -11.36 -19.91
N LEU L 101 -38.84 -11.12 -21.15
CA LEU L 101 -40.28 -11.24 -21.47
C LEU L 101 -40.69 -12.70 -21.62
N ARG L 102 -39.83 -13.51 -22.22
CA ARG L 102 -40.18 -14.89 -22.54
C ARG L 102 -40.47 -15.76 -21.33
N PRO L 103 -39.61 -15.85 -20.31
CA PRO L 103 -39.85 -16.85 -19.25
C PRO L 103 -41.16 -16.66 -18.51
N HIS L 104 -41.65 -15.42 -18.41
CA HIS L 104 -42.88 -15.12 -17.68
C HIS L 104 -43.78 -14.26 -18.56
N ASN L 105 -44.85 -14.87 -19.06
CA ASN L 105 -45.91 -14.19 -19.79
C ASN L 105 -47.29 -14.44 -19.22
N HIS L 106 -47.49 -15.52 -18.45
CA HIS L 106 -48.82 -15.82 -17.92
C HIS L 106 -49.32 -14.80 -16.88
N PRO L 107 -48.47 -14.13 -16.09
CA PRO L 107 -49.06 -13.11 -15.20
C PRO L 107 -49.63 -11.91 -15.93
N LEU L 108 -48.82 -11.31 -16.82
CA LEU L 108 -49.13 -10.10 -17.59
C LEU L 108 -49.10 -8.82 -16.75
N ALA L 109 -49.01 -8.96 -15.43
CA ALA L 109 -48.65 -7.82 -14.59
C ALA L 109 -47.26 -7.31 -14.93
N THR L 110 -46.39 -8.24 -15.32
CA THR L 110 -45.00 -7.93 -15.64
C THR L 110 -44.94 -6.87 -16.72
N TYR L 111 -45.70 -7.10 -17.79
CA TYR L 111 -45.71 -6.18 -18.93
C TYR L 111 -46.47 -4.90 -18.56
N HIS L 112 -47.44 -5.03 -17.66
CA HIS L 112 -48.16 -3.85 -17.17
C HIS L 112 -47.21 -2.94 -16.38
N TYR L 113 -46.44 -3.54 -15.48
CA TYR L 113 -45.57 -2.75 -14.60
C TYR L 113 -44.49 -2.04 -15.41
N THR L 114 -43.83 -2.77 -16.30
CA THR L 114 -42.82 -2.19 -17.14
C THR L 114 -43.40 -1.08 -18.02
N GLY L 115 -44.63 -1.28 -18.49
CA GLY L 115 -45.33 -0.26 -19.24
C GLY L 115 -46.11 0.67 -18.32
N TRP L 119 -38.95 6.63 -26.11
CA TRP L 119 -39.12 8.04 -26.40
C TRP L 119 -37.90 8.61 -27.12
N LYS L 120 -38.13 9.09 -28.33
CA LYS L 120 -37.06 9.63 -29.17
C LYS L 120 -36.96 11.14 -29.00
N MET L 121 -35.78 11.67 -29.32
CA MET L 121 -35.57 13.11 -29.24
C MET L 121 -36.50 13.85 -30.19
N ALA L 122 -36.80 13.24 -31.34
CA ALA L 122 -37.72 13.86 -32.30
C ALA L 122 -39.09 14.09 -31.66
N GLU L 123 -39.71 13.02 -31.16
CA GLU L 123 -41.00 13.15 -30.49
C GLU L 123 -40.88 14.00 -29.24
N ARG L 124 -39.71 14.00 -28.60
CA ARG L 124 -39.51 14.82 -27.40
C ARG L 124 -39.68 16.30 -27.72
N LYS L 125 -39.06 16.75 -28.81
CA LYS L 125 -39.18 18.15 -29.21
C LYS L 125 -40.63 18.49 -29.53
N LEU L 126 -41.30 17.63 -30.31
CA LEU L 126 -42.68 17.89 -30.67
C LEU L 126 -43.58 17.84 -29.45
N PHE L 127 -43.27 16.95 -28.51
CA PHE L 127 -44.01 16.89 -27.26
C PHE L 127 -43.88 18.22 -26.50
N ASN L 128 -42.65 18.71 -26.36
CA ASN L 128 -42.42 19.95 -25.61
C ASN L 128 -43.19 21.10 -26.21
N LYS L 129 -43.18 21.21 -27.54
CA LYS L 129 -43.97 22.23 -28.21
C LYS L 129 -45.45 21.86 -28.20
N GLY L 130 -45.78 20.58 -28.36
CA GLY L 130 -47.17 20.15 -28.32
C GLY L 130 -47.82 20.41 -26.98
N ILE L 131 -47.04 20.36 -25.90
CA ILE L 131 -47.53 20.72 -24.58
C ILE L 131 -47.42 22.21 -24.30
N ALA L 132 -46.44 22.89 -24.88
CA ALA L 132 -46.31 24.33 -24.70
C ALA L 132 -47.33 25.14 -25.48
N ILE L 133 -48.21 24.48 -26.26
CA ILE L 133 -49.29 25.12 -26.98
C ILE L 133 -50.63 24.88 -26.30
N TYR L 134 -51.03 23.62 -26.19
CA TYR L 134 -52.25 23.29 -25.46
C TYR L 134 -52.07 23.46 -23.96
N LYS L 135 -51.14 22.69 -23.40
CA LYS L 135 -50.81 22.52 -21.98
C LYS L 135 -51.84 21.69 -21.22
N LYS L 136 -53.03 21.44 -21.77
CA LYS L 136 -53.93 20.48 -21.14
C LYS L 136 -54.87 19.77 -22.12
N ASP L 137 -54.40 19.33 -23.29
CA ASP L 137 -55.28 18.63 -24.21
C ASP L 137 -55.32 17.13 -23.93
N PHE L 138 -54.19 16.44 -24.09
CA PHE L 138 -54.09 14.99 -23.87
C PHE L 138 -55.04 14.19 -24.78
N PHE L 139 -55.54 14.82 -25.83
CA PHE L 139 -56.32 14.14 -26.86
C PHE L 139 -55.80 14.51 -28.25
N LEU L 140 -55.42 15.78 -28.42
CA LEU L 140 -54.79 16.22 -29.65
C LEU L 140 -53.31 15.91 -29.67
N VAL L 141 -52.66 16.00 -28.51
CA VAL L 141 -51.27 15.56 -28.40
C VAL L 141 -51.18 14.07 -28.59
N GLN L 142 -52.22 13.32 -28.21
CA GLN L 142 -52.30 11.92 -28.55
C GLN L 142 -52.35 11.72 -30.07
N LYS L 143 -53.07 12.58 -30.77
CA LYS L 143 -53.09 12.52 -32.22
C LYS L 143 -51.80 13.04 -32.84
N LEU L 144 -51.09 13.91 -32.11
CA LEU L 144 -49.75 14.31 -32.55
C LEU L 144 -48.84 13.10 -32.67
N ILE L 145 -48.93 12.19 -31.70
CA ILE L 145 -48.10 10.99 -31.68
C ILE L 145 -49.05 9.79 -31.57
N GLN L 146 -49.47 9.27 -32.71
CA GLN L 146 -50.35 8.11 -32.73
C GLN L 146 -49.61 6.85 -32.28
N THR L 147 -48.29 6.83 -32.41
CA THR L 147 -47.51 5.67 -31.96
C THR L 147 -47.64 5.48 -30.46
N LYS L 148 -47.53 6.56 -29.70
CA LYS L 148 -47.52 6.52 -28.25
C LYS L 148 -48.91 6.78 -27.71
N THR L 149 -49.10 6.40 -26.45
CA THR L 149 -50.39 6.48 -25.77
C THR L 149 -50.37 7.63 -24.77
N VAL L 150 -51.55 7.94 -24.23
CA VAL L 150 -51.66 8.99 -23.24
C VAL L 150 -50.91 8.61 -21.96
N ALA L 151 -50.80 7.32 -21.68
CA ALA L 151 -50.11 6.87 -20.47
C ALA L 151 -48.64 7.24 -20.52
N GLN L 152 -47.94 6.80 -21.57
CA GLN L 152 -46.53 7.14 -21.71
C GLN L 152 -46.33 8.63 -21.87
N CYS L 153 -47.24 9.27 -22.61
CA CYS L 153 -47.19 10.73 -22.76
C CYS L 153 -47.32 11.41 -21.39
N VAL L 154 -48.22 10.90 -20.57
CA VAL L 154 -48.40 11.46 -19.23
C VAL L 154 -47.24 11.07 -18.33
N GLU L 155 -46.69 9.86 -18.52
CA GLU L 155 -45.57 9.42 -17.70
C GLU L 155 -44.37 10.32 -17.91
N PHE L 156 -44.03 10.59 -19.16
CA PHE L 156 -42.89 11.46 -19.46
C PHE L 156 -43.12 12.87 -18.93
N TYR L 157 -44.38 13.30 -18.85
CA TYR L 157 -44.68 14.63 -18.32
C TYR L 157 -44.31 14.72 -16.84
N TYR L 158 -44.49 13.63 -16.09
CA TYR L 158 -44.09 13.61 -14.70
C TYR L 158 -42.57 13.58 -14.56
N THR L 159 -41.92 12.69 -15.30
CA THR L 159 -40.47 12.52 -15.17
C THR L 159 -39.76 13.83 -15.46
N TYR L 160 -40.29 14.60 -16.41
CA TYR L 160 -39.80 15.94 -16.64
C TYR L 160 -40.11 16.86 -15.47
N LYS L 161 -41.35 16.78 -14.96
CA LYS L 161 -41.75 17.62 -13.82
C LYS L 161 -40.85 17.38 -12.62
N LYS L 162 -40.35 16.16 -12.47
CA LYS L 162 -39.42 15.86 -11.38
C LYS L 162 -38.01 16.35 -11.70
N GLN L 163 -37.60 16.29 -12.96
CA GLN L 163 -36.30 16.79 -13.37
C GLN L 163 -36.21 18.30 -13.33
N VAL L 164 -37.34 18.99 -13.15
CA VAL L 164 -37.31 20.44 -13.00
C VAL L 164 -36.49 20.84 -11.78
N LYS L 165 -36.77 20.22 -10.63
CA LYS L 165 -36.06 20.53 -9.40
C LYS L 165 -34.59 20.14 -9.49
ZN ZN M . -25.16 39.98 -42.86
K K N . -20.16 41.91 -48.23
K K O . -15.62 54.95 -52.40
C1 IHP P . 39.01 -21.01 32.50
C2 IHP P . 38.93 -22.43 31.96
C3 IHP P . 37.49 -22.91 31.94
C4 IHP P . 36.61 -22.00 31.08
C5 IHP P . 36.74 -20.53 31.50
C6 IHP P . 38.20 -20.07 31.60
O11 IHP P . 40.39 -20.65 32.61
P1 IHP P . 41.01 -20.38 34.08
O21 IHP P . 40.61 -21.56 34.93
O31 IHP P . 40.33 -19.10 34.49
O41 IHP P . 42.50 -20.29 33.78
O12 IHP P . 39.70 -23.29 32.80
P2 IHP P . 40.94 -24.09 32.16
O22 IHP P . 41.26 -25.19 33.15
O32 IHP P . 40.33 -24.54 30.84
O42 IHP P . 42.03 -23.05 32.00
O13 IHP P . 36.98 -23.05 33.29
P3 IHP P . 36.50 -24.50 33.87
O23 IHP P . 37.69 -25.38 33.54
O33 IHP P . 36.24 -24.32 35.38
O43 IHP P . 35.29 -24.83 33.02
O14 IHP P . 35.24 -22.45 31.15
P4 IHP P . 34.37 -22.83 29.84
O24 IHP P . 34.17 -21.48 29.20
O34 IHP P . 35.28 -23.76 29.10
O44 IHP P . 33.09 -23.49 30.30
O15 IHP P . 36.03 -19.72 30.58
P5 IHP P . 34.85 -18.74 31.09
O25 IHP P . 35.58 -17.71 31.96
O35 IHP P . 34.24 -18.25 29.80
O45 IHP P . 33.93 -19.60 31.92
O16 IHP P . 38.23 -18.75 32.15
P6 IHP P . 38.73 -17.47 31.29
O26 IHP P . 38.62 -16.32 32.27
O36 IHP P . 40.16 -17.84 30.89
O46 IHP P . 37.76 -17.39 30.13
H1 IHP P . 38.61 -21.00 33.39
H2 IHP P . 39.28 -22.45 31.07
H3 IHP P . 37.48 -23.79 31.53
H4 IHP P . 36.91 -22.07 30.16
H5 IHP P . 36.34 -20.44 32.38
H6 IHP P . 38.59 -20.07 30.71
ZN ZN Q . 37.23 -13.46 49.92
K K R . 34.23 -11.07 56.45
K K S . 39.73 -2.29 66.50
ZN ZN T . 50.59 -37.55 -9.23
K K U . 51.85 -38.86 -16.58
K K V . 52.90 -51.34 -23.74
ZN ZN W . -62.78 11.04 2.29
K K X . -66.02 8.03 8.45
K K Y . -76.98 -1.28 9.54
C1 IHP Z . 46.99 -27.65 7.56
C2 IHP Z . 47.82 -26.38 7.64
C3 IHP Z . 47.45 -25.43 6.51
C4 IHP Z . 45.96 -25.07 6.55
C5 IHP Z . 45.09 -26.32 6.59
C6 IHP Z . 45.51 -27.31 7.69
O11 IHP Z . 47.46 -28.54 8.57
P1 IHP Z . 48.17 -29.93 8.12
O21 IHP Z . 49.20 -29.57 7.08
O31 IHP Z . 47.01 -30.72 7.54
O41 IHP Z . 48.72 -30.45 9.44
O12 IHP Z . 49.20 -26.72 7.54
P2 IHP Z . 50.18 -26.32 8.76
O22 IHP Z . 51.58 -26.42 8.18
O32 IHP Z . 49.69 -24.93 9.08
O42 IHP Z . 49.88 -27.36 9.82
O13 IHP Z . 47.84 -25.99 5.23
P3 IHP Z . 48.93 -25.26 4.27
O23 IHP Z . 50.07 -25.02 5.23
O33 IHP Z . 49.27 -26.22 3.13
O43 IHP Z . 48.22 -23.97 3.87
O14 IHP Z . 45.64 -24.24 5.41
P4 IHP Z . 44.96 -22.78 5.55
O24 IHP Z . 43.57 -23.12 6.03
O34 IHP Z . 45.83 -22.11 6.58
O44 IHP Z . 45.00 -22.11 4.21
O15 IHP Z . 43.73 -25.93 6.79
P5 IHP Z . 42.59 -26.37 5.73
O25 IHP Z . 42.52 -27.88 5.87
O35 IHP Z . 41.38 -25.57 6.18
O45 IHP Z . 43.12 -25.95 4.37
O16 IHP Z . 44.72 -28.50 7.56
P6 IHP Z . 43.67 -28.97 8.69
O26 IHP Z . 43.12 -30.27 8.14
O36 IHP Z . 44.51 -29.09 9.95
O46 IHP Z . 42.65 -27.86 8.73
H1 IHP Z . 47.14 -28.06 6.69
H2 IHP Z . 47.65 -25.93 8.48
H3 IHP Z . 47.95 -24.61 6.63
H4 IHP Z . 45.81 -24.56 7.36
H5 IHP Z . 45.16 -26.77 5.74
H6 IHP Z . 45.34 -26.91 8.56
C1 IHP AA . -50.78 20.33 -9.18
C2 IHP AA . -50.32 21.65 -9.75
C3 IHP AA . -49.26 22.28 -8.86
C4 IHP AA . -48.05 21.36 -8.70
C5 IHP AA . -48.48 19.96 -8.24
C6 IHP AA . -49.59 19.36 -9.09
O11 IHP AA . -51.85 19.84 -9.98
P1 IHP AA . -53.33 19.71 -9.34
O21 IHP AA . -53.61 21.04 -8.66
O31 IHP AA . -53.17 18.58 -8.35
O41 IHP AA . -54.19 19.42 -10.55
O12 IHP AA . -51.44 22.53 -9.84
P2 IHP AA . -51.86 23.10 -11.30
O22 IHP AA . -52.75 24.29 -11.01
O32 IHP AA . -50.50 23.43 -11.88
O42 IHP AA . -52.56 21.93 -11.97
O13 IHP AA . -49.84 22.66 -7.59
P3 IHP AA . -49.87 24.22 -7.10
O23 IHP AA . -50.48 24.91 -8.30
O33 IHP AA . -50.74 24.29 -5.84
O43 IHP AA . -48.40 24.55 -6.92
O14 IHP AA . -47.11 21.96 -7.78
P4 IHP AA . -45.56 22.24 -8.17
O24 IHP AA . -45.00 20.85 -8.25
O34 IHP AA . -45.68 22.96 -9.49
O44 IHP AA . -44.95 23.09 -7.09
O15 IHP AA . -47.33 19.11 -8.25
P5 IHP AA . -46.87 18.35 -6.90
O25 IHP AA . -48.01 17.38 -6.62
O35 IHP AA . -45.53 17.74 -7.30
O45 IHP AA . -46.76 19.41 -5.84
O16 IHP AA . -50.02 18.13 -8.50
P6 IHP AA . -49.82 16.71 -9.22
O26 IHP AA . -50.43 15.72 -8.25
O36 IHP AA . -50.55 16.85 -10.55
O46 IHP AA . -48.31 16.56 -9.35
H1 IHP AA . -51.11 20.48 -8.28
H2 IHP AA . -49.94 21.51 -10.63
H3 IHP AA . -48.95 23.09 -9.30
H4 IHP AA . -47.63 21.26 -9.57
H5 IHP AA . -48.80 20.03 -7.32
H6 IHP AA . -49.26 19.19 -9.98
C1 IHP BA . -36.10 29.43 -30.21
C2 IHP BA . -36.87 28.17 -30.59
C3 IHP BA . -35.96 27.17 -31.26
C4 IHP BA . -34.78 26.78 -30.34
C5 IHP BA . -34.04 28.03 -29.85
C6 IHP BA . -34.97 29.07 -29.23
O11 IHP BA . -37.02 30.38 -29.70
P1 IHP BA . -37.28 31.76 -30.51
O21 IHP BA . -37.54 31.35 -31.94
O31 IHP BA . -35.97 32.48 -30.34
O41 IHP BA . -38.47 32.35 -29.78
O12 IHP BA . -37.92 28.53 -31.48
P2 IHP BA . -39.45 28.22 -31.03
O22 IHP BA . -40.25 28.30 -32.32
O32 IHP BA . -39.30 26.83 -30.43
O42 IHP BA . -39.77 29.30 -30.03
O13 IHP BA . -35.51 27.66 -32.53
P3 IHP BA . -35.89 26.89 -33.92
O23 IHP BA . -37.39 26.71 -33.79
O33 IHP BA . -35.46 27.80 -35.09
O43 IHP BA . -35.13 25.57 -33.80
O14 IHP BA . -33.91 25.88 -31.06
P4 IHP BA . -33.50 24.43 -30.50
O24 IHP BA . -32.62 24.77 -29.32
O34 IHP BA . -34.83 23.83 -30.14
O44 IHP BA . -32.78 23.69 -31.60
O15 IHP BA . -33.06 27.62 -28.90
P5 IHP BA . -31.50 27.98 -29.12
O25 IHP BA . -31.46 29.50 -29.02
O35 IHP BA . -30.82 27.20 -28.02
O45 IHP BA . -31.16 27.49 -30.52
O16 IHP BA . -34.21 30.25 -28.93
P6 IHP BA . -33.98 30.77 -27.42
O26 IHP BA . -33.16 32.02 -27.60
O36 IHP BA . -35.39 30.97 -26.87
O46 IHP BA . -33.21 29.63 -26.76
H1 IHP BA . -35.70 29.78 -31.03
H2 IHP BA . -37.24 27.78 -29.79
H3 IHP BA . -36.48 26.36 -31.41
H4 IHP BA . -35.13 26.32 -29.58
H5 IHP BA . -33.59 28.43 -30.61
H6 IHP BA . -35.35 28.72 -28.42
#